data_6FG0
#
_entry.id   6FG0
#
_cell.length_a   65.706
_cell.length_b   105.463
_cell.length_c   108.977
_cell.angle_alpha   90.00
_cell.angle_beta   91.40
_cell.angle_gamma   90.00
#
_symmetry.space_group_name_H-M   'P 1 21 1'
#
loop_
_entity.id
_entity.type
_entity.pdbx_description
1 polymer 'Alcohol dehydrogenase'
2 non-polymer 'ZINC ION'
3 non-polymer NICOTINAMIDE-ADENINE-DINUCLEOTIDE
4 water water
#
_entity_poly.entity_id   1
_entity_poly.type   'polypeptide(L)'
_entity_poly.pdbx_seq_one_letter_code
;MKAVQYTEIGSEPVVVDIPTPTPGPGEILLKVTAAGLCHSDITVMDMPAAQYAGGLPLTLGHEGVGTVAELGEGVTGFGV
GDAVAVYGPWGCGACHACARGRENYCTRAADLGITPPGYGSPGSMAEYMIVDSARHLVPIGDLDPVAAAPLTDAGLTPYH
AISRVLPLLGPGSTAVVIGVGGLGHVGIQILRAVSAARVIAVDLDDDRLALAREVGADAAVKSGAGAADAIRELTGGQGA
TAVFDFVGAQSTIDTAQQVVAVDGHISVVGIHAGAHAKVGFWMIPFGASVVTPYWGTRSELMEVVALARAGRLDIHTETF
TLDEGPAAYRRLREGSIRGRGVVVPTSHHHHH
;
_entity_poly.pdbx_strand_id   A,B,C,D
#
loop_
_chem_comp.id
_chem_comp.type
_chem_comp.name
_chem_comp.formula
NAD non-polymer NICOTINAMIDE-ADENINE-DINUCLEOTIDE 'C21 H27 N7 O14 P2'
ZN non-polymer 'ZINC ION' 'Zn 2'
#
# COMPACT_ATOMS: atom_id res chain seq x y z
N MET A 1 30.18 -20.24 32.90
CA MET A 1 28.70 -20.38 32.84
C MET A 1 28.32 -21.64 32.06
N LYS A 2 27.11 -22.11 32.28
CA LYS A 2 26.57 -23.25 31.55
C LYS A 2 25.97 -22.80 30.22
N ALA A 3 26.19 -23.61 29.19
CA ALA A 3 25.63 -23.36 27.87
C ALA A 3 25.39 -24.67 27.14
N VAL A 4 24.52 -24.62 26.15
CA VAL A 4 24.27 -25.77 25.26
C VAL A 4 24.88 -25.44 23.90
N GLN A 5 25.83 -26.26 23.47
CA GLN A 5 26.57 -26.01 22.24
C GLN A 5 26.53 -27.18 21.26
N TYR A 6 26.50 -26.83 19.98
CA TYR A 6 26.84 -27.76 18.91
C TYR A 6 28.35 -27.71 18.74
N THR A 7 29.02 -28.84 18.96
CA THR A 7 30.50 -28.88 19.03
C THR A 7 31.22 -29.76 17.98
N GLU A 8 30.52 -30.70 17.35
CA GLU A 8 31.12 -31.46 16.24
C GLU A 8 30.06 -31.95 15.26
N ILE A 9 30.40 -31.91 13.99
CA ILE A 9 29.47 -32.20 12.90
C ILE A 9 28.86 -33.59 13.06
N GLY A 10 27.54 -33.66 12.99
CA GLY A 10 26.79 -34.92 13.12
C GLY A 10 26.51 -35.43 14.54
N SER A 11 27.00 -34.73 15.56
CA SER A 11 26.77 -35.12 16.95
C SER A 11 25.62 -34.32 17.54
N GLU A 12 25.09 -34.83 18.64
CA GLU A 12 24.08 -34.10 19.41
C GLU A 12 24.75 -32.91 20.12
N PRO A 13 23.97 -31.85 20.39
CA PRO A 13 24.54 -30.76 21.20
C PRO A 13 24.83 -31.23 22.62
N VAL A 14 25.78 -30.55 23.27
CA VAL A 14 26.24 -30.93 24.60
C VAL A 14 26.17 -29.75 25.55
N VAL A 15 26.01 -30.06 26.83
CA VAL A 15 26.07 -29.07 27.91
C VAL A 15 27.55 -28.83 28.23
N VAL A 16 27.97 -27.57 28.27
CA VAL A 16 29.37 -27.20 28.49
C VAL A 16 29.48 -26.12 29.57
N ASP A 17 30.70 -25.90 30.02
CA ASP A 17 31.05 -24.78 30.91
C ASP A 17 32.04 -23.91 30.14
N ILE A 18 31.64 -22.68 29.84
CA ILE A 18 32.45 -21.72 29.10
C ILE A 18 32.45 -20.38 29.85
N PRO A 19 33.43 -19.49 29.58
CA PRO A 19 33.46 -18.24 30.34
C PRO A 19 32.24 -17.34 30.15
N THR A 20 31.78 -16.72 31.23
CA THR A 20 30.77 -15.67 31.12
C THR A 20 31.39 -14.51 30.36
N PRO A 21 30.74 -14.08 29.24
CA PRO A 21 31.33 -13.01 28.44
C PRO A 21 31.18 -11.63 29.08
N THR A 22 32.01 -10.69 28.64
N THR A 22 32.00 -10.69 28.64
CA THR A 22 31.95 -9.29 29.07
CA THR A 22 31.96 -9.30 29.07
C THR A 22 31.62 -8.48 27.81
C THR A 22 31.62 -8.48 27.81
N PRO A 23 30.71 -7.51 27.92
CA PRO A 23 30.38 -6.71 26.74
C PRO A 23 31.49 -5.71 26.38
N GLY A 24 31.87 -5.67 25.10
CA GLY A 24 32.72 -4.62 24.56
C GLY A 24 31.90 -3.39 24.24
N PRO A 25 32.54 -2.34 23.68
CA PRO A 25 31.83 -1.10 23.32
C PRO A 25 30.61 -1.35 22.42
N GLY A 26 29.48 -0.72 22.79
CA GLY A 26 28.23 -0.88 22.08
C GLY A 26 27.44 -2.15 22.40
N GLU A 27 28.06 -3.14 23.06
CA GLU A 27 27.39 -4.42 23.33
C GLU A 27 26.60 -4.39 24.65
N ILE A 28 25.69 -5.34 24.80
CA ILE A 28 24.94 -5.54 26.02
C ILE A 28 25.01 -7.00 26.45
N LEU A 29 25.26 -7.22 27.75
CA LEU A 29 25.24 -8.55 28.33
C LEU A 29 23.88 -8.75 28.95
N LEU A 30 23.18 -9.80 28.51
CA LEU A 30 21.92 -10.20 29.10
C LEU A 30 22.09 -11.41 30.01
N LYS A 31 21.37 -11.40 31.13
CA LYS A 31 21.12 -12.62 31.86
C LYS A 31 19.90 -13.25 31.18
N VAL A 32 20.09 -14.41 30.59
CA VAL A 32 19.03 -15.04 29.82
C VAL A 32 17.93 -15.58 30.76
N THR A 33 16.68 -15.26 30.44
CA THR A 33 15.53 -15.73 31.20
C THR A 33 14.77 -16.84 30.46
N ALA A 34 14.89 -16.89 29.13
CA ALA A 34 14.28 -17.96 28.35
C ALA A 34 14.89 -18.04 26.96
N ALA A 35 15.08 -19.28 26.48
CA ALA A 35 15.74 -19.55 25.19
C ALA A 35 14.92 -20.58 24.44
N GLY A 36 14.36 -20.20 23.30
CA GLY A 36 13.51 -21.08 22.48
C GLY A 36 14.32 -22.03 21.60
N LEU A 37 13.79 -23.26 21.44
CA LEU A 37 14.29 -24.23 20.49
C LEU A 37 13.46 -24.08 19.22
N CYS A 38 14.12 -24.15 18.07
CA CYS A 38 13.45 -24.04 16.77
C CYS A 38 13.82 -25.23 15.90
N HIS A 39 12.90 -25.67 15.04
CA HIS A 39 13.22 -26.76 14.12
C HIS A 39 14.39 -26.42 13.19
N SER A 40 14.60 -25.14 12.89
CA SER A 40 15.79 -24.71 12.12
C SER A 40 17.10 -25.20 12.76
N ASP A 41 17.12 -25.28 14.08
CA ASP A 41 18.29 -25.82 14.79
C ASP A 41 18.60 -27.27 14.40
N ILE A 42 17.56 -28.07 14.25
CA ILE A 42 17.70 -29.45 13.78
C ILE A 42 18.27 -29.47 12.36
N THR A 43 17.68 -28.67 11.48
CA THR A 43 18.14 -28.58 10.08
C THR A 43 19.62 -28.20 10.00
N VAL A 44 20.01 -27.19 10.76
CA VAL A 44 21.41 -26.73 10.88
C VAL A 44 22.33 -27.84 11.39
N MET A 45 21.90 -28.55 12.44
CA MET A 45 22.73 -29.61 13.00
C MET A 45 22.81 -30.87 12.11
N ASP A 46 21.88 -31.00 11.19
CA ASP A 46 21.90 -32.11 10.21
C ASP A 46 22.68 -31.82 8.92
N MET A 47 23.11 -30.57 8.73
CA MET A 47 23.91 -30.22 7.55
C MET A 47 25.26 -30.93 7.58
N PRO A 48 25.76 -31.35 6.39
CA PRO A 48 27.14 -31.85 6.34
C PRO A 48 28.15 -30.70 6.55
N ALA A 49 29.39 -31.06 6.89
CA ALA A 49 30.46 -30.09 7.18
C ALA A 49 30.57 -28.95 6.15
N ALA A 50 30.48 -29.30 4.87
CA ALA A 50 30.65 -28.34 3.76
C ALA A 50 29.59 -27.24 3.73
N GLN A 51 28.36 -27.57 4.09
CA GLN A 51 27.25 -26.62 4.09
C GLN A 51 27.09 -25.87 5.43
N TYR A 52 27.39 -26.54 6.55
CA TYR A 52 27.18 -25.96 7.89
C TYR A 52 27.97 -24.66 8.07
N ALA A 53 27.25 -23.56 8.33
CA ALA A 53 27.82 -22.20 8.38
C ALA A 53 27.84 -21.57 9.79
N GLY A 54 27.52 -22.36 10.81
CA GLY A 54 27.37 -21.84 12.18
C GLY A 54 28.67 -21.65 12.96
N GLY A 55 29.75 -22.29 12.53
CA GLY A 55 31.01 -22.31 13.25
C GLY A 55 30.93 -23.30 14.40
N LEU A 56 32.08 -23.80 14.83
CA LEU A 56 32.17 -24.73 15.96
C LEU A 56 33.22 -24.22 16.96
N PRO A 57 32.93 -24.19 18.26
CA PRO A 57 31.62 -24.52 18.85
C PRO A 57 30.60 -23.41 18.57
N LEU A 58 29.32 -23.73 18.72
CA LEU A 58 28.25 -22.76 18.59
C LEU A 58 27.27 -22.91 19.74
N THR A 59 27.08 -21.86 20.53
CA THR A 59 26.01 -21.82 21.51
C THR A 59 24.71 -21.65 20.78
N LEU A 60 23.82 -22.63 20.92
CA LEU A 60 22.56 -22.60 20.19
C LEU A 60 21.62 -21.57 20.77
N GLY A 61 20.58 -21.24 20.00
CA GLY A 61 19.45 -20.46 20.49
C GLY A 61 19.31 -19.13 19.81
N HIS A 62 18.41 -19.04 18.85
CA HIS A 62 18.14 -17.77 18.19
C HIS A 62 16.82 -17.14 18.62
N GLU A 63 16.19 -17.73 19.64
CA GLU A 63 15.01 -17.18 20.32
C GLU A 63 15.41 -16.85 21.75
N GLY A 64 15.66 -15.57 22.03
CA GLY A 64 16.21 -15.17 23.33
C GLY A 64 15.47 -14.01 23.96
N VAL A 65 15.19 -14.14 25.25
CA VAL A 65 14.78 -13.02 26.10
C VAL A 65 15.64 -13.05 27.36
N GLY A 66 15.80 -11.89 27.97
CA GLY A 66 16.58 -11.78 29.15
C GLY A 66 16.42 -10.47 29.87
N THR A 67 17.27 -10.25 30.85
CA THR A 67 17.34 -8.99 31.56
C THR A 67 18.73 -8.43 31.35
N VAL A 68 18.80 -7.11 31.18
CA VAL A 68 20.07 -6.43 30.97
C VAL A 68 20.92 -6.61 32.23
N ALA A 69 22.07 -7.25 32.08
CA ALA A 69 22.99 -7.48 33.20
C ALA A 69 24.12 -6.45 33.25
N GLU A 70 24.73 -6.16 32.10
CA GLU A 70 25.78 -5.16 31.99
C GLU A 70 25.73 -4.44 30.66
N LEU A 71 25.97 -3.13 30.72
CA LEU A 71 26.05 -2.28 29.54
C LEU A 71 27.49 -2.14 29.13
N GLY A 72 27.80 -2.40 27.86
CA GLY A 72 29.11 -2.07 27.31
C GLY A 72 29.32 -0.56 27.20
N GLU A 73 30.58 -0.17 27.05
CA GLU A 73 30.96 1.23 26.87
C GLU A 73 30.10 1.95 25.84
N GLY A 74 29.53 3.10 26.25
CA GLY A 74 28.77 3.95 25.36
C GLY A 74 27.33 3.57 25.10
N VAL A 75 26.85 2.47 25.72
CA VAL A 75 25.47 2.04 25.48
C VAL A 75 24.49 2.91 26.24
N THR A 76 23.53 3.47 25.51
CA THR A 76 22.43 4.23 26.09
C THR A 76 21.05 3.65 25.66
N GLY A 77 20.05 4.07 26.42
CA GLY A 77 18.67 3.69 26.15
C GLY A 77 18.20 2.42 26.84
N PHE A 78 19.07 1.74 27.60
CA PHE A 78 18.64 0.64 28.48
C PHE A 78 19.29 0.76 29.84
N GLY A 79 18.58 0.30 30.87
CA GLY A 79 19.09 0.22 32.23
C GLY A 79 19.28 -1.23 32.64
N VAL A 80 20.16 -1.42 33.60
CA VAL A 80 20.38 -2.74 34.20
C VAL A 80 19.05 -3.23 34.81
N GLY A 81 18.70 -4.49 34.54
CA GLY A 81 17.42 -5.06 34.93
C GLY A 81 16.29 -5.03 33.89
N ASP A 82 16.40 -4.22 32.82
CA ASP A 82 15.32 -4.11 31.85
C ASP A 82 15.11 -5.46 31.14
N ALA A 83 13.85 -5.89 31.05
CA ALA A 83 13.49 -7.11 30.37
C ALA A 83 13.40 -6.84 28.88
N VAL A 84 14.12 -7.63 28.09
CA VAL A 84 14.22 -7.41 26.66
C VAL A 84 14.17 -8.72 25.86
N ALA A 85 13.67 -8.60 24.64
CA ALA A 85 13.73 -9.65 23.62
C ALA A 85 14.80 -9.30 22.61
N VAL A 86 15.43 -10.33 22.08
CA VAL A 86 16.52 -10.17 21.14
C VAL A 86 15.99 -10.26 19.72
N TYR A 87 16.17 -9.18 18.97
CA TYR A 87 15.95 -9.17 17.53
C TYR A 87 17.07 -9.93 16.87
N GLY A 88 16.72 -11.02 16.18
CA GLY A 88 17.71 -12.03 15.76
C GLY A 88 18.45 -11.83 14.43
N PRO A 89 17.76 -11.35 13.36
CA PRO A 89 18.43 -11.33 12.05
C PRO A 89 19.32 -10.10 11.86
N TRP A 90 20.46 -10.10 12.52
CA TRP A 90 21.29 -8.91 12.59
C TRP A 90 21.77 -8.50 11.21
N GLY A 91 21.64 -7.21 10.91
CA GLY A 91 22.18 -6.62 9.68
C GLY A 91 23.16 -5.52 9.94
N CYS A 92 23.59 -4.85 8.86
CA CYS A 92 24.63 -3.83 8.93
C CYS A 92 24.12 -2.54 9.61
N GLY A 93 22.81 -2.32 9.60
CA GLY A 93 22.19 -1.14 10.20
C GLY A 93 22.19 0.10 9.33
N ALA A 94 22.87 0.06 8.16
CA ALA A 94 23.17 1.26 7.37
C ALA A 94 22.61 1.28 5.93
N CYS A 95 22.36 0.11 5.35
CA CYS A 95 21.88 0.00 3.99
C CYS A 95 20.38 0.40 3.92
N HIS A 96 19.87 0.49 2.71
CA HIS A 96 18.46 0.91 2.51
C HIS A 96 17.43 0.01 3.21
N ALA A 97 17.61 -1.32 3.12
CA ALA A 97 16.79 -2.25 3.88
C ALA A 97 16.91 -2.05 5.40
N CYS A 98 18.14 -1.99 5.90
CA CYS A 98 18.35 -1.81 7.35
C CYS A 98 17.79 -0.46 7.85
N ALA A 99 17.89 0.58 7.03
CA ALA A 99 17.36 1.90 7.41
C ALA A 99 15.87 1.85 7.65
N ARG A 100 15.17 0.93 7.00
CA ARG A 100 13.75 0.69 7.23
C ARG A 100 13.44 -0.36 8.33
N GLY A 101 14.49 -0.80 9.04
CA GLY A 101 14.35 -1.84 10.04
C GLY A 101 14.34 -3.25 9.48
N ARG A 102 14.50 -3.40 8.18
CA ARG A 102 14.32 -4.69 7.52
C ARG A 102 15.67 -5.40 7.47
N GLU A 103 16.26 -5.63 8.63
CA GLU A 103 17.64 -6.17 8.67
C GLU A 103 17.69 -7.62 8.23
N ASN A 104 16.53 -8.27 8.28
CA ASN A 104 16.34 -9.59 7.68
C ASN A 104 16.68 -9.62 6.18
N TYR A 105 16.49 -8.50 5.49
CA TYR A 105 16.82 -8.36 4.07
C TYR A 105 18.06 -7.48 3.83
N CYS A 106 18.96 -7.43 4.81
CA CYS A 106 20.18 -6.66 4.70
C CYS A 106 21.02 -7.18 3.54
N THR A 107 21.51 -6.27 2.71
CA THR A 107 22.32 -6.60 1.53
C THR A 107 23.82 -6.66 1.80
N ARG A 108 24.26 -6.33 3.02
CA ARG A 108 25.68 -6.22 3.35
C ARG A 108 26.16 -7.20 4.44
N ALA A 109 25.23 -7.91 5.10
CA ALA A 109 25.56 -8.74 6.25
C ALA A 109 26.61 -9.82 5.94
N ALA A 110 26.40 -10.55 4.84
CA ALA A 110 27.37 -11.58 4.41
C ALA A 110 28.77 -11.00 4.29
N ASP A 111 28.91 -9.93 3.50
CA ASP A 111 30.23 -9.30 3.26
C ASP A 111 30.89 -8.78 4.52
N LEU A 112 30.10 -8.26 5.46
CA LEU A 112 30.66 -7.76 6.71
C LEU A 112 30.86 -8.86 7.79
N GLY A 113 30.48 -10.10 7.48
CA GLY A 113 30.60 -11.21 8.44
C GLY A 113 29.62 -11.16 9.60
N ILE A 114 28.45 -10.55 9.37
CA ILE A 114 27.47 -10.38 10.43
C ILE A 114 26.58 -11.60 10.40
N THR A 115 26.52 -12.33 11.51
CA THR A 115 25.71 -13.53 11.63
C THR A 115 24.77 -13.43 12.84
N PRO A 116 23.65 -14.16 12.81
CA PRO A 116 22.71 -14.11 13.92
C PRO A 116 23.17 -14.88 15.17
N PRO A 117 22.70 -14.46 16.36
CA PRO A 117 22.89 -15.27 17.56
C PRO A 117 22.25 -16.65 17.34
N GLY A 118 23.00 -17.70 17.64
CA GLY A 118 22.51 -19.06 17.44
C GLY A 118 22.80 -19.65 16.06
N TYR A 119 23.43 -18.88 15.17
CA TYR A 119 23.92 -19.42 13.91
C TYR A 119 25.07 -18.60 13.32
N GLY A 120 26.20 -18.64 14.01
CA GLY A 120 27.42 -17.90 13.64
C GLY A 120 27.91 -17.01 14.76
N SER A 121 26.99 -16.50 15.57
CA SER A 121 27.31 -15.76 16.80
C SER A 121 26.70 -16.52 17.98
N PRO A 122 27.25 -16.32 19.21
CA PRO A 122 26.74 -17.14 20.32
C PRO A 122 25.26 -16.86 20.64
N GLY A 123 24.48 -17.92 20.80
CA GLY A 123 23.05 -17.82 21.05
C GLY A 123 22.64 -17.67 22.49
N SER A 124 21.35 -17.85 22.69
CA SER A 124 20.69 -17.60 23.96
C SER A 124 20.60 -18.82 24.90
N MET A 125 21.01 -20.01 24.45
CA MET A 125 20.89 -21.20 25.29
C MET A 125 22.11 -21.34 26.21
N ALA A 126 22.17 -20.39 27.13
CA ALA A 126 23.27 -20.21 28.05
C ALA A 126 22.78 -19.31 29.18
N GLU A 127 23.50 -19.27 30.29
CA GLU A 127 23.11 -18.40 31.41
C GLU A 127 23.13 -16.93 31.03
N TYR A 128 24.08 -16.54 30.17
CA TYR A 128 24.24 -15.18 29.71
C TYR A 128 24.46 -15.15 28.20
N MET A 129 24.13 -14.02 27.57
CA MET A 129 24.45 -13.81 26.16
C MET A 129 24.78 -12.36 25.86
N ILE A 130 25.57 -12.18 24.82
CA ILE A 130 25.95 -10.87 24.30
C ILE A 130 25.03 -10.53 23.15
N VAL A 131 24.57 -9.27 23.13
CA VAL A 131 23.87 -8.67 22.02
C VAL A 131 24.77 -7.53 21.50
N ASP A 132 24.91 -7.48 20.17
CA ASP A 132 25.89 -6.61 19.51
C ASP A 132 25.60 -5.12 19.62
N SER A 133 24.31 -4.76 19.69
CA SER A 133 23.91 -3.37 19.65
C SER A 133 22.53 -3.18 20.27
N ALA A 134 22.27 -1.98 20.79
CA ALA A 134 21.00 -1.63 21.45
C ALA A 134 19.78 -1.77 20.53
N ARG A 135 19.98 -1.47 19.25
CA ARG A 135 18.90 -1.56 18.27
C ARG A 135 18.40 -3.00 18.07
N HIS A 136 19.15 -4.00 18.54
CA HIS A 136 18.72 -5.39 18.52
C HIS A 136 18.03 -5.88 19.81
N LEU A 137 17.65 -4.94 20.68
CA LEU A 137 16.87 -5.25 21.88
C LEU A 137 15.53 -4.54 21.81
N VAL A 138 14.48 -5.24 22.16
CA VAL A 138 13.13 -4.70 22.23
C VAL A 138 12.58 -4.93 23.65
N PRO A 139 12.07 -3.88 24.33
CA PRO A 139 11.52 -4.09 25.69
C PRO A 139 10.25 -4.94 25.69
N ILE A 140 10.15 -5.83 26.68
CA ILE A 140 8.96 -6.68 26.87
C ILE A 140 8.18 -6.37 28.16
N GLY A 141 8.69 -5.45 28.99
CA GLY A 141 8.08 -5.13 30.27
C GLY A 141 7.91 -6.38 31.12
N ASP A 142 6.73 -6.55 31.70
CA ASP A 142 6.47 -7.68 32.59
C ASP A 142 5.98 -8.95 31.90
N LEU A 143 6.13 -9.08 30.57
CA LEU A 143 5.73 -10.34 29.91
C LEU A 143 6.51 -11.52 30.51
N ASP A 144 5.79 -12.61 30.76
CA ASP A 144 6.40 -13.87 31.19
C ASP A 144 7.50 -14.26 30.18
N PRO A 145 8.77 -14.40 30.64
CA PRO A 145 9.83 -14.75 29.70
C PRO A 145 9.62 -16.05 28.90
N VAL A 146 9.09 -17.08 29.54
CA VAL A 146 8.90 -18.38 28.88
C VAL A 146 8.03 -18.26 27.61
N ALA A 147 6.91 -17.54 27.74
CA ALA A 147 6.03 -17.34 26.58
C ALA A 147 6.54 -16.23 25.66
N ALA A 148 7.41 -15.34 26.16
CA ALA A 148 8.00 -14.29 25.34
C ALA A 148 9.11 -14.76 24.38
N ALA A 149 9.92 -15.75 24.79
CA ALA A 149 11.05 -16.14 23.96
C ALA A 149 10.63 -16.52 22.54
N PRO A 150 9.55 -17.31 22.39
CA PRO A 150 9.15 -17.69 21.04
C PRO A 150 8.64 -16.54 20.16
N LEU A 151 8.29 -15.41 20.77
CA LEU A 151 7.88 -14.24 19.98
C LEU A 151 8.97 -13.82 18.99
N THR A 152 10.24 -14.08 19.33
CA THR A 152 11.37 -13.63 18.52
C THR A 152 11.58 -14.38 17.21
N ASP A 153 10.89 -15.49 17.02
CA ASP A 153 10.99 -16.24 15.77
C ASP A 153 9.69 -16.99 15.44
N ALA A 154 9.22 -17.83 16.36
CA ALA A 154 7.91 -18.48 16.20
C ALA A 154 6.81 -17.44 16.02
N GLY A 155 6.94 -16.29 16.66
CA GLY A 155 6.03 -15.17 16.41
C GLY A 155 6.46 -14.30 15.23
N LEU A 156 7.69 -13.80 15.27
CA LEU A 156 8.19 -12.88 14.25
C LEU A 156 8.12 -13.40 12.80
N THR A 157 8.52 -14.64 12.58
CA THR A 157 8.58 -15.18 11.22
C THR A 157 7.19 -15.30 10.57
N PRO A 158 6.22 -15.93 11.26
CA PRO A 158 4.85 -15.92 10.70
C PRO A 158 4.30 -14.53 10.56
N TYR A 159 4.61 -13.66 11.52
CA TYR A 159 4.08 -12.30 11.48
C TYR A 159 4.55 -11.59 10.20
N HIS A 160 5.84 -11.73 9.88
CA HIS A 160 6.39 -11.15 8.68
C HIS A 160 5.76 -11.73 7.42
N ALA A 161 5.65 -13.04 7.38
CA ALA A 161 5.07 -13.74 6.23
C ALA A 161 3.64 -13.26 5.94
N ILE A 162 2.86 -13.17 7.00
CA ILE A 162 1.48 -12.67 6.92
C ILE A 162 1.46 -11.18 6.51
N SER A 163 2.32 -10.38 7.13
CA SER A 163 2.38 -8.93 6.85
C SER A 163 2.66 -8.60 5.40
N ARG A 164 3.44 -9.42 4.72
CA ARG A 164 3.75 -9.21 3.30
C ARG A 164 2.48 -9.11 2.45
N VAL A 165 1.42 -9.81 2.83
CA VAL A 165 0.20 -9.86 2.02
C VAL A 165 -1.06 -9.55 2.82
N LEU A 166 -0.91 -8.83 3.94
CA LEU A 166 -2.06 -8.57 4.80
C LEU A 166 -3.22 -7.89 4.08
N PRO A 167 -2.97 -6.96 3.13
CA PRO A 167 -4.09 -6.35 2.40
C PRO A 167 -4.96 -7.34 1.60
N LEU A 168 -4.43 -8.51 1.26
CA LEU A 168 -5.25 -9.55 0.62
C LEU A 168 -6.26 -10.20 1.55
N LEU A 169 -6.04 -10.12 2.86
CA LEU A 169 -6.75 -10.96 3.83
C LEU A 169 -7.91 -10.21 4.47
N GLY A 170 -8.80 -9.72 3.59
CA GLY A 170 -9.96 -8.99 4.01
C GLY A 170 -11.10 -9.91 4.45
N PRO A 171 -12.21 -9.32 4.87
CA PRO A 171 -13.38 -10.12 5.14
C PRO A 171 -13.77 -10.94 3.91
N GLY A 172 -14.08 -12.20 4.13
CA GLY A 172 -14.38 -13.12 3.05
C GLY A 172 -13.18 -13.93 2.58
N SER A 173 -11.98 -13.55 2.97
CA SER A 173 -10.78 -14.30 2.61
C SER A 173 -10.60 -15.54 3.45
N THR A 174 -9.78 -16.44 2.92
CA THR A 174 -9.38 -17.65 3.64
C THR A 174 -7.88 -17.74 3.65
N ALA A 175 -7.32 -18.04 4.82
CA ALA A 175 -5.91 -18.34 4.95
C ALA A 175 -5.72 -19.76 5.43
N VAL A 176 -4.89 -20.52 4.71
CA VAL A 176 -4.52 -21.87 5.11
C VAL A 176 -3.17 -21.81 5.84
N VAL A 177 -3.09 -22.50 6.97
CA VAL A 177 -1.83 -22.65 7.73
C VAL A 177 -1.48 -24.12 7.66
N ILE A 178 -0.33 -24.45 7.05
CA ILE A 178 0.14 -25.83 6.98
C ILE A 178 1.28 -26.00 7.97
N GLY A 179 1.06 -26.89 8.94
CA GLY A 179 2.03 -27.22 9.99
C GLY A 179 1.74 -26.44 11.25
N VAL A 180 1.19 -27.12 12.25
CA VAL A 180 0.75 -26.49 13.51
C VAL A 180 1.75 -26.83 14.62
N GLY A 181 2.96 -26.35 14.44
CA GLY A 181 4.02 -26.51 15.42
C GLY A 181 4.34 -25.18 16.04
N GLY A 182 5.62 -24.98 16.35
CA GLY A 182 6.08 -23.76 16.96
C GLY A 182 5.59 -22.53 16.22
N LEU A 183 5.95 -22.42 14.95
CA LEU A 183 5.55 -21.29 14.12
C LEU A 183 4.05 -21.30 13.83
N GLY A 184 3.56 -22.43 13.36
CA GLY A 184 2.18 -22.49 12.87
C GLY A 184 1.11 -22.18 13.89
N HIS A 185 1.30 -22.64 15.13
CA HIS A 185 0.31 -22.40 16.17
C HIS A 185 0.26 -20.89 16.53
N VAL A 186 1.37 -20.18 16.35
CA VAL A 186 1.39 -18.73 16.52
C VAL A 186 0.81 -18.01 15.30
N GLY A 187 1.15 -18.50 14.11
CA GLY A 187 0.60 -17.98 12.84
C GLY A 187 -0.92 -17.91 12.80
N ILE A 188 -1.57 -18.98 13.29
CA ILE A 188 -3.03 -19.02 13.37
C ILE A 188 -3.57 -17.82 14.17
N GLN A 189 -2.92 -17.56 15.29
CA GLN A 189 -3.36 -16.52 16.22
C GLN A 189 -3.11 -15.12 15.69
N ILE A 190 -1.99 -14.95 14.97
CA ILE A 190 -1.70 -13.68 14.30
C ILE A 190 -2.78 -13.39 13.26
N LEU A 191 -3.09 -14.39 12.44
CA LEU A 191 -4.16 -14.21 11.44
C LEU A 191 -5.49 -13.75 12.05
N ARG A 192 -5.85 -14.35 13.18
CA ARG A 192 -7.10 -14.01 13.87
C ARG A 192 -7.05 -12.60 14.46
N ALA A 193 -5.87 -12.18 14.91
CA ALA A 193 -5.71 -10.87 15.54
C ALA A 193 -5.66 -9.68 14.53
N VAL A 194 -5.00 -9.88 13.39
CA VAL A 194 -4.74 -8.74 12.47
C VAL A 194 -5.55 -8.78 11.18
N SER A 195 -6.39 -9.80 11.02
CA SER A 195 -7.23 -9.94 9.83
C SER A 195 -8.57 -10.53 10.19
N ALA A 196 -9.49 -10.46 9.22
CA ALA A 196 -10.76 -11.15 9.29
C ALA A 196 -10.76 -12.44 8.45
N ALA A 197 -9.60 -12.97 8.10
CA ALA A 197 -9.55 -14.23 7.32
C ALA A 197 -10.15 -15.39 8.11
N ARG A 198 -10.84 -16.27 7.40
CA ARG A 198 -11.20 -17.58 7.93
C ARG A 198 -9.91 -18.42 7.88
N VAL A 199 -9.59 -19.14 8.96
CA VAL A 199 -8.31 -19.84 9.06
C VAL A 199 -8.55 -21.36 9.05
N ILE A 200 -7.90 -22.02 8.08
CA ILE A 200 -7.98 -23.47 7.95
C ILE A 200 -6.59 -24.02 8.26
N ALA A 201 -6.48 -24.84 9.29
CA ALA A 201 -5.20 -25.46 9.66
C ALA A 201 -5.07 -26.85 9.08
N VAL A 202 -3.82 -27.23 8.80
CA VAL A 202 -3.51 -28.51 8.15
C VAL A 202 -2.32 -29.10 8.87
N ASP A 203 -2.44 -30.37 9.29
CA ASP A 203 -1.33 -31.07 9.94
C ASP A 203 -1.49 -32.57 9.73
N LEU A 204 -0.39 -33.31 9.84
CA LEU A 204 -0.44 -34.77 9.78
C LEU A 204 -1.04 -35.40 11.05
N ASP A 205 -0.91 -34.69 12.16
CA ASP A 205 -1.18 -35.26 13.48
C ASP A 205 -2.52 -34.70 14.00
N ASP A 206 -3.44 -35.60 14.34
CA ASP A 206 -4.77 -35.21 14.87
C ASP A 206 -4.68 -34.33 16.13
N ASP A 207 -3.70 -34.61 16.98
CA ASP A 207 -3.48 -33.78 18.17
C ASP A 207 -3.03 -32.36 17.83
N ARG A 208 -2.29 -32.19 16.74
CA ARG A 208 -1.93 -30.85 16.27
C ARG A 208 -3.12 -30.14 15.64
N LEU A 209 -4.01 -30.90 15.01
CA LEU A 209 -5.29 -30.30 14.54
C LEU A 209 -6.10 -29.80 15.74
N ALA A 210 -6.11 -30.57 16.82
CA ALA A 210 -6.77 -30.14 18.07
C ALA A 210 -6.13 -28.85 18.61
N LEU A 211 -4.79 -28.80 18.63
CA LEU A 211 -4.06 -27.58 19.03
C LEU A 211 -4.51 -26.40 18.15
N ALA A 212 -4.63 -26.64 16.85
CA ALA A 212 -5.06 -25.58 15.93
C ALA A 212 -6.42 -25.00 16.33
N ARG A 213 -7.38 -25.89 16.63
N ARG A 213 -7.38 -25.89 16.63
CA ARG A 213 -8.72 -25.45 17.05
CA ARG A 213 -8.71 -25.45 17.04
C ARG A 213 -8.63 -24.71 18.39
C ARG A 213 -8.63 -24.71 18.39
N GLU A 214 -7.79 -25.22 19.31
CA GLU A 214 -7.55 -24.58 20.61
C GLU A 214 -7.06 -23.13 20.48
N VAL A 215 -6.27 -22.82 19.46
CA VAL A 215 -5.73 -21.47 19.29
C VAL A 215 -6.51 -20.62 18.25
N GLY A 216 -7.65 -21.10 17.81
CA GLY A 216 -8.59 -20.29 17.04
C GLY A 216 -8.80 -20.61 15.58
N ALA A 217 -8.23 -21.69 15.08
CA ALA A 217 -8.53 -22.11 13.68
C ALA A 217 -10.01 -22.39 13.51
N ASP A 218 -10.57 -21.93 12.39
CA ASP A 218 -11.98 -22.18 12.08
C ASP A 218 -12.23 -23.62 11.63
N ALA A 219 -11.21 -24.22 11.02
CA ALA A 219 -11.36 -25.58 10.49
C ALA A 219 -10.00 -26.25 10.51
N ALA A 220 -10.02 -27.58 10.50
CA ALA A 220 -8.79 -28.35 10.60
C ALA A 220 -8.89 -29.50 9.63
N VAL A 221 -7.82 -29.68 8.85
CA VAL A 221 -7.81 -30.67 7.77
C VAL A 221 -6.54 -31.54 7.93
N LYS A 222 -6.72 -32.83 7.73
CA LYS A 222 -5.61 -33.75 7.73
C LYS A 222 -4.73 -33.53 6.49
N SER A 223 -3.42 -33.40 6.69
CA SER A 223 -2.49 -33.20 5.58
C SER A 223 -2.37 -34.49 4.76
N GLY A 224 -1.80 -34.38 3.57
CA GLY A 224 -1.61 -35.52 2.68
C GLY A 224 -2.51 -35.43 1.47
N ALA A 225 -2.74 -36.58 0.83
CA ALA A 225 -3.35 -36.62 -0.49
C ALA A 225 -4.75 -35.99 -0.58
N GLY A 226 -5.51 -36.10 0.49
CA GLY A 226 -6.88 -35.57 0.54
C GLY A 226 -7.00 -34.09 0.90
N ALA A 227 -5.88 -33.45 1.29
CA ALA A 227 -5.94 -32.12 1.85
C ALA A 227 -6.44 -31.05 0.88
N ALA A 228 -5.91 -31.07 -0.34
CA ALA A 228 -6.29 -30.07 -1.32
C ALA A 228 -7.80 -30.11 -1.61
N ASP A 229 -8.33 -31.29 -1.86
CA ASP A 229 -9.77 -31.43 -2.10
C ASP A 229 -10.59 -31.01 -0.88
N ALA A 230 -10.15 -31.37 0.32
CA ALA A 230 -10.86 -31.00 1.56
C ALA A 230 -10.89 -29.49 1.76
N ILE A 231 -9.77 -28.83 1.51
CA ILE A 231 -9.68 -27.36 1.59
C ILE A 231 -10.62 -26.71 0.56
N ARG A 232 -10.61 -27.21 -0.67
CA ARG A 232 -11.51 -26.70 -1.72
C ARG A 232 -12.99 -26.87 -1.41
N GLU A 233 -13.35 -27.97 -0.74
CA GLU A 233 -14.71 -28.18 -0.25
C GLU A 233 -15.10 -27.09 0.77
N LEU A 234 -14.16 -26.69 1.61
CA LEU A 234 -14.40 -25.61 2.57
C LEU A 234 -14.47 -24.23 1.91
N THR A 235 -13.63 -23.97 0.90
CA THR A 235 -13.58 -22.64 0.26
C THR A 235 -14.55 -22.50 -0.94
N GLY A 236 -15.11 -23.61 -1.39
CA GLY A 236 -16.07 -23.69 -2.43
C GLY A 236 -15.62 -23.35 -3.83
N GLY A 237 -14.40 -23.71 -4.22
CA GLY A 237 -14.03 -23.66 -5.65
C GLY A 237 -13.18 -22.46 -6.06
N GLN A 238 -13.34 -21.33 -5.36
CA GLN A 238 -12.45 -20.20 -5.51
C GLN A 238 -11.05 -20.51 -4.95
N GLY A 239 -10.95 -21.45 -4.03
CA GLY A 239 -9.70 -21.76 -3.37
C GLY A 239 -9.37 -20.77 -2.26
N ALA A 240 -8.17 -20.91 -1.69
CA ALA A 240 -7.72 -20.13 -0.55
C ALA A 240 -6.97 -18.88 -0.98
N THR A 241 -7.36 -17.74 -0.39
CA THR A 241 -6.68 -16.48 -0.68
C THR A 241 -5.16 -16.56 -0.45
N ALA A 242 -4.77 -17.12 0.68
CA ALA A 242 -3.38 -17.30 1.00
C ALA A 242 -3.11 -18.62 1.67
N VAL A 243 -1.93 -19.17 1.37
CA VAL A 243 -1.48 -20.38 2.03
C VAL A 243 -0.13 -20.07 2.67
N PHE A 244 -0.04 -20.24 3.98
CA PHE A 244 1.21 -20.09 4.72
C PHE A 244 1.69 -21.48 5.07
N ASP A 245 2.72 -21.92 4.35
CA ASP A 245 3.23 -23.29 4.48
C ASP A 245 4.43 -23.28 5.40
N PHE A 246 4.20 -23.68 6.64
CA PHE A 246 5.26 -23.77 7.67
C PHE A 246 5.95 -25.11 7.68
N VAL A 247 5.66 -25.96 6.69
CA VAL A 247 6.38 -27.23 6.53
C VAL A 247 7.37 -27.10 5.36
N GLY A 248 6.85 -26.75 4.18
CA GLY A 248 7.66 -26.49 3.01
C GLY A 248 8.25 -27.74 2.36
N ALA A 249 7.61 -28.87 2.59
CA ALA A 249 8.00 -30.11 1.89
C ALA A 249 7.37 -30.03 0.51
N GLN A 250 7.85 -30.86 -0.43
CA GLN A 250 7.28 -30.82 -1.77
C GLN A 250 5.75 -31.10 -1.73
N SER A 251 5.35 -32.04 -0.88
CA SER A 251 3.92 -32.43 -0.82
C SER A 251 3.04 -31.27 -0.34
N THR A 252 3.54 -30.49 0.63
CA THR A 252 2.77 -29.37 1.17
C THR A 252 2.74 -28.19 0.22
N ILE A 253 3.86 -27.95 -0.48
CA ILE A 253 3.90 -26.92 -1.51
C ILE A 253 2.95 -27.29 -2.67
N ASP A 254 2.92 -28.57 -3.04
CA ASP A 254 2.00 -29.03 -4.06
C ASP A 254 0.54 -28.82 -3.63
N THR A 255 0.20 -29.17 -2.39
CA THR A 255 -1.13 -28.89 -1.82
C THR A 255 -1.41 -27.38 -1.94
N ALA A 256 -0.45 -26.56 -1.56
CA ALA A 256 -0.62 -25.10 -1.61
C ALA A 256 -0.95 -24.65 -3.04
N GLN A 257 -0.20 -25.13 -4.03
CA GLN A 257 -0.48 -24.73 -5.41
C GLN A 257 -1.85 -25.20 -5.92
N GLN A 258 -2.29 -26.35 -5.41
CA GLN A 258 -3.56 -26.93 -5.81
C GLN A 258 -4.77 -26.25 -5.15
N VAL A 259 -4.56 -25.47 -4.11
CA VAL A 259 -5.67 -24.75 -3.45
C VAL A 259 -5.65 -23.23 -3.55
N VAL A 260 -4.51 -22.64 -3.89
CA VAL A 260 -4.42 -21.15 -3.87
C VAL A 260 -5.39 -20.55 -4.91
N ALA A 261 -5.96 -19.42 -4.54
CA ALA A 261 -6.89 -18.69 -5.40
C ALA A 261 -6.15 -17.88 -6.47
N VAL A 262 -6.89 -17.56 -7.52
CA VAL A 262 -6.47 -16.54 -8.48
C VAL A 262 -6.18 -15.25 -7.73
N ASP A 263 -5.03 -14.64 -8.04
CA ASP A 263 -4.58 -13.40 -7.38
C ASP A 263 -4.37 -13.56 -5.88
N GLY A 264 -4.04 -14.79 -5.46
CA GLY A 264 -3.73 -15.10 -4.07
C GLY A 264 -2.22 -15.16 -3.81
N HIS A 265 -1.83 -15.93 -2.80
CA HIS A 265 -0.44 -15.94 -2.35
C HIS A 265 -0.10 -17.26 -1.69
N ILE A 266 1.12 -17.73 -1.97
CA ILE A 266 1.69 -18.83 -1.20
C ILE A 266 2.99 -18.35 -0.59
N SER A 267 3.08 -18.47 0.73
CA SER A 267 4.29 -18.16 1.49
C SER A 267 4.94 -19.48 1.90
N VAL A 268 6.09 -19.79 1.32
CA VAL A 268 6.83 -21.01 1.63
C VAL A 268 7.80 -20.63 2.76
N VAL A 269 7.37 -20.89 4.00
CA VAL A 269 8.10 -20.49 5.20
C VAL A 269 8.95 -21.65 5.71
N GLY A 270 8.36 -22.85 5.77
CA GLY A 270 9.11 -24.03 6.16
C GLY A 270 10.23 -24.34 5.18
N ILE A 271 11.32 -24.90 5.71
CA ILE A 271 12.55 -25.11 4.96
C ILE A 271 12.83 -26.61 4.84
N HIS A 272 12.73 -27.11 3.61
CA HIS A 272 13.04 -28.49 3.26
C HIS A 272 13.88 -28.45 1.97
N ALA A 273 15.18 -28.73 2.10
CA ALA A 273 16.12 -28.55 0.97
C ALA A 273 15.64 -29.29 -0.28
N GLY A 274 15.58 -28.60 -1.42
CA GLY A 274 15.21 -29.23 -2.68
C GLY A 274 13.74 -28.98 -3.04
N ALA A 275 12.89 -28.80 -2.04
CA ALA A 275 11.48 -28.55 -2.27
C ALA A 275 11.28 -27.13 -2.84
N HIS A 276 10.34 -26.99 -3.75
CA HIS A 276 10.09 -25.67 -4.34
C HIS A 276 8.74 -25.58 -5.01
N ALA A 277 8.17 -24.38 -4.99
CA ALA A 277 7.02 -24.09 -5.80
C ALA A 277 7.43 -23.99 -7.25
N LYS A 278 6.54 -24.42 -8.14
CA LYS A 278 6.76 -24.36 -9.57
C LYS A 278 5.82 -23.29 -10.13
N VAL A 279 6.38 -22.10 -10.37
CA VAL A 279 5.58 -20.92 -10.73
C VAL A 279 5.68 -20.70 -12.21
N GLY A 280 4.65 -21.14 -12.93
CA GLY A 280 4.59 -21.00 -14.37
C GLY A 280 3.16 -21.16 -14.84
N PHE A 281 2.92 -20.76 -16.08
CA PHE A 281 1.59 -20.85 -16.66
C PHE A 281 1.12 -22.31 -16.68
N TRP A 282 -0.16 -22.49 -16.36
CA TRP A 282 -0.81 -23.81 -16.21
C TRP A 282 -0.36 -24.61 -14.96
N MET A 283 0.57 -24.09 -14.15
CA MET A 283 1.04 -24.78 -12.95
C MET A 283 0.58 -24.10 -11.66
N ILE A 284 0.05 -22.89 -11.81
CA ILE A 284 -0.41 -22.09 -10.70
C ILE A 284 -1.45 -21.12 -11.25
N PRO A 285 -2.41 -20.68 -10.42
CA PRO A 285 -3.36 -19.68 -10.94
C PRO A 285 -2.72 -18.35 -11.34
N PHE A 286 -3.38 -17.66 -12.27
CA PHE A 286 -3.03 -16.31 -12.62
C PHE A 286 -2.97 -15.44 -11.39
N GLY A 287 -1.92 -14.62 -11.30
CA GLY A 287 -1.79 -13.64 -10.25
C GLY A 287 -1.46 -14.15 -8.85
N ALA A 288 -1.24 -15.46 -8.68
CA ALA A 288 -0.96 -16.02 -7.38
C ALA A 288 0.53 -15.98 -7.15
N SER A 289 0.97 -15.07 -6.28
CA SER A 289 2.39 -14.84 -6.06
C SER A 289 2.92 -15.85 -5.05
N VAL A 290 4.22 -16.13 -5.15
CA VAL A 290 4.87 -17.07 -4.25
C VAL A 290 6.20 -16.47 -3.77
N VAL A 291 6.50 -16.66 -2.50
CA VAL A 291 7.75 -16.15 -1.92
C VAL A 291 8.24 -17.08 -0.81
N THR A 292 9.57 -17.08 -0.60
CA THR A 292 10.19 -17.64 0.62
C THR A 292 10.61 -16.46 1.50
N PRO A 293 9.83 -16.13 2.52
CA PRO A 293 10.23 -15.02 3.39
C PRO A 293 11.29 -15.47 4.38
N TYR A 294 11.99 -14.52 4.98
CA TYR A 294 13.02 -14.82 5.97
C TYR A 294 12.84 -13.95 7.22
N TRP A 295 12.59 -14.63 8.34
CA TRP A 295 12.57 -14.01 9.67
C TRP A 295 11.64 -12.80 9.67
N GLY A 296 12.04 -11.65 10.20
CA GLY A 296 11.19 -10.47 10.14
C GLY A 296 11.94 -9.19 10.49
N THR A 297 11.19 -8.09 10.53
CA THR A 297 11.73 -6.76 10.70
C THR A 297 11.69 -6.28 12.14
N ARG A 298 12.44 -5.21 12.41
CA ARG A 298 12.49 -4.65 13.76
C ARG A 298 11.09 -4.21 14.26
N SER A 299 10.39 -3.46 13.41
CA SER A 299 9.10 -2.94 13.80
C SER A 299 8.07 -4.06 13.91
N GLU A 300 8.22 -5.10 13.12
CA GLU A 300 7.39 -6.30 13.25
C GLU A 300 7.57 -6.99 14.60
N LEU A 301 8.81 -7.12 15.08
CA LEU A 301 9.00 -7.70 16.40
C LEU A 301 8.29 -6.87 17.49
N MET A 302 8.37 -5.54 17.40
CA MET A 302 7.66 -4.67 18.33
C MET A 302 6.14 -4.95 18.28
N GLU A 303 5.63 -5.13 17.07
CA GLU A 303 4.20 -5.41 16.88
C GLU A 303 3.82 -6.77 17.47
N VAL A 304 4.68 -7.77 17.31
CA VAL A 304 4.44 -9.08 17.92
C VAL A 304 4.40 -8.98 19.45
N VAL A 305 5.34 -8.24 20.03
CA VAL A 305 5.35 -8.01 21.44
C VAL A 305 4.05 -7.29 21.87
N ALA A 306 3.60 -6.33 21.08
CA ALA A 306 2.36 -5.62 21.37
C ALA A 306 1.13 -6.55 21.34
N LEU A 307 1.10 -7.50 20.41
CA LEU A 307 0.05 -8.52 20.40
C LEU A 307 0.06 -9.35 21.70
N ALA A 308 1.26 -9.77 22.11
CA ALA A 308 1.40 -10.54 23.34
C ALA A 308 0.94 -9.76 24.55
N ARG A 309 1.37 -8.51 24.65
CA ARG A 309 1.00 -7.66 25.76
C ARG A 309 -0.52 -7.39 25.82
N ALA A 310 -1.18 -7.38 24.66
CA ALA A 310 -2.63 -7.19 24.57
C ALA A 310 -3.45 -8.47 24.82
N GLY A 311 -2.78 -9.60 25.08
CA GLY A 311 -3.48 -10.85 25.34
C GLY A 311 -3.94 -11.60 24.10
N ARG A 312 -3.39 -11.27 22.93
CA ARG A 312 -3.82 -11.89 21.67
C ARG A 312 -3.09 -13.17 21.32
N LEU A 313 -2.03 -13.50 22.04
CA LEU A 313 -1.22 -14.67 21.73
C LEU A 313 -1.09 -15.62 22.92
N ASP A 314 -1.64 -16.82 22.78
CA ASP A 314 -1.53 -17.88 23.77
C ASP A 314 -0.41 -18.79 23.25
N ILE A 315 0.79 -18.59 23.77
CA ILE A 315 1.96 -19.35 23.32
C ILE A 315 2.06 -20.65 24.10
N HIS A 316 1.97 -21.77 23.40
CA HIS A 316 2.03 -23.10 24.03
C HIS A 316 3.47 -23.52 24.14
N THR A 317 3.92 -23.74 25.37
CA THR A 317 5.31 -24.06 25.64
C THR A 317 5.47 -25.28 26.55
N GLU A 318 6.68 -25.84 26.51
CA GLU A 318 7.15 -26.78 27.51
C GLU A 318 8.55 -26.30 27.96
N THR A 319 8.76 -26.30 29.26
CA THR A 319 9.98 -25.76 29.85
C THR A 319 11.02 -26.85 30.10
N PHE A 320 12.27 -26.53 29.82
CA PHE A 320 13.41 -27.39 30.05
C PHE A 320 14.51 -26.61 30.79
N THR A 321 15.34 -27.34 31.53
CA THR A 321 16.57 -26.76 32.09
C THR A 321 17.68 -26.78 31.02
N LEU A 322 18.80 -26.09 31.30
CA LEU A 322 19.99 -26.17 30.42
C LEU A 322 20.49 -27.60 30.28
N ASP A 323 20.53 -28.33 31.39
CA ASP A 323 20.94 -29.74 31.37
C ASP A 323 20.06 -30.62 30.49
N GLU A 324 18.77 -30.27 30.40
CA GLU A 324 17.81 -30.97 29.54
C GLU A 324 17.82 -30.52 28.07
N GLY A 325 18.67 -29.54 27.72
CA GLY A 325 18.70 -29.00 26.35
C GLY A 325 18.82 -30.06 25.27
N PRO A 326 19.83 -30.95 25.39
CA PRO A 326 19.96 -32.03 24.40
C PRO A 326 18.73 -32.96 24.33
N ALA A 327 18.17 -33.31 25.49
CA ALA A 327 16.94 -34.10 25.53
C ALA A 327 15.78 -33.37 24.85
N ALA A 328 15.69 -32.06 25.06
CA ALA A 328 14.66 -31.25 24.42
C ALA A 328 14.78 -31.26 22.87
N TYR A 329 16.01 -31.22 22.37
CA TYR A 329 16.22 -31.34 20.91
C TYR A 329 15.79 -32.71 20.38
N ARG A 330 16.05 -33.78 21.13
CA ARG A 330 15.52 -35.12 20.78
C ARG A 330 13.97 -35.12 20.72
N ARG A 331 13.34 -34.46 21.69
CA ARG A 331 11.88 -34.31 21.72
C ARG A 331 11.38 -33.56 20.48
N LEU A 332 12.06 -32.48 20.11
CA LEU A 332 11.69 -31.71 18.94
C LEU A 332 11.83 -32.55 17.67
N ARG A 333 12.93 -33.31 17.57
CA ARG A 333 13.15 -34.23 16.43
C ARG A 333 12.03 -35.24 16.27
N GLU A 334 11.59 -35.85 17.37
CA GLU A 334 10.53 -36.86 17.30
C GLU A 334 9.13 -36.24 17.21
N GLY A 335 9.01 -34.92 17.33
CA GLY A 335 7.73 -34.23 17.19
C GLY A 335 6.82 -34.31 18.41
N SER A 336 7.39 -34.38 19.60
CA SER A 336 6.63 -34.57 20.83
C SER A 336 6.57 -33.32 21.73
N ILE A 337 6.97 -32.15 21.23
CA ILE A 337 6.78 -30.89 21.94
C ILE A 337 5.53 -30.22 21.37
N ARG A 338 4.51 -30.05 22.21
CA ARG A 338 3.23 -29.53 21.75
C ARG A 338 3.28 -28.00 21.74
N GLY A 339 3.84 -27.41 20.69
CA GLY A 339 4.12 -25.99 20.65
C GLY A 339 5.63 -25.76 20.62
N ARG A 340 6.13 -24.91 21.51
CA ARG A 340 7.53 -24.51 21.55
C ARG A 340 8.25 -25.01 22.77
N GLY A 341 9.40 -25.62 22.57
CA GLY A 341 10.31 -25.93 23.67
C GLY A 341 11.06 -24.68 24.09
N VAL A 342 11.16 -24.45 25.40
CA VAL A 342 11.83 -23.28 25.93
C VAL A 342 12.74 -23.68 27.08
N VAL A 343 14.02 -23.32 26.97
CA VAL A 343 14.99 -23.57 28.03
C VAL A 343 15.00 -22.36 28.95
N VAL A 344 14.89 -22.61 30.26
CA VAL A 344 14.97 -21.58 31.29
C VAL A 344 16.25 -21.80 32.09
N PRO A 345 17.28 -20.96 31.89
CA PRO A 345 18.48 -21.09 32.73
C PRO A 345 18.24 -20.76 34.21
N THR A 346 18.82 -21.54 35.11
CA THR A 346 18.80 -21.24 36.56
C THR A 346 20.23 -21.12 37.08
N MET B 1 -48.80 1.53 -3.70
CA MET B 1 -48.01 0.98 -2.56
C MET B 1 -47.84 2.04 -1.48
N LYS B 2 -47.52 1.60 -0.28
CA LYS B 2 -47.25 2.49 0.83
C LYS B 2 -45.78 2.92 0.79
N ALA B 3 -45.54 4.19 1.09
CA ALA B 3 -44.19 4.73 1.17
C ALA B 3 -44.15 5.85 2.18
N VAL B 4 -42.94 6.14 2.67
CA VAL B 4 -42.70 7.30 3.54
C VAL B 4 -41.93 8.34 2.74
N GLN B 5 -42.52 9.53 2.60
CA GLN B 5 -41.95 10.57 1.78
C GLN B 5 -41.75 11.89 2.54
N TYR B 6 -40.68 12.58 2.18
CA TYR B 6 -40.51 14.00 2.50
C TYR B 6 -41.20 14.75 1.37
N THR B 7 -42.23 15.53 1.70
CA THR B 7 -43.11 16.17 0.70
C THR B 7 -43.16 17.71 0.66
N GLU B 8 -42.74 18.38 1.74
CA GLU B 8 -42.64 19.85 1.74
C GLU B 8 -41.57 20.31 2.72
N ILE B 9 -40.85 21.35 2.31
CA ILE B 9 -39.70 21.86 3.06
C ILE B 9 -40.12 22.25 4.48
N GLY B 10 -39.38 21.74 5.48
CA GLY B 10 -39.64 22.04 6.88
C GLY B 10 -40.71 21.20 7.59
N SER B 11 -41.38 20.29 6.86
CA SER B 11 -42.40 19.42 7.45
C SER B 11 -41.82 18.06 7.77
N GLU B 12 -42.54 17.34 8.62
CA GLU B 12 -42.21 15.95 8.91
C GLU B 12 -42.55 15.08 7.69
N PRO B 13 -41.84 13.96 7.53
CA PRO B 13 -42.23 13.03 6.45
C PRO B 13 -43.60 12.42 6.72
N VAL B 14 -44.26 12.01 5.65
CA VAL B 14 -45.64 11.49 5.72
C VAL B 14 -45.73 10.14 5.03
N VAL B 15 -46.69 9.34 5.49
CA VAL B 15 -47.04 8.07 4.86
C VAL B 15 -47.96 8.38 3.68
N VAL B 16 -47.65 7.83 2.50
CA VAL B 16 -48.39 8.11 1.28
C VAL B 16 -48.75 6.80 0.56
N ASP B 17 -49.65 6.91 -0.41
CA ASP B 17 -49.95 5.83 -1.35
C ASP B 17 -49.55 6.34 -2.73
N ILE B 18 -48.57 5.68 -3.34
CA ILE B 18 -48.06 6.04 -4.67
C ILE B 18 -47.97 4.76 -5.52
N PRO B 19 -47.93 4.90 -6.85
CA PRO B 19 -47.92 3.67 -7.65
C PRO B 19 -46.70 2.78 -7.43
N THR B 20 -46.93 1.47 -7.41
CA THR B 20 -45.84 0.51 -7.42
C THR B 20 -45.13 0.67 -8.77
N PRO B 21 -43.80 0.91 -8.75
CA PRO B 21 -43.09 1.14 -10.00
C PRO B 21 -42.87 -0.16 -10.79
N THR B 22 -42.61 0.00 -12.09
CA THR B 22 -42.29 -1.12 -12.98
C THR B 22 -40.87 -0.83 -13.47
N PRO B 23 -40.00 -1.86 -13.50
CA PRO B 23 -38.64 -1.61 -13.96
C PRO B 23 -38.56 -1.42 -15.48
N GLY B 24 -37.85 -0.36 -15.89
CA GLY B 24 -37.48 -0.16 -17.29
C GLY B 24 -36.24 -0.99 -17.61
N PRO B 25 -35.75 -0.91 -18.87
CA PRO B 25 -34.54 -1.63 -19.28
C PRO B 25 -33.34 -1.41 -18.35
N GLY B 26 -32.68 -2.50 -17.95
CA GLY B 26 -31.56 -2.46 -17.04
C GLY B 26 -31.92 -2.34 -15.56
N GLU B 27 -33.16 -1.98 -15.23
CA GLU B 27 -33.56 -1.77 -13.82
C GLU B 27 -34.03 -3.08 -13.16
N ILE B 28 -34.06 -3.06 -11.83
CA ILE B 28 -34.56 -4.17 -11.04
C ILE B 28 -35.56 -3.62 -10.01
N LEU B 29 -36.70 -4.31 -9.88
CA LEU B 29 -37.69 -3.99 -8.87
C LEU B 29 -37.45 -4.93 -7.70
N LEU B 30 -37.24 -4.36 -6.52
CA LEU B 30 -37.13 -5.12 -5.29
C LEU B 30 -38.40 -5.01 -4.48
N LYS B 31 -38.80 -6.11 -3.85
CA LYS B 31 -39.72 -6.06 -2.73
C LYS B 31 -38.85 -5.77 -1.52
N VAL B 32 -39.07 -4.63 -0.88
CA VAL B 32 -38.21 -4.21 0.22
C VAL B 32 -38.51 -5.06 1.47
N THR B 33 -37.46 -5.57 2.09
CA THR B 33 -37.58 -6.36 3.32
C THR B 33 -37.15 -5.57 4.55
N ALA B 34 -36.31 -4.56 4.36
CA ALA B 34 -35.89 -3.68 5.47
C ALA B 34 -35.29 -2.40 4.95
N ALA B 35 -35.57 -1.29 5.65
CA ALA B 35 -35.16 0.05 5.24
C ALA B 35 -34.65 0.81 6.47
N GLY B 36 -33.35 1.12 6.48
CA GLY B 36 -32.72 1.81 7.61
C GLY B 36 -32.96 3.32 7.62
N LEU B 37 -33.11 3.88 8.82
CA LEU B 37 -33.17 5.31 9.04
C LEU B 37 -31.77 5.76 9.42
N CYS B 38 -31.35 6.90 8.87
CA CYS B 38 -30.01 7.43 9.13
C CYS B 38 -30.13 8.88 9.60
N HIS B 39 -29.20 9.31 10.46
CA HIS B 39 -29.22 10.70 10.91
C HIS B 39 -29.06 11.69 9.75
N SER B 40 -28.39 11.28 8.67
CA SER B 40 -28.31 12.13 7.47
C SER B 40 -29.69 12.54 6.94
N ASP B 41 -30.69 11.66 7.13
CA ASP B 41 -32.06 11.98 6.75
C ASP B 41 -32.61 13.21 7.49
N ILE B 42 -32.29 13.29 8.78
CA ILE B 42 -32.67 14.45 9.61
C ILE B 42 -31.99 15.71 9.05
N THR B 43 -30.69 15.62 8.82
CA THR B 43 -29.91 16.75 8.29
C THR B 43 -30.50 17.27 6.98
N VAL B 44 -30.77 16.34 6.06
CA VAL B 44 -31.42 16.62 4.76
C VAL B 44 -32.78 17.30 4.95
N MET B 45 -33.60 16.77 5.85
CA MET B 45 -34.93 17.35 6.06
C MET B 45 -34.92 18.71 6.76
N ASP B 46 -33.80 19.01 7.45
CA ASP B 46 -33.63 20.32 8.11
C ASP B 46 -33.00 21.40 7.23
N MET B 47 -32.53 21.04 6.03
CA MET B 47 -31.98 22.02 5.09
C MET B 47 -33.08 22.99 4.63
N PRO B 48 -32.70 24.27 4.45
CA PRO B 48 -33.64 25.20 3.81
C PRO B 48 -33.83 24.86 2.32
N ALA B 49 -34.90 25.38 1.73
CA ALA B 49 -35.24 25.13 0.32
C ALA B 49 -34.06 25.28 -0.65
N ALA B 50 -33.26 26.32 -0.47
CA ALA B 50 -32.13 26.63 -1.37
C ALA B 50 -31.04 25.58 -1.38
N GLN B 51 -30.78 24.94 -0.24
CA GLN B 51 -29.75 23.91 -0.12
C GLN B 51 -30.27 22.50 -0.43
N TYR B 52 -31.52 22.21 -0.05
CA TYR B 52 -32.10 20.86 -0.17
C TYR B 52 -32.07 20.36 -1.62
N ALA B 53 -31.36 19.24 -1.85
CA ALA B 53 -31.11 18.70 -3.20
C ALA B 53 -31.83 17.38 -3.50
N GLY B 54 -32.75 16.97 -2.62
CA GLY B 54 -33.40 15.67 -2.75
C GLY B 54 -34.56 15.59 -3.72
N GLY B 55 -35.14 16.74 -4.09
CA GLY B 55 -36.35 16.80 -4.90
C GLY B 55 -37.57 16.51 -4.03
N LEU B 56 -38.73 17.01 -4.46
CA LEU B 56 -39.98 16.78 -3.76
C LEU B 56 -41.04 16.27 -4.75
N PRO B 57 -41.80 15.22 -4.40
CA PRO B 57 -41.64 14.41 -3.18
C PRO B 57 -40.40 13.53 -3.26
N LEU B 58 -39.95 13.03 -2.12
CA LEU B 58 -38.84 12.08 -2.06
C LEU B 58 -39.17 10.94 -1.13
N THR B 59 -39.16 9.72 -1.68
CA THR B 59 -39.25 8.52 -0.85
C THR B 59 -37.94 8.35 -0.13
N LEU B 60 -37.99 8.40 1.20
CA LEU B 60 -36.78 8.32 2.00
C LEU B 60 -36.21 6.90 2.00
N GLY B 61 -34.96 6.79 2.42
CA GLY B 61 -34.34 5.51 2.75
C GLY B 61 -33.17 5.19 1.84
N HIS B 62 -31.97 5.44 2.32
CA HIS B 62 -30.78 5.08 1.56
C HIS B 62 -30.08 3.83 2.10
N GLU B 63 -30.71 3.16 3.07
CA GLU B 63 -30.30 1.85 3.56
C GLU B 63 -31.36 0.83 3.21
N GLY B 64 -31.12 0.04 2.16
CA GLY B 64 -32.17 -0.84 1.64
C GLY B 64 -31.69 -2.27 1.40
N VAL B 65 -32.51 -3.23 1.83
CA VAL B 65 -32.37 -4.63 1.42
C VAL B 65 -33.74 -5.12 0.96
N GLY B 66 -33.71 -6.13 0.11
CA GLY B 66 -34.95 -6.64 -0.43
C GLY B 66 -34.77 -7.95 -1.13
N THR B 67 -35.83 -8.37 -1.79
CA THR B 67 -35.79 -9.54 -2.65
C THR B 67 -36.14 -9.09 -4.04
N VAL B 68 -35.45 -9.65 -5.03
CA VAL B 68 -35.69 -9.32 -6.42
C VAL B 68 -37.11 -9.75 -6.77
N ALA B 69 -37.94 -8.79 -7.16
CA ALA B 69 -39.33 -9.06 -7.51
C ALA B 69 -39.52 -9.17 -9.03
N GLU B 70 -38.93 -8.23 -9.78
CA GLU B 70 -39.07 -8.19 -11.23
C GLU B 70 -37.80 -7.66 -11.88
N LEU B 71 -37.41 -8.31 -12.96
CA LEU B 71 -36.23 -7.94 -13.73
C LEU B 71 -36.66 -7.07 -14.91
N GLY B 72 -36.04 -5.92 -15.07
CA GLY B 72 -36.24 -5.11 -16.27
C GLY B 72 -35.61 -5.79 -17.50
N GLU B 73 -36.03 -5.34 -18.67
CA GLU B 73 -35.49 -5.82 -19.95
C GLU B 73 -33.95 -5.87 -19.95
N GLY B 74 -33.40 -7.02 -20.31
CA GLY B 74 -31.97 -7.20 -20.47
C GLY B 74 -31.18 -7.46 -19.21
N VAL B 75 -31.84 -7.51 -18.04
CA VAL B 75 -31.11 -7.70 -16.78
C VAL B 75 -30.71 -9.18 -16.63
N THR B 76 -29.42 -9.38 -16.39
CA THR B 76 -28.88 -10.69 -16.07
C THR B 76 -28.09 -10.68 -14.75
N GLY B 77 -27.85 -11.88 -14.24
CA GLY B 77 -27.06 -12.08 -13.05
C GLY B 77 -27.84 -12.12 -11.75
N PHE B 78 -29.16 -11.90 -11.80
CA PHE B 78 -30.03 -12.10 -10.63
C PHE B 78 -31.31 -12.80 -11.03
N GLY B 79 -31.84 -13.61 -10.11
CA GLY B 79 -33.10 -14.33 -10.26
C GLY B 79 -34.14 -13.75 -9.34
N VAL B 80 -35.40 -13.93 -9.73
CA VAL B 80 -36.53 -13.51 -8.90
C VAL B 80 -36.44 -14.28 -7.56
N GLY B 81 -36.61 -13.55 -6.45
CA GLY B 81 -36.44 -14.12 -5.11
C GLY B 81 -35.08 -13.88 -4.44
N ASP B 82 -34.04 -13.52 -5.20
CA ASP B 82 -32.70 -13.35 -4.60
C ASP B 82 -32.70 -12.21 -3.58
N ALA B 83 -32.12 -12.48 -2.42
CA ALA B 83 -32.00 -11.48 -1.37
C ALA B 83 -30.78 -10.63 -1.65
N VAL B 84 -30.98 -9.31 -1.67
CA VAL B 84 -29.93 -8.37 -2.04
C VAL B 84 -29.92 -7.12 -1.20
N ALA B 85 -28.74 -6.54 -1.07
CA ALA B 85 -28.54 -5.22 -0.47
C ALA B 85 -28.26 -4.22 -1.57
N VAL B 86 -28.72 -2.99 -1.36
CA VAL B 86 -28.58 -1.93 -2.34
C VAL B 86 -27.32 -1.12 -2.04
N TYR B 87 -26.42 -1.11 -3.00
CA TYR B 87 -25.26 -0.21 -2.99
C TYR B 87 -25.77 1.20 -3.30
N GLY B 88 -25.57 2.11 -2.37
CA GLY B 88 -26.24 3.41 -2.43
C GLY B 88 -25.63 4.57 -3.21
N PRO B 89 -24.29 4.76 -3.19
CA PRO B 89 -23.73 5.98 -3.81
C PRO B 89 -23.54 5.81 -5.31
N TRP B 90 -24.65 5.84 -6.05
CA TRP B 90 -24.63 5.52 -7.46
C TRP B 90 -23.74 6.48 -8.22
N GLY B 91 -22.87 5.93 -9.06
CA GLY B 91 -22.04 6.73 -9.97
C GLY B 91 -22.28 6.38 -11.41
N CYS B 92 -21.46 6.97 -12.28
CA CYS B 92 -21.59 6.81 -13.73
C CYS B 92 -21.23 5.42 -14.22
N GLY B 93 -20.41 4.70 -13.45
CA GLY B 93 -19.96 3.35 -13.81
C GLY B 93 -18.79 3.28 -14.77
N ALA B 94 -18.35 4.43 -15.31
CA ALA B 94 -17.43 4.49 -16.45
C ALA B 94 -16.11 5.24 -16.20
N CYS B 95 -16.09 6.18 -15.25
CA CYS B 95 -14.92 6.97 -14.95
C CYS B 95 -13.86 6.13 -14.21
N HIS B 96 -12.69 6.71 -14.02
CA HIS B 96 -11.58 5.98 -13.39
C HIS B 96 -11.90 5.49 -11.97
N ALA B 97 -12.53 6.35 -11.15
CA ALA B 97 -13.03 5.94 -9.85
C ALA B 97 -14.08 4.82 -9.94
N CYS B 98 -15.09 5.00 -10.79
CA CYS B 98 -16.15 3.99 -10.92
C CYS B 98 -15.59 2.64 -11.44
N ALA B 99 -14.60 2.69 -12.32
CA ALA B 99 -14.00 1.47 -12.85
C ALA B 99 -13.37 0.62 -11.74
N ARG B 100 -12.92 1.29 -10.67
CA ARG B 100 -12.41 0.61 -9.48
C ARG B 100 -13.48 0.27 -8.42
N GLY B 101 -14.75 0.50 -8.75
CA GLY B 101 -15.85 0.31 -7.84
C GLY B 101 -16.08 1.45 -6.87
N ARG B 102 -15.33 2.54 -7.03
CA ARG B 102 -15.33 3.62 -6.05
C ARG B 102 -16.35 4.66 -6.49
N GLU B 103 -17.60 4.24 -6.63
CA GLU B 103 -18.61 5.12 -7.22
C GLU B 103 -18.97 6.26 -6.27
N ASN B 104 -18.66 6.07 -4.99
CA ASN B 104 -18.73 7.13 -3.99
C ASN B 104 -17.86 8.35 -4.37
N TYR B 105 -16.77 8.11 -5.09
CA TYR B 105 -15.88 9.19 -5.56
C TYR B 105 -16.00 9.44 -7.07
N CYS B 106 -17.17 9.10 -7.65
CA CYS B 106 -17.43 9.35 -9.04
C CYS B 106 -17.31 10.82 -9.39
N THR B 107 -16.59 11.13 -10.44
CA THR B 107 -16.36 12.51 -10.89
C THR B 107 -17.40 13.02 -11.89
N ARG B 108 -18.34 12.17 -12.31
CA ARG B 108 -19.30 12.54 -13.35
C ARG B 108 -20.77 12.54 -12.91
N ALA B 109 -21.05 12.05 -11.69
CA ALA B 109 -22.43 11.83 -11.24
C ALA B 109 -23.26 13.11 -11.25
N ALA B 110 -22.71 14.19 -10.70
CA ALA B 110 -23.39 15.50 -10.71
C ALA B 110 -23.82 15.91 -12.12
N ASP B 111 -22.86 15.94 -13.05
CA ASP B 111 -23.13 16.35 -14.43
C ASP B 111 -24.14 15.47 -15.15
N LEU B 112 -24.13 14.16 -14.86
CA LEU B 112 -25.09 13.26 -15.48
C LEU B 112 -26.46 13.19 -14.74
N GLY B 113 -26.60 13.92 -13.63
CA GLY B 113 -27.83 13.92 -12.84
C GLY B 113 -28.08 12.62 -12.07
N ILE B 114 -27.01 11.92 -11.70
CA ILE B 114 -27.13 10.64 -11.02
C ILE B 114 -27.17 10.93 -9.54
N THR B 115 -28.24 10.51 -8.87
CA THR B 115 -28.40 10.71 -7.45
C THR B 115 -28.69 9.39 -6.73
N PRO B 116 -28.38 9.30 -5.43
CA PRO B 116 -28.64 8.08 -4.68
C PRO B 116 -30.10 7.83 -4.34
N PRO B 117 -30.49 6.54 -4.18
CA PRO B 117 -31.80 6.23 -3.62
C PRO B 117 -31.93 6.87 -2.23
N GLY B 118 -33.03 7.58 -1.99
CA GLY B 118 -33.22 8.25 -0.71
C GLY B 118 -32.66 9.67 -0.64
N TYR B 119 -32.03 10.15 -1.71
CA TYR B 119 -31.65 11.56 -1.82
C TYR B 119 -31.50 12.02 -3.26
N GLY B 120 -32.63 12.07 -3.96
CA GLY B 120 -32.72 12.47 -5.37
C GLY B 120 -33.38 11.40 -6.23
N SER B 121 -33.22 10.14 -5.85
CA SER B 121 -33.91 9.02 -6.47
C SER B 121 -34.76 8.34 -5.38
N PRO B 122 -35.84 7.63 -5.78
CA PRO B 122 -36.72 7.07 -4.74
C PRO B 122 -36.01 6.01 -3.87
N GLY B 123 -36.16 6.14 -2.55
CA GLY B 123 -35.51 5.27 -1.60
C GLY B 123 -36.22 3.98 -1.27
N SER B 124 -35.74 3.36 -0.19
CA SER B 124 -36.15 2.05 0.24
C SER B 124 -37.32 2.04 1.25
N MET B 125 -37.75 3.19 1.75
CA MET B 125 -38.81 3.22 2.76
C MET B 125 -40.20 3.19 2.07
N ALA B 126 -40.46 2.04 1.47
CA ALA B 126 -41.63 1.78 0.67
C ALA B 126 -41.75 0.27 0.50
N GLU B 127 -42.91 -0.20 0.08
CA GLU B 127 -43.08 -1.66 -0.12
C GLU B 127 -42.17 -2.20 -1.23
N TYR B 128 -41.92 -1.39 -2.25
CA TYR B 128 -41.07 -1.75 -3.37
C TYR B 128 -40.12 -0.61 -3.71
N MET B 129 -39.02 -0.93 -4.36
CA MET B 129 -38.10 0.10 -4.86
C MET B 129 -37.42 -0.35 -6.16
N ILE B 130 -37.05 0.65 -6.96
CA ILE B 130 -36.30 0.45 -8.18
C ILE B 130 -34.81 0.65 -7.88
N VAL B 131 -34.00 -0.24 -8.43
CA VAL B 131 -32.55 -0.10 -8.48
C VAL B 131 -32.16 0.03 -9.96
N ASP B 132 -31.30 1.01 -10.24
CA ASP B 132 -31.00 1.45 -11.61
C ASP B 132 -30.24 0.42 -12.44
N SER B 133 -29.43 -0.41 -11.78
CA SER B 133 -28.54 -1.32 -12.48
C SER B 133 -28.14 -2.48 -11.57
N ALA B 134 -27.83 -3.63 -12.19
CA ALA B 134 -27.45 -4.85 -11.46
C ALA B 134 -26.18 -4.68 -10.61
N ARG B 135 -25.26 -3.84 -11.08
CA ARG B 135 -24.03 -3.58 -10.36
C ARG B 135 -24.24 -2.88 -9.01
N HIS B 136 -25.44 -2.33 -8.79
CA HIS B 136 -25.80 -1.74 -7.50
C HIS B 136 -26.54 -2.68 -6.54
N LEU B 137 -26.52 -3.97 -6.85
CA LEU B 137 -27.08 -5.00 -5.96
C LEU B 137 -25.94 -5.93 -5.52
N VAL B 138 -25.94 -6.28 -4.24
CA VAL B 138 -24.99 -7.23 -3.68
C VAL B 138 -25.79 -8.35 -2.98
N PRO B 139 -25.51 -9.63 -3.27
CA PRO B 139 -26.26 -10.72 -2.60
C PRO B 139 -25.94 -10.82 -1.10
N ILE B 140 -26.97 -11.05 -0.30
CA ILE B 140 -26.84 -11.25 1.15
C ILE B 140 -27.17 -12.69 1.63
N GLY B 141 -27.64 -13.54 0.71
CA GLY B 141 -28.03 -14.90 1.04
C GLY B 141 -29.11 -14.88 2.13
N ASP B 142 -28.95 -15.74 3.13
CA ASP B 142 -29.94 -15.85 4.19
C ASP B 142 -29.75 -14.89 5.37
N LEU B 143 -28.96 -13.82 5.22
CA LEU B 143 -28.86 -12.83 6.32
C LEU B 143 -30.24 -12.26 6.66
N ASP B 144 -30.51 -12.15 7.96
CA ASP B 144 -31.71 -11.49 8.45
C ASP B 144 -31.79 -10.06 7.85
N PRO B 145 -32.87 -9.74 7.11
CA PRO B 145 -32.96 -8.40 6.50
C PRO B 145 -32.87 -7.23 7.48
N VAL B 146 -33.48 -7.35 8.66
CA VAL B 146 -33.49 -6.26 9.63
C VAL B 146 -32.06 -5.83 10.02
N ALA B 147 -31.21 -6.79 10.31
CA ALA B 147 -29.81 -6.52 10.66
C ALA B 147 -28.95 -6.24 9.42
N ALA B 148 -29.40 -6.67 8.24
CA ALA B 148 -28.68 -6.43 6.99
C ALA B 148 -28.83 -5.01 6.44
N ALA B 149 -29.99 -4.38 6.63
CA ALA B 149 -30.22 -3.07 6.02
C ALA B 149 -29.15 -2.05 6.43
N PRO B 150 -28.81 -2.00 7.73
CA PRO B 150 -27.80 -1.02 8.13
C PRO B 150 -26.40 -1.27 7.60
N LEU B 151 -26.11 -2.48 7.10
CA LEU B 151 -24.81 -2.75 6.49
C LEU B 151 -24.53 -1.80 5.33
N THR B 152 -25.58 -1.33 4.65
CA THR B 152 -25.43 -0.52 3.45
C THR B 152 -24.96 0.93 3.69
N ASP B 153 -24.94 1.37 4.94
CA ASP B 153 -24.45 2.70 5.28
C ASP B 153 -23.85 2.76 6.69
N ALA B 154 -24.61 2.39 7.70
CA ALA B 154 -24.07 2.26 9.05
C ALA B 154 -22.87 1.32 9.09
N GLY B 155 -22.88 0.29 8.26
CA GLY B 155 -21.71 -0.56 8.08
C GLY B 155 -20.71 -0.02 7.06
N LEU B 156 -21.19 0.24 5.84
CA LEU B 156 -20.33 0.67 4.73
C LEU B 156 -19.52 1.94 4.99
N THR B 157 -20.14 2.96 5.56
CA THR B 157 -19.46 4.23 5.77
C THR B 157 -18.29 4.13 6.76
N PRO B 158 -18.53 3.56 7.97
CA PRO B 158 -17.37 3.34 8.87
C PRO B 158 -16.35 2.41 8.26
N TYR B 159 -16.80 1.41 7.52
CA TYR B 159 -15.88 0.45 6.93
C TYR B 159 -14.90 1.17 5.96
N HIS B 160 -15.46 2.05 5.13
CA HIS B 160 -14.65 2.81 4.21
C HIS B 160 -13.68 3.74 4.93
N ALA B 161 -14.19 4.45 5.92
CA ALA B 161 -13.38 5.40 6.71
C ALA B 161 -12.18 4.69 7.35
N ILE B 162 -12.44 3.53 7.94
CA ILE B 162 -11.39 2.69 8.54
C ILE B 162 -10.43 2.16 7.48
N SER B 163 -10.98 1.67 6.37
CA SER B 163 -10.17 1.11 5.30
C SER B 163 -9.16 2.06 4.70
N ARG B 164 -9.47 3.36 4.68
CA ARG B 164 -8.56 4.36 4.15
C ARG B 164 -7.21 4.34 4.87
N VAL B 165 -7.20 4.00 6.16
CA VAL B 165 -5.99 4.04 6.98
C VAL B 165 -5.72 2.74 7.73
N LEU B 166 -6.27 1.63 7.22
CA LEU B 166 -6.11 0.36 7.91
C LEU B 166 -4.66 -0.03 8.19
N PRO B 167 -3.72 0.27 7.25
CA PRO B 167 -2.32 -0.07 7.53
C PRO B 167 -1.71 0.64 8.76
N LEU B 168 -2.29 1.75 9.19
CA LEU B 168 -1.84 2.42 10.42
C LEU B 168 -2.22 1.66 11.69
N LEU B 169 -3.23 0.80 11.61
CA LEU B 169 -3.90 0.25 12.81
C LEU B 169 -3.35 -1.14 13.15
N GLY B 170 -2.04 -1.20 13.34
CA GLY B 170 -1.37 -2.43 13.70
C GLY B 170 -1.45 -2.72 15.19
N PRO B 171 -0.87 -3.84 15.61
CA PRO B 171 -0.78 -4.10 17.03
C PRO B 171 -0.05 -2.96 17.74
N GLY B 172 -0.59 -2.54 18.86
CA GLY B 172 -0.07 -1.38 19.57
C GLY B 172 -0.77 -0.08 19.24
N SER B 173 -1.57 -0.05 18.19
CA SER B 173 -2.31 1.14 17.83
C SER B 173 -3.55 1.32 18.68
N THR B 174 -4.07 2.54 18.67
CA THR B 174 -5.32 2.86 19.33
C THR B 174 -6.20 3.60 18.33
N ALA B 175 -7.46 3.22 18.27
CA ALA B 175 -8.47 3.90 17.52
C ALA B 175 -9.55 4.43 18.43
N VAL B 176 -9.85 5.74 18.31
CA VAL B 176 -10.94 6.38 19.05
C VAL B 176 -12.16 6.43 18.12
N VAL B 177 -13.31 6.06 18.66
CA VAL B 177 -14.60 6.15 17.97
C VAL B 177 -15.42 7.16 18.75
N ILE B 178 -15.77 8.28 18.11
CA ILE B 178 -16.61 9.30 18.73
C ILE B 178 -18.00 9.21 18.17
N GLY B 179 -18.97 8.92 19.04
CA GLY B 179 -20.38 8.77 18.69
C GLY B 179 -20.72 7.32 18.49
N VAL B 180 -21.42 6.72 19.46
CA VAL B 180 -21.79 5.28 19.42
C VAL B 180 -23.28 5.16 19.09
N GLY B 181 -23.62 5.61 17.89
CA GLY B 181 -24.96 5.50 17.36
C GLY B 181 -25.00 4.45 16.26
N GLY B 182 -25.83 4.71 15.25
CA GLY B 182 -25.95 3.81 14.13
C GLY B 182 -24.60 3.42 13.54
N LEU B 183 -23.85 4.40 13.07
CA LEU B 183 -22.53 4.18 12.49
C LEU B 183 -21.51 3.72 13.53
N GLY B 184 -21.43 4.47 14.62
CA GLY B 184 -20.36 4.22 15.59
C GLY B 184 -20.34 2.85 16.22
N HIS B 185 -21.53 2.32 16.52
CA HIS B 185 -21.61 1.01 17.16
C HIS B 185 -21.16 -0.11 16.18
N VAL B 186 -21.31 0.12 14.88
CA VAL B 186 -20.80 -0.79 13.88
C VAL B 186 -19.29 -0.58 13.67
N GLY B 187 -18.85 0.68 13.65
CA GLY B 187 -17.43 1.02 13.52
C GLY B 187 -16.54 0.35 14.54
N ILE B 188 -16.99 0.30 15.80
CA ILE B 188 -16.24 -0.38 16.86
C ILE B 188 -15.98 -1.84 16.46
N GLN B 189 -17.02 -2.49 15.96
CA GLN B 189 -16.96 -3.92 15.63
C GLN B 189 -16.09 -4.20 14.41
N ILE B 190 -16.15 -3.30 13.43
CA ILE B 190 -15.25 -3.38 12.26
C ILE B 190 -13.81 -3.29 12.70
N LEU B 191 -13.49 -2.29 13.54
CA LEU B 191 -12.11 -2.17 14.07
C LEU B 191 -11.62 -3.44 14.73
N ARG B 192 -12.47 -4.07 15.55
CA ARG B 192 -12.10 -5.29 16.25
C ARG B 192 -11.91 -6.47 15.27
N ALA B 193 -12.70 -6.50 14.21
CA ALA B 193 -12.64 -7.58 13.22
C ALA B 193 -11.45 -7.51 12.24
N VAL B 194 -11.08 -6.30 11.80
CA VAL B 194 -10.08 -6.15 10.72
C VAL B 194 -8.74 -5.59 11.17
N SER B 195 -8.62 -5.31 12.48
CA SER B 195 -7.38 -4.74 13.04
C SER B 195 -7.15 -5.26 14.43
N ALA B 196 -5.93 -5.02 14.94
CA ALA B 196 -5.61 -5.28 16.32
C ALA B 196 -5.60 -3.99 17.14
N ALA B 197 -6.22 -2.91 16.66
CA ALA B 197 -6.27 -1.67 17.43
C ALA B 197 -7.00 -1.84 18.76
N ARG B 198 -6.53 -1.16 19.78
CA ARG B 198 -7.29 -0.96 21.01
C ARG B 198 -8.34 0.10 20.67
N VAL B 199 -9.59 -0.11 21.08
CA VAL B 199 -10.69 0.78 20.68
C VAL B 199 -11.22 1.51 21.91
N ILE B 200 -11.20 2.85 21.83
CA ILE B 200 -11.72 3.70 22.89
C ILE B 200 -12.94 4.41 22.31
N ALA B 201 -14.10 4.19 22.93
CA ALA B 201 -15.35 4.80 22.51
C ALA B 201 -15.66 6.04 23.33
N VAL B 202 -16.36 6.99 22.71
CA VAL B 202 -16.66 8.28 23.33
C VAL B 202 -18.10 8.61 22.98
N ASP B 203 -18.91 8.94 23.96
CA ASP B 203 -20.30 9.39 23.72
C ASP B 203 -20.76 10.27 24.86
N LEU B 204 -21.78 11.09 24.60
CA LEU B 204 -22.39 11.90 25.65
C LEU B 204 -23.24 11.08 26.61
N ASP B 205 -23.78 9.97 26.14
CA ASP B 205 -24.82 9.22 26.83
C ASP B 205 -24.21 7.94 27.45
N ASP B 206 -24.34 7.79 28.76
CA ASP B 206 -23.79 6.64 29.50
C ASP B 206 -24.34 5.30 28.97
N ASP B 207 -25.59 5.27 28.54
CA ASP B 207 -26.15 4.06 27.94
C ASP B 207 -25.48 3.70 26.61
N ARG B 208 -25.05 4.70 25.84
CA ARG B 208 -24.31 4.46 24.61
C ARG B 208 -22.88 4.00 24.92
N LEU B 209 -22.31 4.48 26.03
CA LEU B 209 -21.01 3.94 26.48
C LEU B 209 -21.14 2.46 26.83
N ALA B 210 -22.25 2.10 27.47
CA ALA B 210 -22.52 0.68 27.76
C ALA B 210 -22.65 -0.12 26.46
N LEU B 211 -23.38 0.41 25.49
CA LEU B 211 -23.49 -0.21 24.16
C LEU B 211 -22.10 -0.43 23.55
N ALA B 212 -21.25 0.58 23.67
CA ALA B 212 -19.88 0.48 23.14
C ALA B 212 -19.13 -0.72 23.74
N ARG B 213 -19.21 -0.86 25.07
CA ARG B 213 -18.54 -1.96 25.76
C ARG B 213 -19.18 -3.30 25.35
N GLU B 214 -20.50 -3.32 25.21
CA GLU B 214 -21.24 -4.51 24.74
C GLU B 214 -20.75 -5.01 23.37
N VAL B 215 -20.36 -4.11 22.48
CA VAL B 215 -19.93 -4.50 21.14
C VAL B 215 -18.41 -4.55 20.96
N GLY B 216 -17.68 -4.45 22.07
CA GLY B 216 -16.25 -4.78 22.08
C GLY B 216 -15.26 -3.65 22.28
N ALA B 217 -15.72 -2.44 22.58
CA ALA B 217 -14.80 -1.35 22.94
C ALA B 217 -13.97 -1.73 24.17
N ASP B 218 -12.67 -1.44 24.12
CA ASP B 218 -11.77 -1.69 25.24
C ASP B 218 -11.95 -0.69 26.38
N ALA B 219 -12.38 0.51 26.04
CA ALA B 219 -12.71 1.52 27.08
C ALA B 219 -13.76 2.44 26.50
N ALA B 220 -14.54 3.07 27.37
CA ALA B 220 -15.62 3.93 26.92
C ALA B 220 -15.67 5.12 27.83
N VAL B 221 -15.54 6.34 27.26
CA VAL B 221 -15.43 7.53 28.03
C VAL B 221 -16.37 8.64 27.62
N LYS B 222 -16.68 9.45 28.60
CA LYS B 222 -17.70 10.50 28.45
C LYS B 222 -17.16 11.61 27.55
N SER B 223 -17.95 12.00 26.55
CA SER B 223 -17.58 13.10 25.66
C SER B 223 -17.65 14.44 26.39
N GLY B 224 -17.09 15.47 25.77
CA GLY B 224 -17.08 16.81 26.32
C GLY B 224 -15.70 17.25 26.72
N ALA B 225 -15.63 18.30 27.52
CA ALA B 225 -14.37 19.00 27.77
C ALA B 225 -13.28 18.13 28.39
N GLY B 226 -13.66 17.15 29.20
CA GLY B 226 -12.71 16.25 29.86
C GLY B 226 -12.23 15.06 29.01
N ALA B 227 -12.82 14.88 27.84
CA ALA B 227 -12.58 13.66 27.04
C ALA B 227 -11.14 13.56 26.54
N ALA B 228 -10.58 14.65 26.03
CA ALA B 228 -9.22 14.60 25.49
C ALA B 228 -8.22 14.18 26.56
N ASP B 229 -8.29 14.78 27.75
CA ASP B 229 -7.39 14.40 28.84
C ASP B 229 -7.61 12.93 29.25
N ALA B 230 -8.86 12.49 29.31
CA ALA B 230 -9.18 11.11 29.68
C ALA B 230 -8.62 10.09 28.67
N ILE B 231 -8.76 10.41 27.38
CA ILE B 231 -8.21 9.58 26.30
C ILE B 231 -6.68 9.52 26.39
N ARG B 232 -6.05 10.67 26.61
CA ARG B 232 -4.58 10.70 26.77
C ARG B 232 -4.06 9.91 27.98
N GLU B 233 -4.83 9.91 29.06
CA GLU B 233 -4.51 9.07 30.22
C GLU B 233 -4.52 7.57 29.83
N LEU B 234 -5.46 7.18 29.00
CA LEU B 234 -5.51 5.80 28.51
C LEU B 234 -4.39 5.47 27.50
N THR B 235 -4.04 6.40 26.62
CA THR B 235 -3.03 6.14 25.58
C THR B 235 -1.59 6.45 26.04
N GLY B 236 -1.43 7.15 27.15
CA GLY B 236 -0.13 7.83 27.45
C GLY B 236 0.15 8.94 26.43
N GLY B 237 1.24 9.67 26.57
CA GLY B 237 1.46 10.87 25.78
C GLY B 237 1.55 10.74 24.28
N GLN B 238 1.57 9.51 23.75
CA GLN B 238 1.63 9.33 22.31
C GLN B 238 0.29 9.69 21.67
N GLY B 239 -0.82 9.60 22.41
CA GLY B 239 -2.13 9.87 21.81
C GLY B 239 -2.66 8.70 21.00
N ALA B 240 -3.73 8.95 20.28
CA ALA B 240 -4.44 7.92 19.52
C ALA B 240 -3.97 7.89 18.07
N THR B 241 -3.65 6.70 17.58
CA THR B 241 -3.27 6.52 16.19
C THR B 241 -4.30 7.07 15.21
N ALA B 242 -5.56 6.76 15.44
CA ALA B 242 -6.63 7.26 14.60
C ALA B 242 -7.85 7.62 15.40
N VAL B 243 -8.55 8.66 14.94
CA VAL B 243 -9.78 9.08 15.56
C VAL B 243 -10.85 9.06 14.45
N PHE B 244 -11.90 8.27 14.65
CA PHE B 244 -13.04 8.22 13.75
C PHE B 244 -14.17 8.96 14.41
N ASP B 245 -14.44 10.18 13.94
CA ASP B 245 -15.41 11.05 14.54
C ASP B 245 -16.72 10.94 13.77
N PHE B 246 -17.65 10.17 14.33
CA PHE B 246 -18.98 9.97 13.76
C PHE B 246 -19.99 11.02 14.22
N VAL B 247 -19.51 12.06 14.93
CA VAL B 247 -20.36 13.19 15.30
C VAL B 247 -20.02 14.38 14.40
N GLY B 248 -18.77 14.78 14.40
CA GLY B 248 -18.27 15.84 13.53
C GLY B 248 -18.70 17.24 13.92
N ALA B 249 -19.02 17.42 15.19
CA ALA B 249 -19.28 18.77 15.72
C ALA B 249 -17.94 19.43 15.96
N GLN B 250 -17.91 20.75 16.10
CA GLN B 250 -16.63 21.40 16.34
C GLN B 250 -15.96 20.87 17.60
N SER B 251 -16.75 20.62 18.65
CA SER B 251 -16.19 20.15 19.93
C SER B 251 -15.53 18.77 19.77
N THR B 252 -16.13 17.88 18.99
CA THR B 252 -15.60 16.54 18.80
C THR B 252 -14.37 16.54 17.89
N ILE B 253 -14.38 17.39 16.86
CA ILE B 253 -13.22 17.57 16.00
C ILE B 253 -12.05 18.15 16.82
N ASP B 254 -12.35 19.10 17.69
CA ASP B 254 -11.33 19.66 18.59
C ASP B 254 -10.75 18.57 19.51
N THR B 255 -11.59 17.76 20.11
CA THR B 255 -11.14 16.59 20.91
C THR B 255 -10.21 15.71 20.05
N ALA B 256 -10.64 15.43 18.82
CA ALA B 256 -9.84 14.62 17.91
C ALA B 256 -8.46 15.20 17.68
N GLN B 257 -8.39 16.50 17.41
CA GLN B 257 -7.07 17.13 17.19
C GLN B 257 -6.20 17.13 18.44
N GLN B 258 -6.83 17.20 19.60
CA GLN B 258 -6.10 17.23 20.87
C GLN B 258 -5.58 15.86 21.30
N VAL B 259 -6.10 14.78 20.71
CA VAL B 259 -5.62 13.43 21.05
C VAL B 259 -4.88 12.67 19.96
N VAL B 260 -4.98 13.10 18.70
CA VAL B 260 -4.38 12.34 17.61
C VAL B 260 -2.85 12.30 17.74
N ALA B 261 -2.27 11.15 17.38
CA ALA B 261 -0.85 10.95 17.39
C ALA B 261 -0.15 11.59 16.22
N VAL B 262 1.15 11.83 16.40
CA VAL B 262 2.07 12.13 15.30
C VAL B 262 1.94 11.02 14.26
N ASP B 263 1.81 11.41 12.99
CA ASP B 263 1.65 10.46 11.87
C ASP B 263 0.41 9.59 11.99
N GLY B 264 -0.62 10.12 12.66
CA GLY B 264 -1.92 9.46 12.78
C GLY B 264 -2.95 9.96 11.80
N HIS B 265 -4.22 9.86 12.16
CA HIS B 265 -5.31 10.17 11.24
C HIS B 265 -6.56 10.59 11.99
N ILE B 266 -7.25 11.59 11.44
CA ILE B 266 -8.58 11.91 11.90
C ILE B 266 -9.52 11.80 10.70
N SER B 267 -10.55 10.99 10.86
CA SER B 267 -11.60 10.83 9.86
C SER B 267 -12.86 11.56 10.39
N VAL B 268 -13.22 12.64 9.73
CA VAL B 268 -14.39 13.43 10.09
C VAL B 268 -15.56 12.87 9.28
N VAL B 269 -16.29 11.95 9.89
CA VAL B 269 -17.36 11.20 9.22
C VAL B 269 -18.71 11.85 9.48
N GLY B 270 -18.97 12.22 10.75
CA GLY B 270 -20.19 12.91 11.10
C GLY B 270 -20.26 14.28 10.43
N ILE B 271 -21.48 14.72 10.12
CA ILE B 271 -21.74 15.91 9.34
C ILE B 271 -22.48 16.94 10.19
N HIS B 272 -21.79 18.04 10.46
CA HIS B 272 -22.33 19.18 11.19
CA HIS B 272 -22.34 19.17 11.19
C HIS B 272 -21.87 20.44 10.43
N ALA B 273 -22.80 21.09 9.74
CA ALA B 273 -22.46 22.22 8.85
C ALA B 273 -21.63 23.28 9.55
N GLY B 274 -20.50 23.67 8.98
CA GLY B 274 -19.65 24.72 9.52
C GLY B 274 -18.48 24.19 10.34
N ALA B 275 -18.64 22.99 10.91
CA ALA B 275 -17.59 22.39 11.72
C ALA B 275 -16.45 21.92 10.81
N HIS B 276 -15.21 22.05 11.28
CA HIS B 276 -14.08 21.62 10.46
C HIS B 276 -12.84 21.42 11.29
N ALA B 277 -11.99 20.49 10.84
CA ALA B 277 -10.65 20.39 11.37
C ALA B 277 -9.82 21.54 10.87
N LYS B 278 -8.90 22.00 11.71
CA LYS B 278 -7.98 23.06 11.37
C LYS B 278 -6.59 22.46 11.23
N VAL B 279 -6.20 22.21 9.97
CA VAL B 279 -4.99 21.46 9.68
C VAL B 279 -3.91 22.44 9.28
N GLY B 280 -3.05 22.75 10.25
CA GLY B 280 -1.95 23.66 10.04
C GLY B 280 -0.92 23.46 11.13
N PHE B 281 0.25 23.99 10.90
CA PHE B 281 1.35 23.86 11.84
C PHE B 281 0.97 24.48 13.18
N TRP B 282 1.37 23.78 14.24
CA TRP B 282 1.03 24.12 15.63
C TRP B 282 -0.43 23.88 16.01
N MET B 283 -1.28 23.44 15.09
CA MET B 283 -2.70 23.17 15.38
C MET B 283 -3.02 21.67 15.36
N ILE B 284 -2.07 20.88 14.85
CA ILE B 284 -2.25 19.45 14.72
C ILE B 284 -0.84 18.83 14.70
N PRO B 285 -0.72 17.58 15.15
CA PRO B 285 0.63 16.99 15.08
C PRO B 285 1.14 16.79 13.65
N PHE B 286 2.48 16.77 13.54
CA PHE B 286 3.15 16.46 12.30
C PHE B 286 2.64 15.13 11.75
N GLY B 287 2.37 15.11 10.44
CA GLY B 287 2.01 13.87 9.77
C GLY B 287 0.62 13.31 10.04
N ALA B 288 -0.22 14.00 10.83
CA ALA B 288 -1.54 13.51 11.15
C ALA B 288 -2.50 14.00 10.08
N SER B 289 -2.94 13.08 9.23
CA SER B 289 -3.77 13.41 8.09
C SER B 289 -5.24 13.50 8.53
N VAL B 290 -6.00 14.32 7.81
CA VAL B 290 -7.41 14.50 8.10
C VAL B 290 -8.20 14.43 6.79
N VAL B 291 -9.35 13.79 6.84
CA VAL B 291 -10.22 13.66 5.66
C VAL B 291 -11.69 13.61 6.10
N THR B 292 -12.56 14.05 5.19
CA THR B 292 -14.02 13.79 5.26
C THR B 292 -14.35 12.70 4.23
N PRO B 293 -14.48 11.44 4.66
CA PRO B 293 -14.79 10.39 3.69
C PRO B 293 -16.27 10.42 3.36
N TYR B 294 -16.64 9.77 2.25
CA TYR B 294 -18.04 9.71 1.84
C TYR B 294 -18.42 8.28 1.50
N TRP B 295 -19.37 7.76 2.26
CA TRP B 295 -20.03 6.47 1.98
C TRP B 295 -18.97 5.39 1.77
N GLY B 296 -19.04 4.56 0.73
CA GLY B 296 -18.01 3.56 0.49
C GLY B 296 -18.09 2.96 -0.89
N THR B 297 -17.24 1.98 -1.13
CA THR B 297 -17.07 1.38 -2.44
C THR B 297 -17.83 0.08 -2.60
N ARG B 298 -17.97 -0.36 -3.84
CA ARG B 298 -18.69 -1.61 -4.15
C ARG B 298 -18.06 -2.82 -3.44
N SER B 299 -16.75 -2.95 -3.55
CA SER B 299 -16.06 -4.09 -2.97
C SER B 299 -16.08 -4.01 -1.44
N GLU B 300 -16.06 -2.80 -0.90
CA GLU B 300 -16.22 -2.61 0.54
C GLU B 300 -17.59 -3.10 1.04
N LEU B 301 -18.67 -2.82 0.31
CA LEU B 301 -19.97 -3.33 0.72
C LEU B 301 -19.96 -4.88 0.76
N MET B 302 -19.36 -5.51 -0.25
CA MET B 302 -19.23 -6.96 -0.25
C MET B 302 -18.47 -7.45 1.00
N GLU B 303 -17.41 -6.74 1.36
CA GLU B 303 -16.64 -7.08 2.55
C GLU B 303 -17.45 -6.90 3.83
N VAL B 304 -18.26 -5.86 3.91
CA VAL B 304 -19.15 -5.66 5.06
C VAL B 304 -20.15 -6.82 5.19
N VAL B 305 -20.74 -7.21 4.06
CA VAL B 305 -21.64 -8.35 4.03
C VAL B 305 -20.91 -9.61 4.51
N ALA B 306 -19.67 -9.78 4.05
CA ALA B 306 -18.87 -10.94 4.47
C ALA B 306 -18.59 -10.95 5.98
N LEU B 307 -18.34 -9.78 6.57
CA LEU B 307 -18.21 -9.69 8.03
C LEU B 307 -19.50 -10.13 8.74
N ALA B 308 -20.64 -9.65 8.24
CA ALA B 308 -21.92 -10.02 8.81
C ALA B 308 -22.17 -11.51 8.72
N ARG B 309 -21.92 -12.08 7.54
CA ARG B 309 -22.13 -13.50 7.33
C ARG B 309 -21.21 -14.36 8.21
N ALA B 310 -20.03 -13.84 8.55
CA ALA B 310 -19.07 -14.54 9.41
C ALA B 310 -19.37 -14.37 10.93
N GLY B 311 -20.43 -13.64 11.28
CA GLY B 311 -20.79 -13.45 12.68
C GLY B 311 -19.98 -12.37 13.39
N ARG B 312 -19.33 -11.48 12.64
CA ARG B 312 -18.48 -10.45 13.26
C ARG B 312 -19.19 -9.17 13.62
N LEU B 313 -20.44 -9.01 13.16
CA LEU B 313 -21.19 -7.78 13.38
C LEU B 313 -22.52 -8.07 14.06
N ASP B 314 -22.67 -7.57 15.28
CA ASP B 314 -23.92 -7.64 16.03
C ASP B 314 -24.57 -6.27 15.82
N ILE B 315 -25.51 -6.20 14.89
CA ILE B 315 -26.17 -4.95 14.58
C ILE B 315 -27.37 -4.74 15.50
N HIS B 316 -27.33 -3.68 16.29
CA HIS B 316 -28.40 -3.34 17.24
C HIS B 316 -29.46 -2.54 16.52
N THR B 317 -30.68 -3.08 16.50
CA THR B 317 -31.77 -2.43 15.79
C THR B 317 -33.05 -2.32 16.61
N GLU B 318 -33.94 -1.45 16.15
CA GLU B 318 -35.33 -1.41 16.58
C GLU B 318 -36.20 -1.36 15.32
N THR B 319 -37.23 -2.18 15.29
CA THR B 319 -38.09 -2.34 14.13
C THR B 319 -39.33 -1.46 14.18
N PHE B 320 -39.67 -0.88 13.04
CA PHE B 320 -40.85 -0.04 12.86
C PHE B 320 -41.62 -0.50 11.62
N THR B 321 -42.92 -0.26 11.61
CA THR B 321 -43.73 -0.42 10.39
C THR B 321 -43.59 0.83 9.51
N LEU B 322 -44.08 0.76 8.27
CA LEU B 322 -44.14 1.95 7.40
C LEU B 322 -44.98 3.06 8.01
N ASP B 323 -46.10 2.72 8.62
CA ASP B 323 -46.95 3.69 9.30
C ASP B 323 -46.23 4.42 10.46
N GLU B 324 -45.30 3.71 11.11
CA GLU B 324 -44.48 4.27 12.18
C GLU B 324 -43.24 5.04 11.71
N GLY B 325 -43.02 5.14 10.39
CA GLY B 325 -41.84 5.81 9.85
C GLY B 325 -41.63 7.21 10.39
N PRO B 326 -42.65 8.07 10.30
CA PRO B 326 -42.53 9.42 10.88
C PRO B 326 -42.24 9.44 12.39
N ALA B 327 -42.90 8.55 13.15
CA ALA B 327 -42.60 8.41 14.58
C ALA B 327 -41.15 7.97 14.82
N ALA B 328 -40.66 7.07 13.98
CA ALA B 328 -39.29 6.60 14.08
C ALA B 328 -38.27 7.75 13.85
N TYR B 329 -38.57 8.63 12.89
CA TYR B 329 -37.72 9.81 12.69
C TYR B 329 -37.72 10.75 13.89
N ARG B 330 -38.87 10.93 14.55
CA ARG B 330 -38.93 11.67 15.83
C ARG B 330 -38.05 11.02 16.90
N ARG B 331 -38.09 9.69 16.98
CA ARG B 331 -37.24 8.93 17.91
C ARG B 331 -35.75 9.17 17.63
N LEU B 332 -35.38 9.13 16.34
CA LEU B 332 -34.00 9.36 15.96
C LEU B 332 -33.56 10.80 16.33
N ARG B 333 -34.44 11.77 16.05
CA ARG B 333 -34.18 13.18 16.44
C ARG B 333 -33.92 13.36 17.92
N GLU B 334 -34.72 12.73 18.76
CA GLU B 334 -34.56 12.85 20.21
C GLU B 334 -33.45 11.95 20.77
N GLY B 335 -32.86 11.08 19.94
CA GLY B 335 -31.75 10.24 20.35
C GLY B 335 -32.14 9.01 21.18
N SER B 336 -33.33 8.47 20.93
CA SER B 336 -33.86 7.37 21.72
C SER B 336 -33.89 6.00 20.98
N ILE B 337 -33.21 5.90 19.84
CA ILE B 337 -33.02 4.60 19.16
C ILE B 337 -31.65 4.07 19.52
N ARG B 338 -31.62 2.93 20.22
CA ARG B 338 -30.36 2.32 20.67
C ARG B 338 -29.75 1.50 19.53
N GLY B 339 -29.03 2.17 18.65
CA GLY B 339 -28.47 1.55 17.45
C GLY B 339 -29.16 2.15 16.24
N ARG B 340 -29.69 1.26 15.37
CA ARG B 340 -30.32 1.67 14.11
C ARG B 340 -31.80 1.40 14.09
N GLY B 341 -32.56 2.41 13.67
CA GLY B 341 -33.97 2.21 13.38
C GLY B 341 -34.12 1.58 12.01
N VAL B 342 -35.00 0.59 11.91
CA VAL B 342 -35.22 -0.13 10.66
C VAL B 342 -36.72 -0.31 10.43
N VAL B 343 -37.19 0.14 9.27
CA VAL B 343 -38.57 -0.04 8.86
C VAL B 343 -38.68 -1.35 8.09
N VAL B 344 -39.65 -2.17 8.50
CA VAL B 344 -39.95 -3.44 7.82
C VAL B 344 -41.32 -3.31 7.17
N PRO B 345 -41.37 -3.18 5.83
CA PRO B 345 -42.68 -3.16 5.16
C PRO B 345 -43.43 -4.50 5.26
N THR B 346 -44.75 -4.45 5.50
CA THR B 346 -45.61 -5.64 5.47
C THR B 346 -46.70 -5.48 4.41
N MET C 1 37.42 27.86 14.91
CA MET C 1 36.84 27.76 13.52
C MET C 1 35.82 28.85 13.30
N LYS C 2 35.56 29.15 12.04
CA LYS C 2 34.54 30.11 11.67
C LYS C 2 33.16 29.45 11.62
N ALA C 3 32.15 30.16 12.10
CA ALA C 3 30.78 29.68 12.05
C ALA C 3 29.82 30.85 11.94
N VAL C 4 28.61 30.58 11.47
CA VAL C 4 27.55 31.59 11.43
C VAL C 4 26.50 31.21 12.49
N GLN C 5 26.28 32.11 13.44
CA GLN C 5 25.41 31.83 14.59
C GLN C 5 24.32 32.87 14.77
N TYR C 6 23.16 32.38 15.21
CA TYR C 6 22.12 33.23 15.78
C TYR C 6 22.45 33.37 17.26
N THR C 7 22.70 34.61 17.70
CA THR C 7 23.23 34.87 19.06
C THR C 7 22.35 35.72 20.01
N GLU C 8 21.40 36.48 19.47
CA GLU C 8 20.45 37.19 20.33
C GLU C 8 19.11 37.40 19.61
N ILE C 9 18.04 37.30 20.38
CA ILE C 9 16.68 37.31 19.84
C ILE C 9 16.43 38.61 19.08
N GLY C 10 15.91 38.48 17.85
CA GLY C 10 15.61 39.63 16.99
C GLY C 10 16.75 40.26 16.20
N SER C 11 17.98 39.75 16.38
CA SER C 11 19.14 40.25 15.63
C SER C 11 19.44 39.36 14.44
N GLU C 12 20.22 39.89 13.52
CA GLU C 12 20.73 39.10 12.40
C GLU C 12 21.79 38.12 12.92
N PRO C 13 21.96 36.99 12.22
CA PRO C 13 23.06 36.09 12.57
C PRO C 13 24.41 36.74 12.32
N VAL C 14 25.42 36.29 13.05
CA VAL C 14 26.76 36.88 12.99
C VAL C 14 27.81 35.81 12.72
N VAL C 15 28.91 36.22 12.09
CA VAL C 15 30.08 35.37 11.88
C VAL C 15 30.90 35.39 13.19
N VAL C 16 31.26 34.20 13.68
CA VAL C 16 31.98 34.07 14.95
C VAL C 16 33.20 33.16 14.78
N ASP C 17 34.06 33.18 15.80
CA ASP C 17 35.16 32.23 15.93
C ASP C 17 34.90 31.45 17.21
N ILE C 18 34.68 30.14 17.06
CA ILE C 18 34.40 29.24 18.20
C ILE C 18 35.32 28.02 18.07
N PRO C 19 35.53 27.27 19.18
CA PRO C 19 36.45 26.12 19.05
C PRO C 19 35.97 25.06 18.07
N THR C 20 36.93 24.49 17.34
CA THR C 20 36.64 23.33 16.49
C THR C 20 36.30 22.17 17.45
N PRO C 21 35.13 21.54 17.29
CA PRO C 21 34.74 20.46 18.21
C PRO C 21 35.53 19.17 17.95
N THR C 22 35.56 18.32 18.98
CA THR C 22 36.18 17.00 18.89
C THR C 22 35.01 16.03 19.12
N PRO C 23 34.95 14.94 18.32
CA PRO C 23 33.86 13.98 18.52
C PRO C 23 34.05 13.12 19.78
N GLY C 24 32.99 13.01 20.57
CA GLY C 24 32.92 12.03 21.67
C GLY C 24 32.55 10.66 21.13
N PRO C 25 32.43 9.65 22.02
CA PRO C 25 32.06 8.29 21.62
C PRO C 25 30.80 8.23 20.75
N GLY C 26 30.88 7.49 19.64
CA GLY C 26 29.79 7.36 18.70
C GLY C 26 29.61 8.53 17.72
N GLU C 27 30.25 9.67 17.98
CA GLU C 27 30.08 10.86 17.13
C GLU C 27 31.06 10.86 15.94
N ILE C 28 30.76 11.67 14.93
CA ILE C 28 31.62 11.88 13.78
C ILE C 28 31.81 13.39 13.56
N LEU C 29 33.05 13.79 13.33
CA LEU C 29 33.36 15.17 12.96
C LEU C 29 33.47 15.22 11.46
N LEU C 30 32.68 16.10 10.84
CA LEU C 30 32.75 16.36 9.41
C LEU C 30 33.45 17.67 9.14
N LYS C 31 34.27 17.68 8.08
CA LYS C 31 34.68 18.93 7.47
C LYS C 31 33.57 19.28 6.52
N VAL C 32 32.90 20.40 6.78
CA VAL C 32 31.72 20.77 5.99
C VAL C 32 32.16 21.24 4.60
N THR C 33 31.52 20.68 3.57
CA THR C 33 31.80 21.05 2.19
C THR C 33 30.68 21.96 1.62
N ALA C 34 29.49 21.90 2.19
CA ALA C 34 28.39 22.77 1.77
C ALA C 34 27.28 22.80 2.82
N ALA C 35 26.70 23.98 3.02
CA ALA C 35 25.67 24.19 4.05
C ALA C 35 24.54 25.02 3.45
N GLY C 36 23.35 24.44 3.36
CA GLY C 36 22.19 25.11 2.76
C GLY C 36 21.48 26.07 3.71
N LEU C 37 20.97 27.16 3.14
CA LEU C 37 20.09 28.09 3.86
C LEU C 37 18.67 27.71 3.53
N CYS C 38 17.80 27.75 4.54
CA CYS C 38 16.37 27.40 4.34
C CYS C 38 15.50 28.53 4.87
N HIS C 39 14.33 28.72 4.26
CA HIS C 39 13.39 29.74 4.74
C HIS C 39 12.96 29.48 6.19
N SER C 40 12.95 28.22 6.63
CA SER C 40 12.66 27.90 8.04
C SER C 40 13.61 28.63 9.00
N ASP C 41 14.84 28.87 8.56
CA ASP C 41 15.80 29.64 9.36
C ASP C 41 15.31 31.06 9.65
N ILE C 42 14.71 31.70 8.63
CA ILE C 42 14.11 33.03 8.79
C ILE C 42 12.97 32.97 9.81
N THR C 43 12.08 31.99 9.63
CA THR C 43 10.93 31.84 10.54
C THR C 43 11.40 31.67 11.99
N VAL C 44 12.36 30.79 12.20
CA VAL C 44 13.00 30.56 13.52
C VAL C 44 13.61 31.84 14.10
N MET C 45 14.34 32.58 13.28
CA MET C 45 14.99 33.80 13.76
C MET C 45 14.00 34.96 14.03
N ASP C 46 12.79 34.87 13.45
CA ASP C 46 11.74 35.86 13.69
C ASP C 46 10.83 35.53 14.88
N MET C 47 10.97 34.34 15.46
CA MET C 47 10.18 33.98 16.65
C MET C 47 10.56 34.87 17.84
N PRO C 48 9.57 35.23 18.67
CA PRO C 48 9.90 35.90 19.94
C PRO C 48 10.60 34.93 20.91
N ALA C 49 11.26 35.49 21.92
CA ALA C 49 12.00 34.70 22.92
C ALA C 49 11.22 33.49 23.48
N ALA C 50 9.93 33.70 23.78
CA ALA C 50 9.08 32.65 24.38
C ALA C 50 8.88 31.43 23.51
N GLN C 51 8.80 31.63 22.19
CA GLN C 51 8.59 30.54 21.24
C GLN C 51 9.91 29.91 20.74
N TYR C 52 10.96 30.72 20.58
CA TYR C 52 12.23 30.27 19.98
C TYR C 52 12.84 29.12 20.79
N ALA C 53 13.02 27.97 20.13
CA ALA C 53 13.46 26.73 20.78
C ALA C 53 14.88 26.28 20.40
N GLY C 54 15.62 27.12 19.68
CA GLY C 54 16.94 26.74 19.15
C GLY C 54 18.11 26.82 20.12
N GLY C 55 17.95 27.56 21.21
CA GLY C 55 19.05 27.84 22.15
C GLY C 55 19.94 28.93 21.58
N LEU C 56 20.63 29.63 22.47
CA LEU C 56 21.56 30.69 22.09
C LEU C 56 22.92 30.46 22.77
N PRO C 57 24.05 30.55 22.06
CA PRO C 57 24.12 30.74 20.61
C PRO C 57 23.71 29.47 19.86
N LEU C 58 23.39 29.62 18.58
CA LEU C 58 23.08 28.48 17.72
C LEU C 58 23.80 28.61 16.40
N THR C 59 24.64 27.64 16.06
CA THR C 59 25.22 27.54 14.74
C THR C 59 24.15 27.11 13.79
N LEU C 60 23.83 27.96 12.81
CA LEU C 60 22.75 27.67 11.88
C LEU C 60 23.16 26.57 10.89
N GLY C 61 22.15 26.01 10.22
CA GLY C 61 22.37 25.15 9.06
C GLY C 61 21.89 23.73 9.31
N HIS C 62 20.72 23.42 8.80
CA HIS C 62 20.21 22.07 8.91
C HIS C 62 20.28 21.30 7.58
N GLU C 63 20.93 21.90 6.57
CA GLU C 63 21.26 21.26 5.32
C GLU C 63 22.78 21.12 5.22
N GLY C 64 23.31 19.94 5.50
CA GLY C 64 24.76 19.77 5.59
C GLY C 64 25.27 18.57 4.79
N VAL C 65 26.37 18.80 4.05
CA VAL C 65 27.21 17.73 3.53
C VAL C 65 28.65 18.01 3.88
N GLY C 66 29.44 16.95 3.94
CA GLY C 66 30.82 17.11 4.30
C GLY C 66 31.63 15.88 4.01
N THR C 67 32.87 15.91 4.49
CA THR C 67 33.74 14.76 4.42
C THR C 67 34.10 14.38 5.85
N VAL C 68 34.16 13.09 6.12
CA VAL C 68 34.49 12.60 7.44
C VAL C 68 35.91 13.05 7.78
N ALA C 69 36.04 13.84 8.84
CA ALA C 69 37.35 14.34 9.28
C ALA C 69 37.94 13.52 10.42
N GLU C 70 37.11 13.21 11.42
CA GLU C 70 37.54 12.44 12.58
C GLU C 70 36.42 11.55 13.09
N LEU C 71 36.79 10.33 13.45
CA LEU C 71 35.86 9.35 13.99
C LEU C 71 35.92 9.38 15.50
N GLY C 72 34.77 9.50 16.15
CA GLY C 72 34.72 9.32 17.60
C GLY C 72 34.97 7.89 18.01
N GLU C 73 35.30 7.69 19.28
CA GLU C 73 35.51 6.35 19.85
C GLU C 73 34.40 5.36 19.44
N GLY C 74 34.80 4.22 18.92
CA GLY C 74 33.89 3.14 18.55
C GLY C 74 33.27 3.25 17.18
N VAL C 75 33.39 4.37 16.49
CA VAL C 75 32.78 4.53 15.15
C VAL C 75 33.70 3.89 14.13
N THR C 76 33.17 2.91 13.39
CA THR C 76 33.95 2.15 12.42
C THR C 76 33.26 1.96 11.08
N GLY C 77 32.06 2.47 10.84
CA GLY C 77 31.33 2.21 9.61
C GLY C 77 31.53 3.24 8.50
N PHE C 78 32.43 4.20 8.73
CA PHE C 78 32.88 5.21 7.79
C PHE C 78 34.39 5.38 7.91
N GLY C 79 35.02 5.78 6.82
CA GLY C 79 36.46 6.09 6.77
C GLY C 79 36.68 7.59 6.63
N VAL C 80 37.82 8.03 7.12
CA VAL C 80 38.23 9.43 6.97
C VAL C 80 38.27 9.78 5.48
N GLY C 81 37.69 10.93 5.12
CA GLY C 81 37.52 11.32 3.71
C GLY C 81 36.20 10.99 3.04
N ASP C 82 35.39 10.09 3.60
CA ASP C 82 34.11 9.71 2.96
C ASP C 82 33.18 10.91 2.87
N ALA C 83 32.60 11.10 1.69
CA ALA C 83 31.66 12.19 1.46
C ALA C 83 30.29 11.73 1.91
N VAL C 84 29.67 12.53 2.77
CA VAL C 84 28.40 12.17 3.40
C VAL C 84 27.45 13.35 3.49
N ALA C 85 26.15 13.01 3.47
CA ALA C 85 25.08 13.95 3.73
C ALA C 85 24.53 13.66 5.12
N VAL C 86 24.09 14.71 5.80
CA VAL C 86 23.60 14.61 7.15
C VAL C 86 22.08 14.47 7.14
N TYR C 87 21.61 13.36 7.68
CA TYR C 87 20.21 13.17 7.96
C TYR C 87 19.83 14.03 9.16
N GLY C 88 18.90 14.97 8.96
CA GLY C 88 18.66 16.05 9.91
C GLY C 88 17.70 15.83 11.07
N PRO C 89 16.54 15.14 10.84
CA PRO C 89 15.56 15.08 11.94
C PRO C 89 15.86 13.96 12.94
N TRP C 90 16.84 14.21 13.78
CA TRP C 90 17.36 13.18 14.66
C TRP C 90 16.27 12.70 15.61
N GLY C 91 16.13 11.38 15.73
CA GLY C 91 15.24 10.76 16.71
C GLY C 91 15.98 9.83 17.65
N CYS C 92 15.20 9.15 18.49
CA CYS C 92 15.75 8.29 19.54
C CYS C 92 16.42 7.02 18.97
N GLY C 93 16.02 6.62 17.77
CA GLY C 93 16.56 5.43 17.12
C GLY C 93 15.92 4.10 17.54
N ALA C 94 15.04 4.12 18.53
CA ALA C 94 14.57 2.92 19.23
C ALA C 94 13.05 2.68 19.20
N CYS C 95 12.26 3.74 19.04
CA CYS C 95 10.80 3.63 19.02
C CYS C 95 10.32 3.00 17.70
N HIS C 96 9.03 2.72 17.64
CA HIS C 96 8.46 2.07 16.44
C HIS C 96 8.64 2.86 15.14
N ALA C 97 8.42 4.19 15.20
CA ALA C 97 8.75 5.05 14.07
C ALA C 97 10.24 5.03 13.70
N CYS C 98 11.12 5.20 14.69
CA CYS C 98 12.55 5.21 14.42
C CYS C 98 13.05 3.85 13.89
N ALA C 99 12.47 2.76 14.36
CA ALA C 99 12.85 1.42 13.88
C ALA C 99 12.59 1.27 12.38
N ARG C 100 11.62 2.01 11.85
CA ARG C 100 11.35 2.07 10.42
C ARG C 100 12.11 3.17 9.68
N GLY C 101 13.04 3.83 10.36
CA GLY C 101 13.79 4.94 9.80
C GLY C 101 13.06 6.26 9.80
N ARG C 102 11.86 6.30 10.39
CA ARG C 102 11.00 7.47 10.30
C ARG C 102 11.27 8.36 11.50
N GLU C 103 12.51 8.81 11.64
CA GLU C 103 12.90 9.54 12.86
C GLU C 103 12.28 10.93 12.90
N ASN C 104 11.86 11.40 11.74
CA ASN C 104 11.03 12.62 11.62
C ASN C 104 9.74 12.52 12.44
N TYR C 105 9.21 11.30 12.60
CA TYR C 105 8.00 11.07 13.40
C TYR C 105 8.30 10.38 14.74
N CYS C 106 9.52 10.57 15.25
CA CYS C 106 9.93 9.98 16.53
C CYS C 106 9.04 10.50 17.66
N THR C 107 8.55 9.60 18.49
CA THR C 107 7.67 9.92 19.61
C THR C 107 8.42 10.21 20.92
N ARG C 108 9.74 10.06 20.94
CA ARG C 108 10.53 10.19 22.17
C ARG C 108 11.57 11.34 22.16
N ALA C 109 11.78 11.96 21.00
CA ALA C 109 12.84 12.96 20.82
C ALA C 109 12.72 14.13 21.79
N ALA C 110 11.51 14.70 21.89
CA ALA C 110 11.26 15.82 22.83
C ALA C 110 11.69 15.44 24.25
N ASP C 111 11.14 14.33 24.76
CA ASP C 111 11.43 13.87 26.13
C ASP C 111 12.91 13.57 26.38
N LEU C 112 13.61 13.06 25.39
CA LEU C 112 15.04 12.79 25.55
C LEU C 112 15.95 14.01 25.25
N GLY C 113 15.35 15.14 24.88
CA GLY C 113 16.12 16.36 24.56
C GLY C 113 16.89 16.28 23.25
N ILE C 114 16.41 15.49 22.30
CA ILE C 114 17.11 15.29 21.03
C ILE C 114 16.61 16.36 20.08
N THR C 115 17.55 17.17 19.57
CA THR C 115 17.20 18.25 18.65
C THR C 115 18.03 18.14 17.36
N PRO C 116 17.52 18.69 16.24
CA PRO C 116 18.28 18.63 14.99
C PRO C 116 19.47 19.60 14.92
N PRO C 117 20.49 19.24 14.13
CA PRO C 117 21.54 20.20 13.82
C PRO C 117 20.94 21.43 13.15
N GLY C 118 21.30 22.62 13.64
CA GLY C 118 20.73 23.86 13.11
C GLY C 118 19.46 24.33 13.79
N TYR C 119 18.95 23.57 14.76
CA TYR C 119 17.83 24.03 15.59
C TYR C 119 17.78 23.33 16.94
N GLY C 120 18.79 23.61 17.77
CA GLY C 120 18.95 23.03 19.10
C GLY C 120 20.29 22.35 19.27
N SER C 121 20.83 21.82 18.18
CA SER C 121 22.19 21.26 18.15
C SER C 121 23.00 22.04 17.10
N PRO C 122 24.32 22.05 17.21
CA PRO C 122 25.09 22.93 16.29
C PRO C 122 24.96 22.47 14.81
N GLY C 123 24.67 23.40 13.92
CA GLY C 123 24.46 23.14 12.52
C GLY C 123 25.70 23.07 11.64
N SER C 124 25.44 23.10 10.34
CA SER C 124 26.44 22.88 9.32
C SER C 124 27.09 24.18 8.79
N MET C 125 26.61 25.37 9.20
CA MET C 125 27.16 26.61 8.69
C MET C 125 28.39 27.01 9.51
N ALA C 126 29.43 26.19 9.35
CA ALA C 126 30.68 26.28 10.07
C ALA C 126 31.71 25.45 9.31
N GLU C 127 32.99 25.64 9.61
CA GLU C 127 34.03 24.87 8.93
C GLU C 127 33.90 23.35 9.22
N TYR C 128 33.48 23.03 10.44
CA TYR C 128 33.31 21.66 10.88
C TYR C 128 31.98 21.50 11.60
N MET C 129 31.47 20.26 11.64
CA MET C 129 30.27 19.96 12.43
C MET C 129 30.31 18.54 12.98
N ILE C 130 29.63 18.36 14.11
CA ILE C 130 29.48 17.09 14.78
C ILE C 130 28.16 16.46 14.34
N VAL C 131 28.21 15.16 14.05
CA VAL C 131 27.02 14.33 13.84
C VAL C 131 27.02 13.30 14.97
N ASP C 132 25.84 13.13 15.58
CA ASP C 132 25.68 12.35 16.80
C ASP C 132 25.91 10.85 16.65
N SER C 133 25.62 10.31 15.47
CA SER C 133 25.64 8.88 15.27
C SER C 133 25.80 8.54 13.78
N ALA C 134 26.38 7.39 13.50
CA ALA C 134 26.64 6.92 12.13
C ALA C 134 25.37 6.76 11.28
N ARG C 135 24.27 6.36 11.93
CA ARG C 135 23.01 6.19 11.24
C ARG C 135 22.45 7.51 10.69
N HIS C 136 22.97 8.66 11.14
CA HIS C 136 22.59 9.95 10.59
C HIS C 136 23.49 10.47 9.45
N LEU C 137 24.33 9.58 8.90
CA LEU C 137 25.14 9.89 7.73
C LEU C 137 24.74 8.97 6.58
N VAL C 138 24.64 9.55 5.38
CA VAL C 138 24.35 8.82 4.16
C VAL C 138 25.46 9.13 3.14
N PRO C 139 26.08 8.10 2.53
CA PRO C 139 27.13 8.37 1.53
C PRO C 139 26.59 9.03 0.25
N ILE C 140 27.33 10.01 -0.27
CA ILE C 140 27.00 10.69 -1.53
C ILE C 140 27.99 10.42 -2.66
N GLY C 141 29.08 9.69 -2.37
CA GLY C 141 30.13 9.41 -3.35
C GLY C 141 30.67 10.70 -3.93
N ASP C 142 30.80 10.77 -5.25
CA ASP C 142 31.39 11.93 -5.91
C ASP C 142 30.38 13.05 -6.25
N LEU C 143 29.19 13.07 -5.65
CA LEU C 143 28.28 14.19 -5.90
C LEU C 143 28.90 15.54 -5.54
N ASP C 144 28.72 16.51 -6.41
CA ASP C 144 29.11 17.89 -6.14
C ASP C 144 28.47 18.34 -4.80
N PRO C 145 29.29 18.73 -3.80
CA PRO C 145 28.70 19.13 -2.51
C PRO C 145 27.70 20.29 -2.57
N VAL C 146 27.96 21.29 -3.41
CA VAL C 146 27.09 22.47 -3.49
C VAL C 146 25.65 22.08 -3.85
N ALA C 147 25.49 21.23 -4.85
CA ALA C 147 24.17 20.75 -5.26
C ALA C 147 23.64 19.64 -4.35
N ALA C 148 24.52 18.97 -3.60
CA ALA C 148 24.12 17.92 -2.66
C ALA C 148 23.53 18.45 -1.35
N ALA C 149 24.01 19.58 -0.84
CA ALA C 149 23.55 20.05 0.47
C ALA C 149 22.04 20.21 0.53
N PRO C 150 21.43 20.81 -0.49
CA PRO C 150 19.97 20.96 -0.46
C PRO C 150 19.18 19.67 -0.51
N LEU C 151 19.79 18.57 -0.93
CA LEU C 151 19.11 17.28 -0.93
C LEU C 151 18.60 16.91 0.46
N THR C 152 19.29 17.38 1.50
CA THR C 152 18.98 17.02 2.89
C THR C 152 17.69 17.65 3.46
N ASP C 153 17.12 18.62 2.74
CA ASP C 153 15.87 19.24 3.19
C ASP C 153 15.05 19.75 2.01
N ALA C 154 15.62 20.62 1.18
CA ALA C 154 14.94 21.03 -0.06
C ALA C 154 14.58 19.85 -0.92
N GLY C 155 15.39 18.79 -0.90
CA GLY C 155 15.04 17.54 -1.56
C GLY C 155 14.21 16.62 -0.67
N LEU C 156 14.71 16.30 0.52
CA LEU C 156 14.05 15.36 1.44
C LEU C 156 12.61 15.72 1.80
N THR C 157 12.34 16.98 2.11
CA THR C 157 11.01 17.37 2.58
C THR C 157 9.95 17.21 1.48
N PRO C 158 10.18 17.77 0.27
CA PRO C 158 9.21 17.49 -0.82
C PRO C 158 9.12 16.03 -1.15
N TYR C 159 10.25 15.32 -1.09
CA TYR C 159 10.25 13.91 -1.42
C TYR C 159 9.31 13.13 -0.48
N HIS C 160 9.39 13.42 0.81
CA HIS C 160 8.53 12.78 1.80
C HIS C 160 7.07 13.16 1.57
N ALA C 161 6.81 14.43 1.35
CA ALA C 161 5.44 14.92 1.11
C ALA C 161 4.79 14.21 -0.09
N ILE C 162 5.55 14.10 -1.17
CA ILE C 162 5.11 13.41 -2.37
C ILE C 162 4.93 11.90 -2.10
N SER C 163 5.91 11.30 -1.42
CA SER C 163 5.88 9.86 -1.13
C SER C 163 4.66 9.41 -0.35
N ARG C 164 4.15 10.28 0.53
CA ARG C 164 2.96 9.94 1.31
C ARG C 164 1.77 9.56 0.43
N VAL C 165 1.68 10.14 -0.77
CA VAL C 165 0.53 9.92 -1.65
C VAL C 165 0.93 9.52 -3.06
N LEU C 166 2.12 8.96 -3.23
CA LEU C 166 2.61 8.62 -4.56
C LEU C 166 1.66 7.72 -5.35
N PRO C 167 0.99 6.73 -4.68
CA PRO C 167 0.05 5.89 -5.43
C PRO C 167 -1.14 6.64 -6.07
N LEU C 168 -1.46 7.85 -5.59
CA LEU C 168 -2.49 8.67 -6.25
C LEU C 168 -2.05 9.24 -7.59
N LEU C 169 -0.74 9.34 -7.82
CA LEU C 169 -0.18 10.17 -8.90
C LEU C 169 0.15 9.32 -10.11
N GLY C 170 -0.86 8.61 -10.60
CA GLY C 170 -0.73 7.76 -11.77
C GLY C 170 -0.85 8.55 -13.05
N PRO C 171 -0.73 7.87 -14.19
CA PRO C 171 -0.95 8.52 -15.46
C PRO C 171 -2.33 9.14 -15.51
N GLY C 172 -2.39 10.38 -15.98
CA GLY C 172 -3.67 11.12 -16.00
C GLY C 172 -3.87 12.01 -14.78
N SER C 173 -3.07 11.85 -13.75
CA SER C 173 -3.13 12.72 -12.59
C SER C 173 -2.46 14.07 -12.85
N THR C 174 -2.82 15.02 -11.98
CA THR C 174 -2.21 16.33 -11.98
C THR C 174 -1.74 16.64 -10.58
N ALA C 175 -0.51 17.14 -10.49
CA ALA C 175 0.02 17.65 -9.23
C ALA C 175 0.30 19.15 -9.38
N VAL C 176 -0.22 19.94 -8.44
CA VAL C 176 0.04 21.37 -8.37
C VAL C 176 1.16 21.58 -7.34
N VAL C 177 2.15 22.40 -7.70
CA VAL C 177 3.24 22.79 -6.81
C VAL C 177 3.07 24.29 -6.60
N ILE C 178 2.82 24.70 -5.36
CA ILE C 178 2.70 26.12 -5.04
C ILE C 178 3.95 26.57 -4.31
N GLY C 179 4.67 27.52 -4.94
CA GLY C 179 5.92 28.09 -4.42
C GLY C 179 7.10 27.42 -5.05
N VAL C 180 7.75 28.09 -5.98
CA VAL C 180 8.90 27.53 -6.74
C VAL C 180 10.21 28.15 -6.20
N GLY C 181 10.48 27.84 -4.94
CA GLY C 181 11.68 28.23 -4.27
C GLY C 181 12.62 27.08 -4.08
N GLY C 182 13.36 27.12 -2.97
CA GLY C 182 14.26 26.03 -2.61
C GLY C 182 13.59 24.67 -2.70
N LEU C 183 12.53 24.48 -1.93
CA LEU C 183 11.79 23.23 -1.90
C LEU C 183 11.03 22.99 -3.19
N GLY C 184 10.25 23.98 -3.61
CA GLY C 184 9.35 23.78 -4.75
C GLY C 184 10.02 23.42 -6.06
N HIS C 185 11.16 24.03 -6.35
CA HIS C 185 11.87 23.75 -7.60
C HIS C 185 12.41 22.31 -7.61
N VAL C 186 12.71 21.76 -6.43
CA VAL C 186 13.10 20.36 -6.32
C VAL C 186 11.88 19.44 -6.39
N GLY C 187 10.78 19.84 -5.72
CA GLY C 187 9.51 19.09 -5.75
C GLY C 187 9.00 18.81 -7.16
N ILE C 188 9.08 19.81 -8.04
CA ILE C 188 8.69 19.65 -9.44
C ILE C 188 9.47 18.48 -10.09
N GLN C 189 10.75 18.45 -9.84
CA GLN C 189 11.65 17.46 -10.44
C GLN C 189 11.44 16.07 -9.87
N ILE C 190 11.17 15.98 -8.58
CA ILE C 190 10.82 14.70 -7.94
C ILE C 190 9.53 14.16 -8.57
N LEU C 191 8.52 15.00 -8.70
CA LEU C 191 7.27 14.55 -9.35
C LEU C 191 7.49 13.99 -10.74
N ARG C 192 8.33 14.65 -11.53
CA ARG C 192 8.63 14.20 -12.89
C ARG C 192 9.42 12.87 -12.89
N ALA C 193 10.28 12.69 -11.90
CA ALA C 193 11.10 11.48 -11.81
C ALA C 193 10.37 10.23 -11.30
N VAL C 194 9.46 10.39 -10.34
CA VAL C 194 8.85 9.23 -9.65
C VAL C 194 7.38 9.00 -10.00
N SER C 195 6.82 9.87 -10.86
CA SER C 195 5.42 9.78 -11.26
C SER C 195 5.24 10.18 -12.70
N ALA C 196 4.06 9.86 -13.25
CA ALA C 196 3.64 10.36 -14.52
C ALA C 196 2.65 11.54 -14.39
N ALA C 197 2.59 12.19 -13.23
CA ALA C 197 1.69 13.34 -13.05
C ALA C 197 2.06 14.49 -13.98
N ARG C 198 1.05 15.18 -14.47
CA ARG C 198 1.24 16.47 -15.12
C ARG C 198 1.47 17.48 -13.98
N VAL C 199 2.46 18.36 -14.12
CA VAL C 199 2.84 19.26 -13.03
C VAL C 199 2.52 20.71 -13.39
N ILE C 200 1.71 21.35 -12.55
CA ILE C 200 1.37 22.76 -12.72
C ILE C 200 2.03 23.52 -11.57
N ALA C 201 2.92 24.45 -11.91
CA ALA C 201 3.59 25.28 -10.90
C ALA C 201 2.89 26.61 -10.72
N VAL C 202 2.95 27.13 -9.51
CA VAL C 202 2.23 28.36 -9.13
C VAL C 202 3.20 29.20 -8.31
N ASP C 203 3.38 30.46 -8.70
CA ASP C 203 4.24 31.39 -7.96
C ASP C 203 3.75 32.82 -8.20
N LEU C 204 4.12 33.73 -7.31
CA LEU C 204 3.84 35.16 -7.49
C LEU C 204 4.75 35.78 -8.57
N ASP C 205 5.93 35.21 -8.77
CA ASP C 205 6.99 35.87 -9.49
C ASP C 205 7.19 35.19 -10.86
N ASP C 206 7.05 35.97 -11.96
CA ASP C 206 7.30 35.45 -13.30
C ASP C 206 8.63 34.74 -13.50
N ASP C 207 9.68 35.24 -12.84
CA ASP C 207 10.98 34.58 -12.95
C ASP C 207 11.00 33.20 -12.28
N ARG C 208 10.22 33.03 -11.21
CA ARG C 208 10.11 31.72 -10.58
C ARG C 208 9.23 30.78 -11.45
N LEU C 209 8.25 31.33 -12.16
CA LEU C 209 7.49 30.52 -13.12
C LEU C 209 8.42 30.05 -14.24
N ALA C 210 9.34 30.90 -14.68
CA ALA C 210 10.35 30.51 -15.69
C ALA C 210 11.23 29.38 -15.13
N LEU C 211 11.70 29.54 -13.88
CA LEU C 211 12.45 28.47 -13.22
C LEU C 211 11.67 27.15 -13.21
N ALA C 212 10.38 27.24 -12.90
CA ALA C 212 9.52 26.06 -12.88
C ALA C 212 9.52 25.33 -14.23
N ARG C 213 9.37 26.09 -15.31
CA ARG C 213 9.39 25.51 -16.67
C ARG C 213 10.77 24.95 -16.98
N GLU C 214 11.82 25.65 -16.56
CA GLU C 214 13.21 25.17 -16.71
C GLU C 214 13.45 23.79 -16.08
N VAL C 215 12.79 23.51 -14.95
CA VAL C 215 12.99 22.23 -14.25
C VAL C 215 11.90 21.19 -14.53
N GLY C 216 11.03 21.47 -15.50
CA GLY C 216 10.12 20.47 -16.03
C GLY C 216 8.63 20.59 -15.75
N ALA C 217 8.20 21.70 -15.14
CA ALA C 217 6.74 21.95 -15.00
C ALA C 217 6.07 22.00 -16.36
N ASP C 218 4.90 21.37 -16.47
CA ASP C 218 4.13 21.36 -17.72
C ASP C 218 3.43 22.67 -17.95
N ALA C 219 3.07 23.37 -16.88
CA ALA C 219 2.39 24.66 -16.99
C ALA C 219 2.74 25.48 -15.77
N ALA C 220 2.55 26.80 -15.91
CA ALA C 220 2.92 27.72 -14.87
C ALA C 220 1.80 28.74 -14.74
N VAL C 221 1.39 29.00 -13.51
CA VAL C 221 0.23 29.83 -13.22
C VAL C 221 0.66 30.90 -12.19
N LYS C 222 0.20 32.12 -12.42
CA LYS C 222 0.35 33.19 -11.46
C LYS C 222 -0.48 32.93 -10.20
N SER C 223 0.15 33.01 -9.02
CA SER C 223 -0.55 32.84 -7.76
C SER C 223 -1.47 34.01 -7.48
N GLY C 224 -2.38 33.85 -6.52
CA GLY C 224 -3.32 34.91 -6.17
C GLY C 224 -4.74 34.56 -6.58
N ALA C 225 -5.58 35.59 -6.66
CA ALA C 225 -7.03 35.38 -6.77
C ALA C 225 -7.46 34.60 -8.00
N GLY C 226 -6.73 34.75 -9.11
CA GLY C 226 -7.06 34.06 -10.36
C GLY C 226 -6.52 32.63 -10.49
N ALA C 227 -5.72 32.19 -9.53
CA ALA C 227 -5.00 30.92 -9.66
C ALA C 227 -5.92 29.71 -9.71
N ALA C 228 -6.90 29.66 -8.83
CA ALA C 228 -7.82 28.52 -8.79
C ALA C 228 -8.54 28.33 -10.12
N ASP C 229 -9.09 29.41 -10.67
CA ASP C 229 -9.77 29.33 -11.96
C ASP C 229 -8.79 28.91 -13.08
N ALA C 230 -7.57 29.45 -13.06
CA ALA C 230 -6.57 29.12 -14.08
C ALA C 230 -6.18 27.64 -14.03
N ILE C 231 -5.99 27.12 -12.81
CA ILE C 231 -5.69 25.70 -12.61
C ILE C 231 -6.84 24.82 -13.11
N ARG C 232 -8.07 25.20 -12.76
CA ARG C 232 -9.24 24.43 -13.23
C ARG C 232 -9.43 24.43 -14.74
N GLU C 233 -9.07 25.52 -15.39
CA GLU C 233 -9.05 25.60 -16.86
C GLU C 233 -8.06 24.57 -17.44
N LEU C 234 -6.92 24.40 -16.78
CA LEU C 234 -5.95 23.41 -17.21
C LEU C 234 -6.40 21.96 -16.91
N THR C 235 -7.03 21.72 -15.76
CA THR C 235 -7.43 20.35 -15.35
C THR C 235 -8.83 19.95 -15.84
N GLY C 236 -9.59 20.91 -16.33
CA GLY C 236 -10.90 20.71 -16.87
C GLY C 236 -11.99 20.27 -15.94
N GLY C 237 -12.02 20.75 -14.69
CA GLY C 237 -13.24 20.56 -13.87
C GLY C 237 -13.16 19.47 -12.83
N GLN C 238 -12.39 18.41 -13.09
CA GLN C 238 -12.10 17.42 -12.05
C GLN C 238 -11.14 17.99 -11.00
N GLY C 239 -10.39 19.02 -11.34
CA GLY C 239 -9.42 19.61 -10.42
C GLY C 239 -8.13 18.80 -10.38
N ALA C 240 -7.29 19.13 -9.42
CA ALA C 240 -5.95 18.56 -9.29
C ALA C 240 -5.94 17.40 -8.31
N THR C 241 -5.35 16.29 -8.72
CA THR C 241 -5.21 15.11 -7.87
C THR C 241 -4.52 15.44 -6.53
N ALA C 242 -3.41 16.17 -6.61
CA ALA C 242 -2.68 16.58 -5.42
C ALA C 242 -2.18 17.99 -5.53
N VAL C 243 -2.16 18.69 -4.39
CA VAL C 243 -1.60 20.01 -4.31
C VAL C 243 -0.52 19.99 -3.23
N PHE C 244 0.70 20.31 -3.62
CA PHE C 244 1.83 20.42 -2.69
C PHE C 244 2.10 21.89 -2.49
N ASP C 245 1.69 22.41 -1.32
CA ASP C 245 1.76 23.82 -1.03
C ASP C 245 3.00 24.09 -0.21
N PHE C 246 4.04 24.59 -0.89
CA PHE C 246 5.31 24.94 -0.26
C PHE C 246 5.34 26.37 0.25
N VAL C 247 4.19 27.05 0.23
CA VAL C 247 4.08 28.39 0.82
C VAL C 247 3.32 28.28 2.15
N GLY C 248 2.10 27.73 2.09
CA GLY C 248 1.30 27.48 3.28
C GLY C 248 0.69 28.71 3.90
N ALA C 249 0.53 29.78 3.11
CA ALA C 249 -0.18 30.96 3.57
C ALA C 249 -1.68 30.64 3.47
N GLN C 250 -2.52 31.43 4.14
CA GLN C 250 -3.94 31.15 4.05
C GLN C 250 -4.45 31.20 2.59
N SER C 251 -3.94 32.17 1.84
CA SER C 251 -4.37 32.34 0.43
C SER C 251 -4.03 31.12 -0.42
N THR C 252 -2.84 30.54 -0.21
CA THR C 252 -2.41 29.37 -0.99
C THR C 252 -3.15 28.11 -0.57
N ILE C 253 -3.40 27.96 0.72
CA ILE C 253 -4.19 26.84 1.23
C ILE C 253 -5.62 26.93 0.68
N ASP C 254 -6.17 28.14 0.64
CA ASP C 254 -7.49 28.35 0.07
C ASP C 254 -7.52 27.97 -1.42
N THR C 255 -6.53 28.40 -2.17
CA THR C 255 -6.37 27.98 -3.58
C THR C 255 -6.35 26.46 -3.67
N ALA C 256 -5.56 25.84 -2.80
CA ALA C 256 -5.45 24.38 -2.79
C ALA C 256 -6.82 23.72 -2.57
N GLN C 257 -7.58 24.19 -1.60
CA GLN C 257 -8.90 23.61 -1.36
C GLN C 257 -9.89 23.83 -2.52
N GLN C 258 -9.73 24.94 -3.22
CA GLN C 258 -10.59 25.28 -4.35
C GLN C 258 -10.26 24.51 -5.63
N VAL C 259 -9.09 23.88 -5.70
CA VAL C 259 -8.72 23.11 -6.89
C VAL C 259 -8.57 21.61 -6.67
N VAL C 260 -8.44 21.14 -5.43
CA VAL C 260 -8.17 19.71 -5.21
C VAL C 260 -9.36 18.86 -5.69
N ALA C 261 -9.02 17.69 -6.22
CA ALA C 261 -10.01 16.73 -6.72
C ALA C 261 -10.64 15.95 -5.58
N VAL C 262 -11.83 15.41 -5.87
CA VAL C 262 -12.45 14.37 -5.04
C VAL C 262 -11.45 13.23 -4.87
N ASP C 263 -11.28 12.77 -3.62
CA ASP C 263 -10.33 11.68 -3.29
C ASP C 263 -8.88 12.05 -3.62
N GLY C 264 -8.57 13.34 -3.58
CA GLY C 264 -7.20 13.84 -3.80
C GLY C 264 -6.49 14.14 -2.48
N HIS C 265 -5.52 15.06 -2.55
CA HIS C 265 -4.67 15.33 -1.40
C HIS C 265 -4.15 16.75 -1.43
N ILE C 266 -4.08 17.37 -0.25
CA ILE C 266 -3.35 18.62 -0.09
C ILE C 266 -2.28 18.39 0.96
N SER C 267 -1.04 18.68 0.59
CA SER C 267 0.09 18.63 1.52
C SER C 267 0.49 20.07 1.84
N VAL C 268 0.28 20.47 3.09
CA VAL C 268 0.62 21.82 3.55
C VAL C 268 2.05 21.73 4.11
N VAL C 269 3.02 22.04 3.26
CA VAL C 269 4.44 21.89 3.57
C VAL C 269 5.01 23.21 4.07
N GLY C 270 4.69 24.31 3.38
CA GLY C 270 5.11 25.62 3.82
C GLY C 270 4.50 26.00 5.18
N ILE C 271 5.27 26.76 5.94
CA ILE C 271 4.94 27.08 7.33
C ILE C 271 4.69 28.59 7.46
N HIS C 272 3.43 28.93 7.73
CA HIS C 272 2.99 30.28 7.98
C HIS C 272 2.06 30.23 9.20
N ALA C 273 2.54 30.72 10.34
CA ALA C 273 1.83 30.59 11.63
C ALA C 273 0.40 31.11 11.51
N GLY C 274 -0.58 30.29 11.92
CA GLY C 274 -1.99 30.74 11.93
C GLY C 274 -2.76 30.22 10.72
N ALA C 275 -2.06 30.00 9.60
CA ALA C 275 -2.70 29.53 8.40
C ALA C 275 -3.06 28.06 8.57
N HIS C 276 -4.20 27.66 8.01
CA HIS C 276 -4.62 26.25 8.13
C HIS C 276 -5.66 25.88 7.09
N ALA C 277 -5.64 24.62 6.69
CA ALA C 277 -6.73 24.07 5.89
C ALA C 277 -7.95 23.89 6.78
N LYS C 278 -9.12 24.09 6.20
CA LYS C 278 -10.37 23.92 6.89
C LYS C 278 -11.04 22.67 6.31
N VAL C 279 -10.90 21.54 7.02
CA VAL C 279 -11.30 20.24 6.50
C VAL C 279 -12.63 19.87 7.13
N GLY C 280 -13.70 20.10 6.36
CA GLY C 280 -15.05 19.85 6.82
C GLY C 280 -15.97 19.74 5.60
N PHE C 281 -17.12 19.17 5.83
CA PHE C 281 -18.11 19.00 4.78
C PHE C 281 -18.51 20.36 4.20
N TRP C 282 -18.65 20.38 2.87
CA TRP C 282 -18.92 21.58 2.07
C TRP C 282 -17.74 22.58 1.99
N MET C 283 -16.61 22.29 2.62
CA MET C 283 -15.43 23.17 2.56
C MET C 283 -14.29 22.56 1.77
N ILE C 284 -14.40 21.27 1.46
CA ILE C 284 -13.39 20.54 0.75
C ILE C 284 -14.10 19.35 0.07
N PRO C 285 -13.56 18.86 -1.04
CA PRO C 285 -14.22 17.68 -1.65
C PRO C 285 -14.16 16.44 -0.78
N PHE C 286 -15.14 15.56 -1.00
CA PHE C 286 -15.18 14.25 -0.37
C PHE C 286 -13.86 13.53 -0.63
N GLY C 287 -13.33 12.90 0.41
CA GLY C 287 -12.14 12.07 0.28
C GLY C 287 -10.81 12.76 0.06
N ALA C 288 -10.78 14.09 0.05
CA ALA C 288 -9.54 14.81 -0.20
C ALA C 288 -8.83 15.02 1.14
N SER C 289 -7.76 14.29 1.33
CA SER C 289 -7.05 14.29 2.61
C SER C 289 -6.08 15.46 2.67
N VAL C 290 -5.82 15.93 3.90
CA VAL C 290 -4.91 17.04 4.11
C VAL C 290 -3.94 16.69 5.25
N VAL C 291 -2.68 17.06 5.08
CA VAL C 291 -1.65 16.80 6.10
C VAL C 291 -0.61 17.91 6.11
N THR C 292 0.01 18.12 7.27
CA THR C 292 1.27 18.89 7.40
C THR C 292 2.40 17.88 7.61
N PRO C 293 3.15 17.55 6.55
CA PRO C 293 4.24 16.59 6.74
C PRO C 293 5.44 17.31 7.36
N TYR C 294 6.39 16.53 7.91
CA TYR C 294 7.58 17.08 8.51
C TYR C 294 8.82 16.34 8.03
N TRP C 295 9.70 17.09 7.37
CA TRP C 295 11.02 16.62 6.95
C TRP C 295 10.90 15.27 6.20
N GLY C 296 11.70 14.25 6.53
CA GLY C 296 11.55 12.96 5.88
C GLY C 296 12.30 11.86 6.59
N THR C 297 12.28 10.68 6.00
CA THR C 297 12.81 9.48 6.60
C THR C 297 14.21 9.13 6.11
N ARG C 298 14.87 8.23 6.82
CA ARG C 298 16.23 7.82 6.47
C ARG C 298 16.30 7.22 5.06
N SER C 299 15.40 6.30 4.77
CA SER C 299 15.41 5.64 3.46
C SER C 299 15.03 6.61 2.37
N GLU C 300 14.15 7.57 2.68
CA GLU C 300 13.85 8.63 1.72
C GLU C 300 15.06 9.48 1.36
N LEU C 301 15.89 9.84 2.35
CA LEU C 301 17.10 10.59 2.02
C LEU C 301 18.01 9.78 1.06
N MET C 302 18.15 8.48 1.30
CA MET C 302 18.93 7.63 0.40
C MET C 302 18.35 7.67 -1.02
N GLU C 303 17.01 7.65 -1.11
CA GLU C 303 16.35 7.71 -2.41
C GLU C 303 16.58 9.06 -3.09
N VAL C 304 16.55 10.15 -2.32
CA VAL C 304 16.85 11.47 -2.90
C VAL C 304 18.27 11.52 -3.45
N VAL C 305 19.23 11.00 -2.68
CA VAL C 305 20.60 10.93 -3.14
C VAL C 305 20.69 10.09 -4.43
N ALA C 306 19.94 8.98 -4.48
CA ALA C 306 19.92 8.15 -5.68
C ALA C 306 19.36 8.89 -6.91
N LEU C 307 18.33 9.71 -6.71
CA LEU C 307 17.83 10.55 -7.79
C LEU C 307 18.92 11.53 -8.31
N ALA C 308 19.62 12.16 -7.37
CA ALA C 308 20.70 13.08 -7.73
C ALA C 308 21.80 12.36 -8.49
N ARG C 309 22.22 11.20 -8.00
CA ARG C 309 23.28 10.44 -8.65
C ARG C 309 22.88 9.96 -10.06
N ALA C 310 21.58 9.74 -10.27
CA ALA C 310 21.07 9.33 -11.59
C ALA C 310 20.83 10.50 -12.56
N GLY C 311 21.13 11.73 -12.13
CA GLY C 311 20.98 12.90 -13.00
C GLY C 311 19.57 13.43 -13.09
N ARG C 312 18.69 13.06 -12.15
CA ARG C 312 17.28 13.45 -12.21
C ARG C 312 16.97 14.78 -11.54
N LEU C 313 17.93 15.33 -10.80
CA LEU C 313 17.71 16.56 -10.05
C LEU C 313 18.75 17.63 -10.42
N ASP C 314 18.29 18.70 -11.04
CA ASP C 314 19.11 19.86 -11.38
C ASP C 314 18.83 20.86 -10.26
N ILE C 315 19.73 20.91 -9.27
CA ILE C 315 19.54 21.78 -8.12
C ILE C 315 20.12 23.16 -8.43
N HIS C 316 19.26 24.18 -8.42
CA HIS C 316 19.67 25.56 -8.70
C HIS C 316 20.15 26.20 -7.44
N THR C 317 21.40 26.63 -7.45
CA THR C 317 22.04 27.19 -6.26
C THR C 317 22.76 28.50 -6.55
N GLU C 318 23.02 29.24 -5.46
CA GLU C 318 23.97 30.32 -5.46
C GLU C 318 24.91 30.12 -4.26
N THR C 319 26.21 30.27 -4.52
CA THR C 319 27.23 29.98 -3.51
C THR C 319 27.64 31.25 -2.73
N PHE C 320 27.82 31.07 -1.44
CA PHE C 320 28.28 32.11 -0.53
C PHE C 320 29.43 31.59 0.33
N THR C 321 30.28 32.48 0.79
CA THR C 321 31.30 32.15 1.81
C THR C 321 30.65 32.21 3.21
N LEU C 322 31.36 31.73 4.22
CA LEU C 322 30.91 31.89 5.61
C LEU C 322 30.74 33.35 6.01
N ASP C 323 31.67 34.19 5.58
CA ASP C 323 31.59 35.64 5.85
C ASP C 323 30.33 36.27 5.24
N GLU C 324 29.89 35.73 4.10
CA GLU C 324 28.67 36.19 3.42
C GLU C 324 27.37 35.59 3.97
N GLY C 325 27.45 34.72 4.98
CA GLY C 325 26.27 34.05 5.54
C GLY C 325 25.14 35.00 5.91
N PRO C 326 25.43 36.01 6.72
CA PRO C 326 24.40 36.99 7.08
C PRO C 326 23.80 37.72 5.86
N ALA C 327 24.66 38.12 4.91
CA ALA C 327 24.19 38.73 3.66
C ALA C 327 23.28 37.77 2.88
N ALA C 328 23.64 36.49 2.85
CA ALA C 328 22.84 35.48 2.18
C ALA C 328 21.43 35.34 2.81
N TYR C 329 21.36 35.42 4.14
CA TYR C 329 20.04 35.42 4.81
C TYR C 329 19.19 36.64 4.45
N ARG C 330 19.82 37.82 4.32
CA ARG C 330 19.13 39.02 3.81
C ARG C 330 18.58 38.78 2.39
N ARG C 331 19.39 38.13 1.54
CA ARG C 331 18.96 37.79 0.17
C ARG C 331 17.75 36.86 0.20
N LEU C 332 17.80 35.84 1.06
CA LEU C 332 16.69 34.91 1.19
C LEU C 332 15.42 35.63 1.67
N ARG C 333 15.57 36.51 2.66
CA ARG C 333 14.44 37.34 3.15
C ARG C 333 13.77 38.16 2.07
N GLU C 334 14.57 38.81 1.23
CA GLU C 334 14.01 39.64 0.16
C GLU C 334 13.57 38.83 -1.07
N GLY C 335 13.84 37.53 -1.10
CA GLY C 335 13.41 36.65 -2.19
C GLY C 335 14.24 36.77 -3.46
N SER C 336 15.53 37.02 -3.32
CA SER C 336 16.42 37.23 -4.47
C SER C 336 17.42 36.09 -4.72
N ILE C 337 17.23 34.94 -4.07
CA ILE C 337 18.04 33.74 -4.37
C ILE C 337 17.20 32.84 -5.28
N ARG C 338 17.71 32.62 -6.49
CA ARG C 338 16.99 31.82 -7.48
C ARG C 338 17.24 30.33 -7.25
N GLY C 339 16.48 29.75 -6.34
CA GLY C 339 16.70 28.36 -5.90
C GLY C 339 17.20 28.36 -4.46
N ARG C 340 18.31 27.68 -4.21
CA ARG C 340 18.86 27.50 -2.86
C ARG C 340 20.16 28.24 -2.65
N GLY C 341 20.24 28.98 -1.56
CA GLY C 341 21.52 29.54 -1.13
C GLY C 341 22.34 28.46 -0.45
N VAL C 342 23.62 28.40 -0.77
CA VAL C 342 24.53 27.39 -0.19
C VAL C 342 25.84 28.03 0.22
N VAL C 343 26.21 27.86 1.49
CA VAL C 343 27.48 28.35 2.01
C VAL C 343 28.53 27.26 1.81
N VAL C 344 29.66 27.64 1.24
CA VAL C 344 30.80 26.75 1.05
C VAL C 344 31.94 27.24 1.94
N PRO C 345 32.24 26.53 3.04
CA PRO C 345 33.38 26.95 3.87
C PRO C 345 34.73 26.73 3.17
N THR C 346 35.66 27.68 3.34
CA THR C 346 37.06 27.50 2.87
C THR C 346 38.04 27.57 4.04
N MET D 1 -18.71 -8.97 -44.49
CA MET D 1 -17.47 -8.19 -44.16
C MET D 1 -16.25 -9.09 -44.23
N LYS D 2 -15.10 -8.49 -44.40
CA LYS D 2 -13.84 -9.21 -44.41
C LYS D 2 -13.33 -9.42 -42.98
N ALA D 3 -12.78 -10.61 -42.74
CA ALA D 3 -12.21 -10.94 -41.43
C ALA D 3 -11.07 -11.92 -41.61
N VAL D 4 -10.19 -11.98 -40.63
CA VAL D 4 -9.12 -12.98 -40.58
C VAL D 4 -9.47 -13.99 -39.49
N GLN D 5 -9.60 -15.26 -39.88
CA GLN D 5 -10.04 -16.30 -38.95
C GLN D 5 -9.08 -17.48 -38.90
N TYR D 6 -8.96 -18.04 -37.70
CA TYR D 6 -8.40 -19.37 -37.50
C TYR D 6 -9.56 -20.36 -37.70
N THR D 7 -9.44 -21.24 -38.70
CA THR D 7 -10.56 -22.10 -39.14
C THR D 7 -10.36 -23.63 -39.02
N GLU D 8 -9.12 -24.10 -38.94
CA GLU D 8 -8.87 -25.52 -38.68
C GLU D 8 -7.53 -25.72 -37.98
N ILE D 9 -7.52 -26.70 -37.07
CA ILE D 9 -6.39 -26.94 -36.17
C ILE D 9 -5.12 -27.20 -36.98
N GLY D 10 -4.05 -26.49 -36.64
CA GLY D 10 -2.75 -26.63 -37.31
C GLY D 10 -2.54 -25.89 -38.63
N SER D 11 -3.57 -25.19 -39.13
CA SER D 11 -3.47 -24.43 -40.37
C SER D 11 -3.21 -22.96 -40.08
N GLU D 12 -2.74 -22.26 -41.10
CA GLU D 12 -2.60 -20.82 -41.03
C GLU D 12 -4.00 -20.16 -41.05
N PRO D 13 -4.12 -18.97 -40.43
CA PRO D 13 -5.39 -18.25 -40.53
C PRO D 13 -5.66 -17.82 -41.97
N VAL D 14 -6.94 -17.64 -42.28
CA VAL D 14 -7.38 -17.31 -43.63
C VAL D 14 -8.26 -16.07 -43.64
N VAL D 15 -8.24 -15.36 -44.77
CA VAL D 15 -9.13 -14.22 -45.01
C VAL D 15 -10.48 -14.78 -45.46
N VAL D 16 -11.57 -14.32 -44.83
CA VAL D 16 -12.91 -14.83 -45.11
C VAL D 16 -13.89 -13.68 -45.33
N ASP D 17 -15.07 -14.01 -45.83
CA ASP D 17 -16.20 -13.10 -45.92
C ASP D 17 -17.30 -13.69 -45.04
N ILE D 18 -17.66 -12.97 -43.98
CA ILE D 18 -18.70 -13.41 -43.04
C ILE D 18 -19.68 -12.25 -42.82
N PRO D 19 -20.92 -12.52 -42.33
CA PRO D 19 -21.85 -11.40 -42.18
C PRO D 19 -21.38 -10.34 -41.17
N THR D 20 -21.66 -9.08 -41.52
CA THR D 20 -21.44 -7.99 -40.58
C THR D 20 -22.45 -8.19 -39.43
N PRO D 21 -21.96 -8.26 -38.17
CA PRO D 21 -22.89 -8.50 -37.05
C PRO D 21 -23.73 -7.27 -36.71
N THR D 22 -24.85 -7.51 -36.03
CA THR D 22 -25.74 -6.46 -35.53
C THR D 22 -25.70 -6.58 -34.01
N PRO D 23 -25.60 -5.45 -33.28
CA PRO D 23 -25.58 -5.55 -31.82
C PRO D 23 -26.95 -5.89 -31.23
N GLY D 24 -26.97 -6.86 -30.33
CA GLY D 24 -28.15 -7.14 -29.49
C GLY D 24 -28.20 -6.17 -28.32
N PRO D 25 -29.22 -6.31 -27.45
CA PRO D 25 -29.35 -5.47 -26.25
C PRO D 25 -28.06 -5.41 -25.40
N GLY D 26 -27.66 -4.19 -25.03
CA GLY D 26 -26.45 -3.96 -24.27
C GLY D 26 -25.16 -3.97 -25.06
N GLU D 27 -25.16 -4.49 -26.29
CA GLU D 27 -23.93 -4.60 -27.10
C GLU D 27 -23.63 -3.32 -27.90
N ILE D 28 -22.39 -3.19 -28.34
CA ILE D 28 -21.95 -2.09 -29.20
C ILE D 28 -21.23 -2.67 -30.43
N LEU D 29 -21.58 -2.15 -31.61
CA LEU D 29 -20.87 -2.51 -32.84
C LEU D 29 -19.86 -1.43 -33.10
N LEU D 30 -18.60 -1.83 -33.23
CA LEU D 30 -17.52 -0.93 -33.61
C LEU D 30 -17.13 -1.14 -35.07
N LYS D 31 -16.84 -0.03 -35.76
CA LYS D 31 -16.07 -0.09 -36.99
C LYS D 31 -14.63 -0.12 -36.56
N VAL D 32 -13.94 -1.22 -36.86
CA VAL D 32 -12.58 -1.39 -36.37
C VAL D 32 -11.64 -0.46 -37.15
N THR D 33 -10.79 0.27 -36.41
CA THR D 33 -9.81 1.16 -37.02
C THR D 33 -8.40 0.57 -36.94
N ALA D 34 -8.15 -0.33 -35.99
CA ALA D 34 -6.85 -1.01 -35.91
C ALA D 34 -6.96 -2.26 -35.04
N ALA D 35 -6.23 -3.31 -35.44
CA ALA D 35 -6.27 -4.61 -34.77
C ALA D 35 -4.85 -5.13 -34.62
N GLY D 36 -4.40 -5.30 -33.39
CA GLY D 36 -3.03 -5.76 -33.12
C GLY D 36 -2.85 -7.28 -33.22
N LEU D 37 -1.68 -7.70 -33.68
CA LEU D 37 -1.26 -9.08 -33.66
C LEU D 37 -0.42 -9.28 -32.43
N CYS D 38 -0.60 -10.41 -31.73
CA CYS D 38 0.14 -10.71 -30.51
C CYS D 38 0.78 -12.09 -30.63
N HIS D 39 1.94 -12.28 -30.00
CA HIS D 39 2.59 -13.60 -30.03
C HIS D 39 1.69 -14.68 -29.40
N SER D 40 0.83 -14.31 -28.45
CA SER D 40 -0.14 -15.26 -27.89
C SER D 40 -1.01 -15.90 -28.98
N ASP D 41 -1.28 -15.16 -30.06
CA ASP D 41 -2.03 -15.72 -31.19
C ASP D 41 -1.32 -16.92 -31.84
N ILE D 42 0.01 -16.81 -31.96
CA ILE D 42 0.84 -17.92 -32.47
C ILE D 42 0.71 -19.12 -31.53
N THR D 43 0.89 -18.88 -30.23
CA THR D 43 0.82 -19.93 -29.23
C THR D 43 -0.54 -20.67 -29.28
N VAL D 44 -1.61 -19.89 -29.32
CA VAL D 44 -2.99 -20.40 -29.47
C VAL D 44 -3.14 -21.24 -30.74
N MET D 45 -2.65 -20.73 -31.87
CA MET D 45 -2.80 -21.46 -33.13
C MET D 45 -1.92 -22.72 -33.22
N ASP D 46 -0.88 -22.80 -32.39
CA ASP D 46 -0.02 -23.98 -32.33
C ASP D 46 -0.49 -25.06 -31.33
N MET D 47 -1.52 -24.77 -30.52
CA MET D 47 -2.07 -25.77 -29.60
C MET D 47 -2.71 -26.93 -30.38
N PRO D 48 -2.57 -28.15 -29.85
CA PRO D 48 -3.34 -29.26 -30.43
C PRO D 48 -4.84 -29.12 -30.13
N ALA D 49 -5.66 -29.84 -30.89
CA ALA D 49 -7.13 -29.79 -30.77
C ALA D 49 -7.63 -29.87 -29.32
N ALA D 50 -7.06 -30.79 -28.53
CA ALA D 50 -7.50 -31.02 -27.14
C ALA D 50 -7.33 -29.83 -26.21
N GLN D 51 -6.26 -29.06 -26.41
CA GLN D 51 -5.97 -27.89 -25.58
C GLN D 51 -6.62 -26.59 -26.11
N TYR D 52 -6.72 -26.45 -27.44
CA TYR D 52 -7.20 -25.20 -28.07
C TYR D 52 -8.63 -24.87 -27.59
N ALA D 53 -8.76 -23.69 -26.96
CA ALA D 53 -10.02 -23.26 -26.33
C ALA D 53 -10.76 -22.11 -27.04
N GLY D 54 -10.29 -21.74 -28.23
CA GLY D 54 -10.82 -20.56 -28.94
C GLY D 54 -12.11 -20.76 -29.71
N GLY D 55 -12.46 -22.02 -30.01
CA GLY D 55 -13.58 -22.34 -30.88
C GLY D 55 -13.20 -22.14 -32.33
N LEU D 56 -13.89 -22.83 -33.22
CA LEU D 56 -13.68 -22.72 -34.67
C LEU D 56 -15.01 -22.47 -35.38
N PRO D 57 -15.10 -21.51 -36.31
CA PRO D 57 -14.02 -20.56 -36.65
C PRO D 57 -13.84 -19.52 -35.54
N LEU D 58 -12.69 -18.85 -35.55
CA LEU D 58 -12.43 -17.76 -34.62
C LEU D 58 -11.85 -16.56 -35.36
N THR D 59 -12.54 -15.43 -35.30
CA THR D 59 -11.98 -14.17 -35.77
C THR D 59 -10.92 -13.73 -34.79
N LEU D 60 -9.68 -13.64 -35.27
CA LEU D 60 -8.55 -13.32 -34.40
C LEU D 60 -8.60 -11.84 -34.00
N GLY D 61 -7.82 -11.52 -32.97
CA GLY D 61 -7.52 -10.14 -32.61
C GLY D 61 -8.09 -9.75 -31.26
N HIS D 62 -7.24 -9.78 -30.26
CA HIS D 62 -7.63 -9.35 -28.93
C HIS D 62 -7.07 -7.95 -28.57
N GLU D 63 -6.45 -7.28 -29.56
CA GLU D 63 -6.05 -5.90 -29.48
C GLU D 63 -6.88 -5.07 -30.46
N GLY D 64 -7.91 -4.38 -29.96
CA GLY D 64 -8.85 -3.71 -30.84
C GLY D 64 -9.15 -2.27 -30.44
N VAL D 65 -9.14 -1.38 -31.44
CA VAL D 65 -9.71 -0.04 -31.32
C VAL D 65 -10.63 0.22 -32.48
N GLY D 66 -11.58 1.12 -32.28
CA GLY D 66 -12.52 1.40 -33.33
C GLY D 66 -13.34 2.65 -33.05
N THR D 67 -14.34 2.84 -33.88
CA THR D 67 -15.30 3.91 -33.67
C THR D 67 -16.66 3.27 -33.50
N VAL D 68 -17.46 3.83 -32.59
CA VAL D 68 -18.78 3.29 -32.32
C VAL D 68 -19.62 3.48 -33.60
N ALA D 69 -20.09 2.35 -34.15
CA ALA D 69 -20.89 2.38 -35.37
C ALA D 69 -22.38 2.28 -35.08
N GLU D 70 -22.76 1.37 -34.19
CA GLU D 70 -24.15 1.18 -33.78
C GLU D 70 -24.24 0.79 -32.32
N LEU D 71 -25.23 1.39 -31.66
CA LEU D 71 -25.55 1.09 -30.27
C LEU D 71 -26.67 0.03 -30.23
N GLY D 72 -26.45 -1.03 -29.48
CA GLY D 72 -27.52 -1.98 -29.19
C GLY D 72 -28.58 -1.36 -28.28
N GLU D 73 -29.76 -1.99 -28.27
CA GLU D 73 -30.87 -1.57 -27.41
C GLU D 73 -30.42 -1.29 -25.96
N GLY D 74 -30.77 -0.11 -25.47
CA GLY D 74 -30.52 0.26 -24.08
C GLY D 74 -29.12 0.75 -23.74
N VAL D 75 -28.22 0.83 -24.74
CA VAL D 75 -26.84 1.25 -24.45
C VAL D 75 -26.77 2.77 -24.25
N THR D 76 -26.20 3.16 -23.11
CA THR D 76 -25.93 4.57 -22.83
C THR D 76 -24.45 4.84 -22.51
N GLY D 77 -24.09 6.11 -22.55
CA GLY D 77 -22.74 6.57 -22.21
C GLY D 77 -21.76 6.65 -23.36
N PHE D 78 -22.19 6.27 -24.57
CA PHE D 78 -21.39 6.48 -25.80
C PHE D 78 -22.26 6.99 -26.93
N GLY D 79 -21.67 7.77 -27.83
CA GLY D 79 -22.31 8.24 -29.05
C GLY D 79 -21.69 7.56 -30.26
N VAL D 80 -22.49 7.48 -31.33
CA VAL D 80 -21.99 7.03 -32.62
C VAL D 80 -20.83 7.92 -33.06
N GLY D 81 -19.75 7.32 -33.53
CA GLY D 81 -18.51 8.04 -33.88
C GLY D 81 -17.43 8.07 -32.80
N ASP D 82 -17.75 7.80 -31.54
CA ASP D 82 -16.75 7.86 -30.46
C ASP D 82 -15.63 6.86 -30.69
N ALA D 83 -14.39 7.34 -30.57
CA ALA D 83 -13.22 6.48 -30.71
C ALA D 83 -12.99 5.79 -29.37
N VAL D 84 -12.89 4.46 -29.42
CA VAL D 84 -12.78 3.66 -28.22
C VAL D 84 -11.78 2.52 -28.39
N ALA D 85 -11.22 2.12 -27.25
CA ALA D 85 -10.38 0.93 -27.14
C ALA D 85 -11.20 -0.14 -26.43
N VAL D 86 -10.94 -1.39 -26.80
CA VAL D 86 -11.69 -2.51 -26.24
C VAL D 86 -10.89 -3.10 -25.08
N TYR D 87 -11.49 -3.08 -23.89
CA TYR D 87 -10.97 -3.81 -22.74
C TYR D 87 -11.21 -5.30 -22.98
N GLY D 88 -10.14 -6.08 -23.02
CA GLY D 88 -10.20 -7.46 -23.50
C GLY D 88 -10.57 -8.59 -22.56
N PRO D 89 -10.07 -8.58 -21.29
CA PRO D 89 -10.31 -9.78 -20.44
C PRO D 89 -11.68 -9.74 -19.76
N TRP D 90 -12.72 -9.99 -20.53
CA TRP D 90 -14.08 -9.80 -20.06
C TRP D 90 -14.37 -10.72 -18.87
N GLY D 91 -14.94 -10.14 -17.81
CA GLY D 91 -15.40 -10.91 -16.66
C GLY D 91 -16.89 -10.74 -16.42
N CYS D 92 -17.37 -11.31 -15.29
CA CYS D 92 -18.79 -11.32 -14.96
C CYS D 92 -19.32 -9.92 -14.57
N GLY D 93 -18.44 -9.04 -14.14
CA GLY D 93 -18.80 -7.68 -13.73
C GLY D 93 -19.34 -7.53 -12.31
N ALA D 94 -19.54 -8.65 -11.61
CA ALA D 94 -20.31 -8.69 -10.35
C ALA D 94 -19.53 -9.21 -9.12
N CYS D 95 -18.51 -10.03 -9.33
CA CYS D 95 -17.74 -10.60 -8.24
C CYS D 95 -16.82 -9.56 -7.60
N HIS D 96 -16.19 -9.94 -6.51
CA HIS D 96 -15.30 -9.01 -5.77
C HIS D 96 -14.15 -8.44 -6.61
N ALA D 97 -13.48 -9.29 -7.38
CA ALA D 97 -12.48 -8.83 -8.34
C ALA D 97 -13.07 -7.89 -9.40
N CYS D 98 -14.18 -8.28 -10.04
CA CYS D 98 -14.78 -7.46 -11.07
C CYS D 98 -15.27 -6.11 -10.53
N ALA D 99 -15.77 -6.10 -9.29
CA ALA D 99 -16.24 -4.86 -8.67
C ALA D 99 -15.11 -3.83 -8.54
N ARG D 100 -13.88 -4.31 -8.43
CA ARG D 100 -12.69 -3.46 -8.43
C ARG D 100 -12.11 -3.18 -9.84
N GLY D 101 -12.81 -3.61 -10.88
CA GLY D 101 -12.33 -3.49 -12.25
C GLY D 101 -11.34 -4.55 -12.66
N ARG D 102 -11.09 -5.53 -11.80
CA ARG D 102 -10.02 -6.50 -12.02
C ARG D 102 -10.61 -7.72 -12.72
N GLU D 103 -11.19 -7.49 -13.89
CA GLU D 103 -11.95 -8.57 -14.56
C GLU D 103 -11.01 -9.64 -15.11
N ASN D 104 -9.75 -9.26 -15.27
CA ASN D 104 -8.68 -10.23 -15.57
C ASN D 104 -8.57 -11.34 -14.51
N TYR D 105 -8.92 -11.03 -13.26
CA TYR D 105 -8.92 -12.01 -12.17
C TYR D 105 -10.32 -12.43 -11.75
N CYS D 106 -11.29 -12.34 -12.68
CA CYS D 106 -12.67 -12.74 -12.41
C CYS D 106 -12.72 -14.22 -12.06
N THR D 107 -13.43 -14.54 -10.99
CA THR D 107 -13.58 -15.92 -10.50
C THR D 107 -14.78 -16.65 -11.09
N ARG D 108 -15.61 -15.99 -11.91
CA ARG D 108 -16.85 -16.59 -12.42
C ARG D 108 -16.93 -16.72 -13.95
N ALA D 109 -15.95 -16.14 -14.67
CA ALA D 109 -16.02 -16.05 -16.13
C ALA D 109 -16.10 -17.44 -16.80
N ALA D 110 -15.25 -18.37 -16.38
CA ALA D 110 -15.28 -19.74 -16.90
C ALA D 110 -16.68 -20.35 -16.78
N ASP D 111 -17.22 -20.35 -15.56
CA ASP D 111 -18.54 -20.95 -15.30
C ASP D 111 -19.67 -20.29 -16.08
N LEU D 112 -19.60 -18.98 -16.29
CA LEU D 112 -20.62 -18.28 -17.06
C LEU D 112 -20.39 -18.32 -18.60
N GLY D 113 -19.30 -18.95 -19.05
CA GLY D 113 -18.96 -19.04 -20.46
C GLY D 113 -18.49 -17.72 -21.09
N ILE D 114 -17.90 -16.85 -20.29
CA ILE D 114 -17.48 -15.54 -20.77
C ILE D 114 -16.08 -15.69 -21.28
N THR D 115 -15.85 -15.36 -22.55
CA THR D 115 -14.51 -15.45 -23.15
C THR D 115 -14.12 -14.11 -23.80
N PRO D 116 -12.80 -13.85 -23.94
CA PRO D 116 -12.37 -12.60 -24.55
C PRO D 116 -12.55 -12.55 -26.08
N PRO D 117 -12.73 -11.34 -26.62
CA PRO D 117 -12.66 -11.17 -28.07
C PRO D 117 -11.30 -11.63 -28.57
N GLY D 118 -11.29 -12.46 -29.62
CA GLY D 118 -10.07 -13.02 -30.16
C GLY D 118 -9.61 -14.32 -29.54
N TYR D 119 -10.33 -14.83 -28.53
CA TYR D 119 -10.07 -16.17 -28.00
C TYR D 119 -11.31 -16.76 -27.32
N GLY D 120 -12.31 -17.06 -28.15
CA GLY D 120 -13.59 -17.61 -27.71
C GLY D 120 -14.77 -16.77 -28.15
N SER D 121 -14.56 -15.46 -28.27
CA SER D 121 -15.55 -14.53 -28.84
C SER D 121 -14.91 -13.84 -30.06
N PRO D 122 -15.72 -13.31 -30.99
CA PRO D 122 -15.10 -12.81 -32.23
C PRO D 122 -14.21 -11.58 -31.97
N GLY D 123 -13.01 -11.59 -32.53
CA GLY D 123 -12.02 -10.54 -32.33
C GLY D 123 -12.12 -9.32 -33.24
N SER D 124 -11.04 -8.54 -33.19
CA SER D 124 -10.97 -7.26 -33.85
C SER D 124 -10.38 -7.30 -35.27
N MET D 125 -9.88 -8.45 -35.74
CA MET D 125 -9.25 -8.51 -37.06
C MET D 125 -10.33 -8.75 -38.13
N ALA D 126 -11.14 -7.71 -38.29
CA ALA D 126 -12.32 -7.73 -39.15
C ALA D 126 -12.75 -6.28 -39.36
N GLU D 127 -13.57 -6.01 -40.36
CA GLU D 127 -14.05 -4.64 -40.59
C GLU D 127 -14.86 -4.09 -39.42
N TYR D 128 -15.62 -4.97 -38.76
CA TYR D 128 -16.45 -4.61 -37.61
C TYR D 128 -16.30 -5.63 -36.49
N MET D 129 -16.60 -5.21 -35.27
CA MET D 129 -16.65 -6.16 -34.15
C MET D 129 -17.68 -5.75 -33.11
N ILE D 130 -18.17 -6.75 -32.38
CA ILE D 130 -19.13 -6.59 -31.31
C ILE D 130 -18.37 -6.53 -29.97
N VAL D 131 -18.79 -5.59 -29.12
CA VAL D 131 -18.37 -5.52 -27.72
C VAL D 131 -19.63 -5.76 -26.86
N ASP D 132 -19.48 -6.61 -25.84
CA ASP D 132 -20.60 -7.11 -25.05
C ASP D 132 -21.29 -6.09 -24.18
N SER D 133 -20.56 -5.08 -23.71
CA SER D 133 -21.08 -4.15 -22.73
C SER D 133 -20.24 -2.85 -22.72
N ALA D 134 -20.88 -1.76 -22.34
CA ALA D 134 -20.26 -0.42 -22.35
C ALA D 134 -19.04 -0.31 -21.42
N ARG D 135 -19.06 -1.05 -20.30
CA ARG D 135 -17.95 -1.05 -19.38
C ARG D 135 -16.66 -1.63 -19.98
N HIS D 136 -16.75 -2.32 -21.11
CA HIS D 136 -15.58 -2.81 -21.82
C HIS D 136 -15.05 -1.88 -22.94
N LEU D 137 -15.54 -0.64 -22.95
CA LEU D 137 -15.05 0.38 -23.87
C LEU D 137 -14.40 1.49 -23.06
N VAL D 138 -13.25 1.95 -23.54
CA VAL D 138 -12.54 3.07 -22.94
C VAL D 138 -12.30 4.15 -24.03
N PRO D 139 -12.68 5.41 -23.78
CA PRO D 139 -12.45 6.45 -24.82
C PRO D 139 -10.99 6.76 -25.04
N ILE D 140 -10.60 6.94 -26.29
CA ILE D 140 -9.22 7.31 -26.67
C ILE D 140 -9.12 8.71 -27.31
N GLY D 141 -10.24 9.39 -27.49
CA GLY D 141 -10.25 10.71 -28.13
C GLY D 141 -9.60 10.65 -29.50
N ASP D 142 -8.73 11.60 -29.78
CA ASP D 142 -8.08 11.69 -31.10
C ASP D 142 -6.78 10.87 -31.22
N LEU D 143 -6.52 9.91 -30.33
CA LEU D 143 -5.33 9.05 -30.51
C LEU D 143 -5.32 8.34 -31.87
N ASP D 144 -4.17 8.35 -32.52
CA ASP D 144 -3.95 7.58 -33.74
C ASP D 144 -4.32 6.09 -33.48
N PRO D 145 -5.30 5.53 -34.22
CA PRO D 145 -5.69 4.14 -33.97
C PRO D 145 -4.56 3.11 -34.10
N VAL D 146 -3.67 3.28 -35.08
CA VAL D 146 -2.59 2.30 -35.30
C VAL D 146 -1.72 2.13 -34.04
N ALA D 147 -1.32 3.25 -33.43
CA ALA D 147 -0.51 3.19 -32.22
C ALA D 147 -1.36 2.89 -30.98
N ALA D 148 -2.67 3.13 -31.04
CA ALA D 148 -3.58 2.84 -29.94
C ALA D 148 -3.92 1.36 -29.76
N ALA D 149 -4.04 0.61 -30.85
CA ALA D 149 -4.50 -0.80 -30.72
C ALA D 149 -3.62 -1.60 -29.80
N PRO D 150 -2.30 -1.49 -29.90
CA PRO D 150 -1.43 -2.24 -28.98
C PRO D 150 -1.54 -1.86 -27.50
N LEU D 151 -2.09 -0.69 -27.20
CA LEU D 151 -2.29 -0.29 -25.81
C LEU D 151 -3.15 -1.31 -25.04
N THR D 152 -4.04 -2.00 -25.77
CA THR D 152 -5.00 -2.91 -25.14
C THR D 152 -4.41 -4.22 -24.64
N ASP D 153 -3.15 -4.51 -24.98
CA ASP D 153 -2.49 -5.72 -24.49
C ASP D 153 -0.96 -5.54 -24.40
N ALA D 154 -0.31 -5.16 -25.50
CA ALA D 154 1.12 -4.81 -25.44
C ALA D 154 1.39 -3.73 -24.44
N GLY D 155 0.44 -2.79 -24.26
CA GLY D 155 0.53 -1.80 -23.21
C GLY D 155 -0.03 -2.30 -21.88
N LEU D 156 -1.28 -2.75 -21.89
CA LEU D 156 -1.98 -3.19 -20.66
C LEU D 156 -1.28 -4.29 -19.88
N THR D 157 -0.77 -5.32 -20.55
CA THR D 157 -0.18 -6.46 -19.85
C THR D 157 1.11 -6.08 -19.10
N PRO D 158 2.06 -5.42 -19.78
CA PRO D 158 3.24 -4.93 -19.01
C PRO D 158 2.87 -3.95 -17.95
N TYR D 159 1.88 -3.09 -18.23
CA TYR D 159 1.49 -2.09 -17.27
C TYR D 159 1.01 -2.75 -15.97
N HIS D 160 0.18 -3.78 -16.10
CA HIS D 160 -0.32 -4.51 -14.96
C HIS D 160 0.81 -5.21 -14.21
N ALA D 161 1.69 -5.88 -14.94
CA ALA D 161 2.84 -6.58 -14.35
C ALA D 161 3.71 -5.65 -13.51
N ILE D 162 4.00 -4.48 -14.08
CA ILE D 162 4.78 -3.44 -13.39
C ILE D 162 4.00 -2.88 -12.19
N SER D 163 2.71 -2.61 -12.38
CA SER D 163 1.88 -2.05 -11.32
C SER D 163 1.80 -2.90 -10.08
N ARG D 164 1.86 -4.22 -10.23
CA ARG D 164 1.80 -5.13 -9.08
C ARG D 164 2.91 -4.83 -8.06
N VAL D 165 4.08 -4.35 -8.54
CA VAL D 165 5.23 -4.13 -7.67
C VAL D 165 5.81 -2.73 -7.81
N LEU D 166 5.00 -1.76 -8.26
CA LEU D 166 5.51 -0.43 -8.48
C LEU D 166 6.17 0.19 -7.24
N PRO D 167 5.62 -0.07 -6.01
CA PRO D 167 6.28 0.51 -4.83
C PRO D 167 7.71 0.01 -4.59
N LEU D 168 8.11 -1.12 -5.16
CA LEU D 168 9.51 -1.57 -5.09
C LEU D 168 10.46 -0.73 -5.92
N LEU D 169 9.95 -0.03 -6.93
CA LEU D 169 10.78 0.54 -8.00
C LEU D 169 11.05 2.00 -7.76
N GLY D 170 11.63 2.28 -6.59
CA GLY D 170 11.99 3.63 -6.20
C GLY D 170 13.30 4.06 -6.81
N PRO D 171 13.71 5.29 -6.53
CA PRO D 171 15.04 5.72 -6.95
C PRO D 171 16.10 4.77 -6.38
N GLY D 172 17.04 4.41 -7.23
CA GLY D 172 18.07 3.44 -6.84
C GLY D 172 17.75 2.00 -7.21
N SER D 173 16.50 1.73 -7.59
CA SER D 173 16.12 0.40 -8.04
C SER D 173 16.55 0.14 -9.48
N THR D 174 16.57 -1.14 -9.83
CA THR D 174 16.83 -1.58 -11.19
C THR D 174 15.76 -2.54 -11.62
N ALA D 175 15.24 -2.32 -12.82
CA ALA D 175 14.30 -3.23 -13.46
C ALA D 175 14.92 -3.84 -14.72
N VAL D 176 14.90 -5.16 -14.82
CA VAL D 176 15.36 -5.87 -16.01
C VAL D 176 14.11 -6.22 -16.84
N VAL D 177 14.18 -5.96 -18.15
CA VAL D 177 13.15 -6.32 -19.10
C VAL D 177 13.76 -7.34 -20.04
N ILE D 178 13.23 -8.57 -20.04
CA ILE D 178 13.72 -9.63 -20.94
C ILE D 178 12.71 -9.79 -22.06
N GLY D 179 13.18 -9.55 -23.29
CA GLY D 179 12.38 -9.63 -24.51
C GLY D 179 11.87 -8.24 -24.90
N VAL D 180 12.45 -7.64 -25.93
CA VAL D 180 12.09 -6.29 -26.39
C VAL D 180 11.28 -6.40 -27.69
N GLY D 181 10.13 -7.05 -27.58
CA GLY D 181 9.19 -7.18 -28.68
C GLY D 181 8.00 -6.29 -28.47
N GLY D 182 6.83 -6.77 -28.89
CA GLY D 182 5.57 -6.02 -28.73
C GLY D 182 5.40 -5.52 -27.31
N LEU D 183 5.38 -6.46 -26.36
CA LEU D 183 5.19 -6.12 -24.95
C LEU D 183 6.41 -5.41 -24.37
N GLY D 184 7.57 -6.00 -24.58
CA GLY D 184 8.78 -5.49 -23.91
C GLY D 184 9.16 -4.07 -24.25
N HIS D 185 9.00 -3.68 -25.51
CA HIS D 185 9.37 -2.33 -25.93
C HIS D 185 8.42 -1.29 -25.30
N VAL D 186 7.19 -1.68 -24.99
CA VAL D 186 6.26 -0.81 -24.27
C VAL D 186 6.57 -0.84 -22.78
N GLY D 187 6.88 -2.02 -22.23
CA GLY D 187 7.27 -2.15 -20.81
C GLY D 187 8.42 -1.23 -20.40
N ILE D 188 9.44 -1.13 -21.24
CA ILE D 188 10.56 -0.20 -20.99
C ILE D 188 10.07 1.23 -20.79
N GLN D 189 9.17 1.64 -21.66
CA GLN D 189 8.64 3.01 -21.65
C GLN D 189 7.73 3.29 -20.45
N ILE D 190 6.94 2.28 -20.07
CA ILE D 190 6.11 2.38 -18.87
C ILE D 190 7.02 2.56 -17.64
N LEU D 191 8.05 1.72 -17.52
CA LEU D 191 8.99 1.86 -16.41
C LEU D 191 9.58 3.26 -16.30
N ARG D 192 9.97 3.84 -17.44
CA ARG D 192 10.55 5.17 -17.46
C ARG D 192 9.54 6.25 -17.08
N ALA D 193 8.28 6.05 -17.47
CA ALA D 193 7.22 7.02 -17.19
C ALA D 193 6.70 7.02 -15.73
N VAL D 194 6.59 5.84 -15.12
CA VAL D 194 5.93 5.72 -13.80
C VAL D 194 6.87 5.41 -12.64
N SER D 195 8.16 5.29 -12.93
CA SER D 195 9.17 4.97 -11.91
C SER D 195 10.47 5.68 -12.21
N ALA D 196 11.35 5.70 -11.19
CA ALA D 196 12.71 6.13 -11.38
C ALA D 196 13.69 4.93 -11.47
N ALA D 197 13.20 3.73 -11.77
CA ALA D 197 14.08 2.56 -11.92
C ALA D 197 15.07 2.75 -13.07
N ARG D 198 16.28 2.26 -12.88
CA ARG D 198 17.22 2.10 -13.97
C ARG D 198 16.75 0.85 -14.77
N VAL D 199 16.71 0.93 -16.08
CA VAL D 199 16.13 -0.14 -16.90
C VAL D 199 17.21 -0.81 -17.73
N ILE D 200 17.35 -2.12 -17.55
CA ILE D 200 18.28 -2.93 -18.29
C ILE D 200 17.46 -3.88 -19.18
N ALA D 201 17.64 -3.75 -20.49
CA ALA D 201 16.92 -4.58 -21.47
C ALA D 201 17.81 -5.75 -21.90
N VAL D 202 17.16 -6.86 -22.24
CA VAL D 202 17.83 -8.09 -22.64
C VAL D 202 17.08 -8.65 -23.84
N ASP D 203 17.79 -8.98 -24.92
CA ASP D 203 17.17 -9.62 -26.08
C ASP D 203 18.22 -10.44 -26.83
N LEU D 204 17.76 -11.41 -27.61
CA LEU D 204 18.65 -12.18 -28.49
C LEU D 204 19.16 -11.38 -29.68
N ASP D 205 18.39 -10.40 -30.11
CA ASP D 205 18.59 -9.72 -31.39
C ASP D 205 19.17 -8.31 -31.14
N ASP D 206 20.33 -8.06 -31.73
CA ASP D 206 21.04 -6.77 -31.59
C ASP D 206 20.19 -5.58 -32.03
N ASP D 207 19.37 -5.76 -33.07
CA ASP D 207 18.45 -4.70 -33.50
C ASP D 207 17.36 -4.40 -32.46
N ARG D 208 16.94 -5.41 -31.70
CA ARG D 208 15.98 -5.20 -30.62
C ARG D 208 16.67 -4.52 -29.43
N LEU D 209 17.95 -4.79 -29.22
CA LEU D 209 18.71 -4.04 -28.21
C LEU D 209 18.79 -2.57 -28.58
N ALA D 210 18.98 -2.29 -29.87
CA ALA D 210 18.99 -0.90 -30.36
C ALA D 210 17.60 -0.26 -30.11
N LEU D 211 16.53 -0.99 -30.43
CA LEU D 211 15.18 -0.53 -30.12
C LEU D 211 15.02 -0.18 -28.64
N ALA D 212 15.53 -1.06 -27.79
CA ALA D 212 15.45 -0.84 -26.34
C ALA D 212 16.09 0.50 -25.94
N ARG D 213 17.28 0.76 -26.47
CA ARG D 213 17.99 2.03 -26.17
C ARG D 213 17.19 3.21 -26.75
N GLU D 214 16.65 3.04 -27.95
CA GLU D 214 15.81 4.07 -28.59
C GLU D 214 14.61 4.49 -27.73
N VAL D 215 14.02 3.53 -26.99
CA VAL D 215 12.83 3.84 -26.17
C VAL D 215 13.14 4.06 -24.69
N GLY D 216 14.43 4.19 -24.36
CA GLY D 216 14.82 4.69 -23.05
C GLY D 216 15.51 3.73 -22.09
N ALA D 217 15.84 2.51 -22.51
CA ALA D 217 16.63 1.62 -21.67
C ALA D 217 18.01 2.24 -21.35
N ASP D 218 18.42 2.11 -20.10
CA ASP D 218 19.72 2.60 -19.65
C ASP D 218 20.86 1.72 -20.11
N ALA D 219 20.59 0.44 -20.29
CA ALA D 219 21.57 -0.48 -20.91
C ALA D 219 20.82 -1.59 -21.58
N ALA D 220 21.45 -2.21 -22.56
CA ALA D 220 20.79 -3.25 -23.34
C ALA D 220 21.81 -4.32 -23.61
N VAL D 221 21.54 -5.55 -23.16
CA VAL D 221 22.50 -6.62 -23.24
C VAL D 221 21.98 -7.91 -23.84
N LYS D 222 22.92 -8.64 -24.40
CA LYS D 222 22.61 -9.83 -25.18
C LYS D 222 22.10 -10.94 -24.26
N SER D 223 20.98 -11.55 -24.62
CA SER D 223 20.44 -12.69 -23.89
C SER D 223 21.31 -13.93 -24.06
N GLY D 224 21.06 -14.94 -23.24
CA GLY D 224 21.77 -16.22 -23.31
C GLY D 224 22.65 -16.41 -22.08
N ALA D 225 23.62 -17.31 -22.21
CA ALA D 225 24.37 -17.79 -21.05
C ALA D 225 25.15 -16.71 -20.31
N GLY D 226 25.61 -15.67 -21.02
CA GLY D 226 26.36 -14.58 -20.41
C GLY D 226 25.52 -13.46 -19.79
N ALA D 227 24.20 -13.51 -19.96
CA ALA D 227 23.36 -12.37 -19.60
C ALA D 227 23.34 -12.10 -18.09
N ALA D 228 23.20 -13.15 -17.28
CA ALA D 228 23.15 -12.99 -15.83
C ALA D 228 24.41 -12.30 -15.30
N ASP D 229 25.58 -12.76 -15.73
CA ASP D 229 26.84 -12.12 -15.32
C ASP D 229 26.93 -10.68 -15.79
N ALA D 230 26.50 -10.41 -17.02
CA ALA D 230 26.53 -9.04 -17.57
C ALA D 230 25.62 -8.09 -16.78
N ILE D 231 24.42 -8.58 -16.45
CA ILE D 231 23.47 -7.81 -15.62
C ILE D 231 24.07 -7.53 -14.23
N ARG D 232 24.65 -8.54 -13.61
CA ARG D 232 25.27 -8.36 -12.29
C ARG D 232 26.45 -7.40 -12.29
N GLU D 233 27.21 -7.37 -13.38
CA GLU D 233 28.27 -6.38 -13.56
C GLU D 233 27.70 -4.95 -13.57
N LEU D 234 26.54 -4.77 -14.20
CA LEU D 234 25.87 -3.48 -14.20
C LEU D 234 25.27 -3.12 -12.83
N THR D 235 24.68 -4.08 -12.12
CA THR D 235 24.00 -3.81 -10.84
C THR D 235 24.93 -3.88 -9.63
N GLY D 236 26.13 -4.44 -9.80
CA GLY D 236 26.92 -4.91 -8.61
C GLY D 236 26.19 -6.06 -7.90
N GLY D 237 26.77 -6.59 -6.83
CA GLY D 237 26.26 -7.80 -6.22
C GLY D 237 24.85 -7.78 -5.68
N GLN D 238 24.19 -6.64 -5.63
CA GLN D 238 22.82 -6.58 -5.11
C GLN D 238 21.85 -7.20 -6.12
N GLY D 239 22.19 -7.21 -7.41
CA GLY D 239 21.24 -7.72 -8.40
C GLY D 239 20.15 -6.73 -8.75
N ALA D 240 19.13 -7.22 -9.45
CA ALA D 240 18.04 -6.41 -9.94
C ALA D 240 16.84 -6.45 -9.03
N THR D 241 16.30 -5.29 -8.67
CA THR D 241 15.09 -5.21 -7.86
C THR D 241 13.92 -6.01 -8.45
N ALA D 242 13.70 -5.86 -9.75
CA ALA D 242 12.64 -6.59 -10.43
C ALA D 242 13.06 -7.04 -11.80
N VAL D 243 12.58 -8.22 -12.19
CA VAL D 243 12.81 -8.75 -13.51
C VAL D 243 11.45 -9.01 -14.14
N PHE D 244 11.19 -8.37 -15.27
CA PHE D 244 9.98 -8.57 -16.05
C PHE D 244 10.36 -9.40 -17.26
N ASP D 245 9.99 -10.69 -17.22
CA ASP D 245 10.37 -11.62 -18.25
C ASP D 245 9.23 -11.78 -19.24
N PHE D 246 9.35 -11.09 -20.37
CA PHE D 246 8.37 -11.16 -21.45
C PHE D 246 8.63 -12.28 -22.43
N VAL D 247 9.59 -13.16 -22.14
CA VAL D 247 9.84 -14.33 -22.94
C VAL D 247 9.27 -15.57 -22.21
N GLY D 248 9.74 -15.79 -20.98
CA GLY D 248 9.21 -16.83 -20.12
C GLY D 248 9.66 -18.22 -20.49
N ALA D 249 10.78 -18.33 -21.20
CA ALA D 249 11.38 -19.63 -21.49
C ALA D 249 12.12 -20.05 -20.22
N GLN D 250 12.46 -21.32 -20.10
CA GLN D 250 13.19 -21.77 -18.91
C GLN D 250 14.51 -21.00 -18.78
N SER D 251 15.20 -20.77 -19.90
CA SER D 251 16.50 -20.09 -19.86
C SER D 251 16.38 -18.66 -19.33
N THR D 252 15.32 -17.95 -19.72
CA THR D 252 15.12 -16.57 -19.28
C THR D 252 14.67 -16.50 -17.83
N ILE D 253 13.82 -17.43 -17.41
CA ILE D 253 13.41 -17.53 -16.01
C ILE D 253 14.64 -17.85 -15.14
N ASP D 254 15.50 -18.74 -15.62
CA ASP D 254 16.74 -19.06 -14.91
C ASP D 254 17.62 -17.79 -14.77
N THR D 255 17.81 -17.05 -15.85
CA THR D 255 18.51 -15.77 -15.80
C THR D 255 17.87 -14.85 -14.75
N ALA D 256 16.55 -14.77 -14.76
CA ALA D 256 15.84 -13.94 -13.79
C ALA D 256 16.16 -14.35 -12.35
N GLN D 257 16.12 -15.64 -12.05
CA GLN D 257 16.42 -16.09 -10.69
C GLN D 257 17.89 -15.84 -10.29
N GLN D 258 18.77 -15.88 -11.26
CA GLN D 258 20.19 -15.66 -11.04
C GLN D 258 20.56 -14.17 -10.84
N VAL D 259 19.67 -13.25 -11.21
CA VAL D 259 19.96 -11.82 -11.05
C VAL D 259 19.05 -11.09 -10.05
N VAL D 260 17.90 -11.66 -9.69
CA VAL D 260 16.97 -10.94 -8.81
C VAL D 260 17.58 -10.67 -7.44
N ALA D 261 17.24 -9.51 -6.90
CA ALA D 261 17.69 -9.08 -5.58
C ALA D 261 16.91 -9.75 -4.46
N VAL D 262 17.52 -9.78 -3.29
CA VAL D 262 16.83 -10.07 -2.03
C VAL D 262 15.64 -9.11 -1.91
N ASP D 263 14.48 -9.64 -1.55
CA ASP D 263 13.24 -8.85 -1.41
C ASP D 263 12.83 -8.16 -2.72
N GLY D 264 13.19 -8.77 -3.86
CA GLY D 264 12.81 -8.28 -5.18
C GLY D 264 11.61 -9.04 -5.76
N HIS D 265 11.53 -9.07 -7.09
CA HIS D 265 10.38 -9.63 -7.77
C HIS D 265 10.75 -10.15 -9.13
N ILE D 266 10.15 -11.28 -9.50
CA ILE D 266 10.19 -11.76 -10.87
C ILE D 266 8.77 -11.89 -11.36
N SER D 267 8.47 -11.23 -12.47
CA SER D 267 7.16 -11.32 -13.13
C SER D 267 7.37 -12.16 -14.40
N VAL D 268 6.79 -13.35 -14.41
CA VAL D 268 6.87 -14.25 -15.57
C VAL D 268 5.64 -13.93 -16.44
N VAL D 269 5.86 -13.09 -17.45
CA VAL D 269 4.80 -12.59 -18.31
C VAL D 269 4.72 -13.40 -19.59
N GLY D 270 5.87 -13.68 -20.21
CA GLY D 270 5.91 -14.50 -21.41
C GLY D 270 5.46 -15.93 -21.11
N ILE D 271 4.85 -16.56 -22.11
CA ILE D 271 4.20 -17.85 -21.97
C ILE D 271 4.92 -18.91 -22.80
N HIS D 272 5.55 -19.85 -22.13
CA HIS D 272 6.22 -20.98 -22.75
C HIS D 272 5.85 -22.23 -21.92
N ALA D 273 5.00 -23.09 -22.47
CA ALA D 273 4.44 -24.24 -21.75
C ALA D 273 5.55 -25.09 -21.11
N GLY D 274 5.43 -25.36 -19.81
CA GLY D 274 6.38 -26.22 -19.10
C GLY D 274 7.43 -25.42 -18.34
N ALA D 275 7.73 -24.19 -18.79
CA ALA D 275 8.72 -23.37 -18.15
C ALA D 275 8.17 -22.85 -16.82
N HIS D 276 9.02 -22.75 -15.81
CA HIS D 276 8.57 -22.26 -14.52
C HIS D 276 9.70 -21.79 -13.65
N ALA D 277 9.42 -20.80 -12.81
CA ALA D 277 10.34 -20.44 -11.74
C ALA D 277 10.31 -21.51 -10.66
N LYS D 278 11.47 -21.75 -10.05
CA LYS D 278 11.58 -22.70 -8.96
C LYS D 278 11.79 -21.90 -7.67
N VAL D 279 10.71 -21.77 -6.91
CA VAL D 279 10.69 -20.87 -5.74
C VAL D 279 10.84 -21.72 -4.49
N GLY D 280 12.06 -21.79 -3.99
CA GLY D 280 12.36 -22.56 -2.78
C GLY D 280 13.67 -22.06 -2.18
N PHE D 281 13.89 -22.42 -0.93
CA PHE D 281 15.11 -22.03 -0.24
C PHE D 281 16.34 -22.55 -0.97
N TRP D 282 17.36 -21.69 -1.02
CA TRP D 282 18.60 -21.93 -1.79
C TRP D 282 18.45 -21.90 -3.31
N MET D 283 17.25 -21.68 -3.84
CA MET D 283 17.02 -21.61 -5.30
C MET D 283 16.68 -20.20 -5.76
N ILE D 284 16.39 -19.31 -4.79
CA ILE D 284 16.01 -17.96 -5.08
C ILE D 284 16.36 -17.13 -3.83
N PRO D 285 16.62 -15.83 -3.99
CA PRO D 285 16.87 -15.05 -2.77
C PRO D 285 15.69 -14.95 -1.82
N PHE D 286 16.00 -14.76 -0.53
CA PHE D 286 14.99 -14.50 0.48
C PHE D 286 14.13 -13.32 0.05
N GLY D 287 12.82 -13.46 0.21
CA GLY D 287 11.91 -12.38 -0.05
C GLY D 287 11.62 -12.00 -1.50
N ALA D 288 12.20 -12.72 -2.46
CA ALA D 288 12.00 -12.40 -3.87
C ALA D 288 10.76 -13.13 -4.36
N SER D 289 9.70 -12.37 -4.58
CA SER D 289 8.41 -12.95 -4.94
C SER D 289 8.36 -13.21 -6.45
N VAL D 290 7.56 -14.18 -6.84
CA VAL D 290 7.41 -14.54 -8.24
C VAL D 290 5.92 -14.72 -8.55
N VAL D 291 5.50 -14.23 -9.71
CA VAL D 291 4.09 -14.34 -10.13
C VAL D 291 4.02 -14.46 -11.65
N THR D 292 2.94 -15.12 -12.13
CA THR D 292 2.51 -15.04 -13.53
C THR D 292 1.29 -14.13 -13.61
N PRO D 293 1.46 -12.88 -14.02
CA PRO D 293 0.29 -12.00 -14.09
C PRO D 293 -0.49 -12.30 -15.37
N TYR D 294 -1.74 -11.83 -15.44
CA TYR D 294 -2.58 -12.03 -16.60
C TYR D 294 -3.25 -10.72 -17.02
N TRP D 295 -2.93 -10.27 -18.22
CA TRP D 295 -3.59 -9.13 -18.88
C TRP D 295 -3.61 -7.91 -17.93
N GLY D 296 -4.74 -7.24 -17.72
CA GLY D 296 -4.77 -6.13 -16.77
C GLY D 296 -6.19 -5.70 -16.45
N THR D 297 -6.28 -4.65 -15.66
CA THR D 297 -7.53 -4.16 -15.10
C THR D 297 -8.13 -3.01 -15.90
N ARG D 298 -9.39 -2.73 -15.65
CA ARG D 298 -10.08 -1.63 -16.34
C ARG D 298 -9.41 -0.26 -16.11
N SER D 299 -9.10 0.03 -14.86
CA SER D 299 -8.50 1.32 -14.53
C SER D 299 -7.07 1.39 -15.07
N GLU D 300 -6.38 0.25 -15.12
CA GLU D 300 -5.05 0.20 -15.75
C GLU D 300 -5.11 0.53 -17.25
N LEU D 301 -6.10 0.02 -17.96
CA LEU D 301 -6.24 0.39 -19.38
C LEU D 301 -6.41 1.90 -19.54
N MET D 302 -7.24 2.51 -18.70
CA MET D 302 -7.41 3.96 -18.72
C MET D 302 -6.07 4.68 -18.50
N GLU D 303 -5.28 4.16 -17.56
CA GLU D 303 -3.97 4.74 -17.27
C GLU D 303 -3.00 4.58 -18.46
N VAL D 304 -3.07 3.43 -19.14
CA VAL D 304 -2.25 3.24 -20.35
C VAL D 304 -2.63 4.24 -21.44
N VAL D 305 -3.93 4.42 -21.65
CA VAL D 305 -4.41 5.41 -22.61
C VAL D 305 -3.92 6.82 -22.20
N ALA D 306 -3.95 7.12 -20.90
CA ALA D 306 -3.47 8.42 -20.42
C ALA D 306 -1.97 8.61 -20.70
N LEU D 307 -1.17 7.56 -20.54
CA LEU D 307 0.25 7.64 -20.89
C LEU D 307 0.44 7.95 -22.40
N ALA D 308 -0.33 7.25 -23.23
CA ALA D 308 -0.27 7.48 -24.68
C ALA D 308 -0.66 8.90 -25.04
N ARG D 309 -1.76 9.38 -24.45
CA ARG D 309 -2.22 10.73 -24.74
C ARG D 309 -1.23 11.80 -24.29
N ALA D 310 -0.47 11.52 -23.25
CA ALA D 310 0.55 12.44 -22.74
C ALA D 310 1.89 12.38 -23.50
N GLY D 311 1.99 11.53 -24.52
CA GLY D 311 3.20 11.42 -25.31
C GLY D 311 4.29 10.56 -24.67
N ARG D 312 3.94 9.74 -23.69
CA ARG D 312 4.94 8.93 -22.97
C ARG D 312 5.23 7.58 -23.58
N LEU D 313 4.43 7.18 -24.56
CA LEU D 313 4.58 5.89 -25.22
C LEU D 313 4.73 6.09 -26.74
N ASP D 314 5.91 5.72 -27.24
CA ASP D 314 6.21 5.71 -28.66
C ASP D 314 6.04 4.25 -29.06
N ILE D 315 4.89 3.93 -29.62
CA ILE D 315 4.57 2.56 -29.99
C ILE D 315 5.10 2.31 -31.40
N HIS D 316 6.03 1.35 -31.51
CA HIS D 316 6.63 0.99 -32.79
C HIS D 316 5.75 -0.02 -33.46
N THR D 317 5.27 0.30 -34.66
CA THR D 317 4.34 -0.55 -35.37
C THR D 317 4.74 -0.75 -36.84
N GLU D 318 4.16 -1.79 -37.42
CA GLU D 318 4.11 -1.97 -38.86
C GLU D 318 2.66 -2.27 -39.24
N THR D 319 2.18 -1.61 -40.28
CA THR D 319 0.77 -1.68 -40.69
C THR D 319 0.58 -2.73 -41.80
N PHE D 320 -0.52 -3.47 -41.67
CA PHE D 320 -0.93 -4.48 -42.65
C PHE D 320 -2.40 -4.28 -43.00
N THR D 321 -2.79 -4.71 -44.20
CA THR D 321 -4.20 -4.80 -44.57
C THR D 321 -4.80 -6.11 -44.03
N LEU D 322 -6.13 -6.25 -44.10
CA LEU D 322 -6.78 -7.53 -43.75
C LEU D 322 -6.28 -8.69 -44.61
N ASP D 323 -6.11 -8.43 -45.91
CA ASP D 323 -5.60 -9.43 -46.84
C ASP D 323 -4.18 -9.90 -46.47
N GLU D 324 -3.39 -9.00 -45.89
CA GLU D 324 -2.03 -9.31 -45.43
C GLU D 324 -1.96 -9.96 -44.05
N GLY D 325 -3.10 -10.18 -43.38
CA GLY D 325 -3.14 -10.72 -42.03
C GLY D 325 -2.35 -12.01 -41.86
N PRO D 326 -2.62 -13.01 -42.72
CA PRO D 326 -1.85 -14.26 -42.64
C PRO D 326 -0.34 -14.06 -42.85
N ALA D 327 0.03 -13.23 -43.82
CA ALA D 327 1.44 -12.89 -44.05
C ALA D 327 2.06 -12.21 -42.81
N ALA D 328 1.29 -11.34 -42.17
CA ALA D 328 1.75 -10.67 -40.95
C ALA D 328 2.03 -11.67 -39.81
N TYR D 329 1.19 -12.70 -39.68
CA TYR D 329 1.44 -13.75 -38.69
C TYR D 329 2.71 -14.55 -39.00
N ARG D 330 2.98 -14.82 -40.29
CA ARG D 330 4.28 -15.42 -40.69
C ARG D 330 5.45 -14.53 -40.29
N ARG D 331 5.32 -13.21 -40.49
CA ARG D 331 6.35 -12.24 -40.08
C ARG D 331 6.59 -12.29 -38.57
N LEU D 332 5.49 -12.34 -37.80
CA LEU D 332 5.61 -12.41 -36.35
C LEU D 332 6.30 -13.71 -35.92
N ARG D 333 5.92 -14.83 -36.56
CA ARG D 333 6.58 -16.13 -36.29
C ARG D 333 8.09 -16.10 -36.52
N GLU D 334 8.52 -15.50 -37.62
CA GLU D 334 9.95 -15.45 -37.92
C GLU D 334 10.69 -14.33 -37.16
N GLY D 335 9.96 -13.48 -36.44
CA GLY D 335 10.57 -12.43 -35.61
C GLY D 335 11.03 -11.20 -36.38
N SER D 336 10.34 -10.87 -37.46
CA SER D 336 10.74 -9.77 -38.35
C SER D 336 9.83 -8.53 -38.26
N ILE D 337 8.97 -8.45 -37.26
CA ILE D 337 8.18 -7.22 -37.00
C ILE D 337 8.88 -6.47 -35.87
N ARG D 338 9.37 -5.28 -36.17
CA ARG D 338 10.11 -4.47 -35.18
C ARG D 338 9.10 -3.71 -34.30
N GLY D 339 8.60 -4.38 -33.27
CA GLY D 339 7.55 -3.83 -32.42
C GLY D 339 6.27 -4.63 -32.60
N ARG D 340 5.17 -3.93 -32.89
CA ARG D 340 3.85 -4.55 -33.02
C ARG D 340 3.32 -4.51 -34.44
N GLY D 341 2.85 -5.65 -34.91
CA GLY D 341 2.08 -5.69 -36.15
C GLY D 341 0.66 -5.23 -35.90
N VAL D 342 0.14 -4.39 -36.79
CA VAL D 342 -1.21 -3.86 -36.65
C VAL D 342 -1.94 -3.90 -37.99
N VAL D 343 -3.11 -4.55 -37.99
CA VAL D 343 -3.95 -4.61 -39.18
C VAL D 343 -4.90 -3.42 -39.17
N VAL D 344 -4.96 -2.70 -40.28
CA VAL D 344 -5.89 -1.58 -40.46
C VAL D 344 -6.93 -1.96 -41.51
N PRO D 345 -8.21 -2.09 -41.11
CA PRO D 345 -9.30 -2.16 -42.12
C PRO D 345 -9.84 -0.79 -42.47
ZN ZN E . 22.08 -3.64 6.02
ZN ZN F . 14.13 -20.46 14.04
PA NAD G . 8.04 -27.74 14.64
O1A NAD G . 8.91 -28.99 14.60
O2A NAD G . 7.70 -27.07 15.93
O5B NAD G . 6.65 -28.12 13.96
C5B NAD G . 6.47 -28.97 12.86
C4B NAD G . 4.96 -29.13 12.62
O4B NAD G . 4.77 -29.41 11.24
C3B NAD G . 4.32 -30.25 13.45
O3B NAD G . 3.05 -29.86 14.01
C2B NAD G . 4.23 -31.38 12.42
O2B NAD G . 3.28 -32.41 12.72
C1B NAD G . 3.92 -30.56 11.18
N9A NAD G . 4.15 -31.25 9.91
C8A NAD G . 5.26 -31.99 9.59
N7A NAD G . 5.12 -32.48 8.35
C5A NAD G . 3.91 -32.10 7.89
C6A NAD G . 3.14 -32.28 6.64
N6A NAD G . 3.62 -33.01 5.63
N1A NAD G . 1.92 -31.72 6.53
C2A NAD G . 1.43 -30.98 7.54
N3A NAD G . 2.04 -30.76 8.71
C4A NAD G . 3.27 -31.29 8.92
O3 NAD G . 8.70 -26.74 13.59
PN NAD G . 8.90 -25.16 13.75
O1N NAD G . 9.97 -24.89 14.75
O2N NAD G . 7.53 -24.48 13.88
O5D NAD G . 9.47 -24.81 12.31
C5D NAD G . 8.69 -24.99 11.12
C4D NAD G . 9.52 -24.75 9.86
O4D NAD G . 9.73 -23.34 9.68
C3D NAD G . 10.88 -25.42 9.84
O3D NAD G . 11.19 -25.88 8.52
C2D NAD G . 11.82 -24.28 10.17
O2D NAD G . 13.17 -24.52 9.75
C1D NAD G . 11.12 -23.14 9.44
N1N NAD G . 11.50 -21.77 9.82
C2N NAD G . 11.66 -20.89 8.82
C3N NAD G . 12.03 -19.58 9.07
C7N NAD G . 12.17 -18.58 7.95
O7N NAD G . 12.65 -17.48 8.18
N7N NAD G . 11.65 -18.82 6.73
C4N NAD G . 12.22 -19.16 10.40
C5N NAD G . 11.99 -20.08 11.42
C6N NAD G . 11.62 -21.38 11.12
ZN ZN H . -18.09 7.62 -12.35
ZN ZN I . -26.86 7.67 5.85
PA NAD J . -27.20 8.52 15.30
O1A NAD J . -28.21 9.61 15.53
O2A NAD J . -27.61 7.08 15.18
O5B NAD J . -26.14 8.56 16.48
C5B NAD J . -25.62 9.74 17.06
C4B NAD J . -24.80 9.31 18.26
O4B NAD J . -23.86 10.35 18.48
C3B NAD J . -25.56 9.09 19.56
O3B NAD J . -25.06 7.94 20.21
C2B NAD J . -25.24 10.34 20.37
O2B NAD J . -25.30 10.24 21.80
C1B NAD J . -23.83 10.65 19.87
N9A NAD J . -23.36 12.04 20.06
C8A NAD J . -24.01 13.18 19.71
N7A NAD J . -23.26 14.25 20.03
C5A NAD J . -22.12 13.78 20.57
C6A NAD J . -20.92 14.38 21.12
N6A NAD J . -20.80 15.73 21.13
N1A NAD J . -19.93 13.57 21.59
C2A NAD J . -20.07 12.25 21.57
N3A NAD J . -21.15 11.61 21.11
C4A NAD J . -22.20 12.34 20.62
O3 NAD J . -26.33 9.02 14.04
PN NAD J . -25.85 8.13 12.80
O1N NAD J . -27.03 7.78 11.95
O2N NAD J . -24.93 7.03 13.31
O5D NAD J . -24.99 9.22 11.99
C5D NAD J . -23.83 9.81 12.59
C4D NAD J . -23.27 10.90 11.70
O4D NAD J . -22.70 10.27 10.53
C3D NAD J . -24.32 11.91 11.21
O3D NAD J . -23.77 13.25 11.24
C2D NAD J . -24.58 11.47 9.78
O2D NAD J . -25.15 12.49 8.94
C1D NAD J . -23.17 11.01 9.40
N1N NAD J . -23.03 10.14 8.22
C2N NAD J . -22.06 10.44 7.36
C3N NAD J . -21.82 9.69 6.21
C7N NAD J . -20.68 10.02 5.29
O7N NAD J . -20.63 9.53 4.17
N7N NAD J . -19.63 10.74 5.73
C4N NAD J . -22.66 8.58 5.94
C5N NAD J . -23.65 8.27 6.89
C6N NAD J . -23.83 9.05 8.02
ZN ZN K . 12.21 7.42 18.17
ZN ZN L . 14.60 23.66 6.28
PA NAD M . 12.09 30.00 -0.47
O1A NAD M . 12.19 31.31 0.25
O2A NAD M . 13.34 29.44 -1.08
O5B NAD M . 10.94 30.09 -1.58
C5B NAD M . 9.71 30.78 -1.43
C4B NAD M . 9.00 30.69 -2.78
O4B NAD M . 7.60 30.80 -2.52
C3B NAD M . 9.41 31.79 -3.75
O3B NAD M . 9.62 31.28 -5.09
C2B NAD M . 8.25 32.78 -3.62
O2B NAD M . 8.06 33.68 -4.72
C1B NAD M . 7.08 31.83 -3.38
N9A NAD M . 5.86 32.45 -2.79
C8A NAD M . 5.77 33.28 -1.73
N7A NAD M . 4.46 33.63 -1.52
C5A NAD M . 3.73 32.95 -2.46
C6A NAD M . 2.30 32.85 -2.81
N6A NAD M . 1.41 33.56 -2.09
N1A NAD M . 1.93 32.10 -3.86
C2A NAD M . 2.84 31.40 -4.57
N3A NAD M . 4.17 31.49 -4.33
C4A NAD M . 4.66 32.23 -3.30
O3 NAD M . 11.48 29.01 0.64
PN NAD M . 11.95 27.49 0.93
O1N NAD M . 13.26 27.47 1.70
O2N NAD M . 11.72 26.61 -0.27
O5D NAD M . 10.84 27.09 2.00
C5D NAD M . 9.45 27.07 1.61
C4D NAD M . 8.59 26.76 2.84
O4D NAD M . 8.79 25.39 3.26
C3D NAD M . 8.94 27.63 4.03
O3D NAD M . 7.72 28.03 4.70
C2D NAD M . 9.74 26.66 4.91
O2D NAD M . 9.75 27.08 6.28
C1D NAD M . 9.00 25.37 4.68
N1N NAD M . 9.67 24.11 5.07
C2N NAD M . 8.92 23.15 5.63
C3N NAD M . 9.45 21.93 6.03
C7N NAD M . 8.59 20.87 6.64
O7N NAD M . 9.13 19.88 7.16
N7N NAD M . 7.24 20.94 6.54
C4N NAD M . 10.84 21.73 5.84
C5N NAD M . 11.58 22.69 5.19
C6N NAD M . 10.97 23.90 4.84
ZN ZN N . -16.22 -11.43 -12.03
ZN ZN O . -1.93 -10.87 -26.41
PA NAD P . 7.06 -10.69 -29.85
O1A NAD P . 7.12 -11.87 -30.80
O2A NAD P . 6.61 -9.32 -30.34
O5B NAD P . 8.55 -10.49 -29.25
C5B NAD P . 9.38 -11.50 -28.72
C4B NAD P . 10.73 -10.86 -28.38
O4B NAD P . 11.41 -11.75 -27.49
C3B NAD P . 11.65 -10.63 -29.58
O3B NAD P . 12.23 -9.30 -29.53
C2B NAD P . 12.70 -11.70 -29.45
O2B NAD P . 13.97 -11.44 -30.06
C1B NAD P . 12.75 -11.86 -27.93
N9A NAD P . 13.26 -13.15 -27.43
C8A NAD P . 12.90 -14.40 -27.80
N7A NAD P . 13.60 -15.33 -27.12
C5A NAD P . 14.40 -14.66 -26.25
C6A NAD P . 15.38 -15.02 -25.24
N6A NAD P . 15.67 -16.28 -24.97
N1A NAD P . 15.98 -14.00 -24.58
C2A NAD P . 15.70 -12.72 -24.83
N3A NAD P . 14.84 -12.30 -25.77
C4A NAD P . 14.18 -13.23 -26.49
O3 NAD P . 6.22 -11.18 -28.60
PN NAD P . 5.07 -10.37 -27.81
O1N NAD P . 3.79 -10.28 -28.63
O2N NAD P . 5.73 -9.15 -27.25
O5D NAD P . 4.71 -11.40 -26.62
C5D NAD P . 5.68 -11.65 -25.57
C4D NAD P . 5.21 -12.82 -24.69
O4D NAD P . 4.20 -12.28 -23.83
C3D NAD P . 4.57 -13.98 -25.43
O3D NAD P . 4.87 -15.26 -24.86
C2D NAD P . 3.09 -13.70 -25.26
O2D NAD P . 2.37 -14.92 -25.45
C1D NAD P . 3.08 -13.13 -23.85
N1N NAD P . 1.86 -12.43 -23.39
C2N NAD P . 1.43 -12.68 -22.15
C3N NAD P . 0.30 -12.08 -21.65
C7N NAD P . -0.15 -12.31 -20.25
O7N NAD P . -1.28 -11.94 -19.91
N7N NAD P . 0.70 -12.83 -19.36
C4N NAD P . -0.41 -11.19 -22.49
C5N NAD P . 0.07 -10.92 -23.75
C6N NAD P . 1.22 -11.55 -24.19
#